data_7YXW
# 
_entry.id   7YXW 
# 
_audit_conform.dict_name       mmcif_pdbx.dic 
_audit_conform.dict_version    5.384 
_audit_conform.dict_location   http://mmcif.pdb.org/dictionaries/ascii/mmcif_pdbx.dic 
# 
loop_
_database_2.database_id 
_database_2.database_code 
_database_2.pdbx_database_accession 
_database_2.pdbx_DOI 
PDB   7YXW         pdb_00007yxw 10.2210/pdb7yxw/pdb 
WWPDB D_1292120857 ?            ?                   
# 
loop_
_pdbx_audit_revision_history.ordinal 
_pdbx_audit_revision_history.data_content_type 
_pdbx_audit_revision_history.major_revision 
_pdbx_audit_revision_history.minor_revision 
_pdbx_audit_revision_history.revision_date 
1 'Structure model' 1 0 2022-03-30 
2 'Structure model' 1 1 2022-06-22 
3 'Structure model' 1 2 2024-01-31 
# 
_pdbx_audit_revision_details.ordinal             1 
_pdbx_audit_revision_details.revision_ordinal    1 
_pdbx_audit_revision_details.data_content_type   'Structure model' 
_pdbx_audit_revision_details.provider            repository 
_pdbx_audit_revision_details.type                'Initial release' 
_pdbx_audit_revision_details.description         ? 
_pdbx_audit_revision_details.details             ? 
# 
loop_
_pdbx_audit_revision_group.ordinal 
_pdbx_audit_revision_group.revision_ordinal 
_pdbx_audit_revision_group.data_content_type 
_pdbx_audit_revision_group.group 
1 2 'Structure model' 'Database references'    
2 3 'Structure model' 'Data collection'        
3 3 'Structure model' 'Refinement description' 
# 
loop_
_pdbx_audit_revision_category.ordinal 
_pdbx_audit_revision_category.revision_ordinal 
_pdbx_audit_revision_category.data_content_type 
_pdbx_audit_revision_category.category 
1 2 'Structure model' citation                      
2 2 'Structure model' citation_author               
3 3 'Structure model' chem_comp_atom                
4 3 'Structure model' chem_comp_bond                
5 3 'Structure model' pdbx_initial_refinement_model 
# 
loop_
_pdbx_audit_revision_item.ordinal 
_pdbx_audit_revision_item.revision_ordinal 
_pdbx_audit_revision_item.data_content_type 
_pdbx_audit_revision_item.item 
1  2 'Structure model' '_citation.country'              
2  2 'Structure model' '_citation.journal_abbrev'       
3  2 'Structure model' '_citation.journal_id_CSD'       
4  2 'Structure model' '_citation.journal_id_ISSN'      
5  2 'Structure model' '_citation.journal_volume'       
6  2 'Structure model' '_citation.page_first'           
7  2 'Structure model' '_citation.page_last'            
8  2 'Structure model' '_citation.pdbx_database_id_DOI' 
9  2 'Structure model' '_citation.title'                
10 2 'Structure model' '_citation.year'                 
# 
_pdbx_database_status.status_code                     REL 
_pdbx_database_status.status_code_sf                  REL 
_pdbx_database_status.status_code_mr                  ? 
_pdbx_database_status.entry_id                        7YXW 
_pdbx_database_status.recvd_initial_deposition_date   2022-02-16 
_pdbx_database_status.SG_entry                        N 
_pdbx_database_status.deposit_site                    PDBE 
_pdbx_database_status.process_site                    PDBE 
_pdbx_database_status.status_code_cs                  ? 
_pdbx_database_status.status_code_nmr_data            ? 
_pdbx_database_status.methods_development_category    ? 
_pdbx_database_status.pdb_format_compatible           Y 
# 
_pdbx_contact_author.id                 3 
_pdbx_contact_author.email              laurent-michel.vuillard@servier.com 
_pdbx_contact_author.name_first         Laurent 
_pdbx_contact_author.name_last          Vuillard 
_pdbx_contact_author.name_mi            M. 
_pdbx_contact_author.role               'principal investigator/group leader' 
_pdbx_contact_author.identifier_ORCID   0000-0002-1016-1567 
# 
loop_
_audit_author.name 
_audit_author.pdbx_ordinal 
_audit_author.identifier_ORCID 
'Cukier, C.D.'   1 0000-0002-3598-8368 
'Vuillard, L.M.' 2 0000-0002-1016-1567 
'Komjati, B.'    3 0000-0001-5283-0178 
'Szlavik, Z.'    4 0000-0002-9385-806X 
# 
_citation.abstract                  ? 
_citation.abstract_id_CAS           ? 
_citation.book_id_ISBN              ? 
_citation.book_publisher            ? 
_citation.book_publisher_city       ? 
_citation.book_title                ? 
_citation.coordinate_linkage        ? 
_citation.country                   US 
_citation.database_id_Medline       ? 
_citation.details                   ? 
_citation.id                        primary 
_citation.journal_abbrev            'Acs Med.Chem.Lett.' 
_citation.journal_id_ASTM           ? 
_citation.journal_id_CSD            ? 
_citation.journal_id_ISSN           1948-5875 
_citation.journal_full              ? 
_citation.journal_issue             ? 
_citation.journal_volume            13 
_citation.language                  ? 
_citation.page_first                949 
_citation.page_last                 954 
_citation.title                     'Targeting NOX2 via p47/phox-p22/phox Inhibition with Novel Triproline Mimetics' 
_citation.year                      2022 
_citation.database_id_CSD           ? 
_citation.pdbx_database_id_DOI      10.1021/acsmedchemlett.2c00094 
_citation.pdbx_database_id_PubMed   ? 
_citation.pdbx_database_id_patent   ? 
_citation.unpublished_flag          ? 
# 
loop_
_citation_author.citation_id 
_citation_author.name 
_citation_author.ordinal 
_citation_author.identifier_ORCID 
primary 'Garsi, J.B.'    1  ? 
primary 'Komjati, B.'    2  ? 
primary 'Cullia, G.'     3  ? 
primary 'Fejes, I.'      4  ? 
primary 'Sipos, M.'      5  ? 
primary 'Sipos, Z.'      6  ? 
primary 'Fordos, E.'     7  ? 
primary 'Markacz, P.'    8  ? 
primary 'Balazs, B.'     9  ? 
primary 'Lancelot, N.'   10 ? 
primary 'Berger, S.'     11 ? 
primary 'Raimbaud, E.'   12 ? 
primary 'Brown, D.'      13 ? 
primary 'Vuillard, L.M.' 14 ? 
primary 'Haberkorn, L.'  15 ? 
primary 'Cukier, C.'     16 ? 
primary 'Szlavik, Z.'    17 ? 
primary 'Hanessian, S.'  18 ? 
# 
loop_
_entity.id 
_entity.type 
_entity.src_method 
_entity.pdbx_description 
_entity.formula_weight 
_entity.pdbx_number_of_molecules 
_entity.pdbx_ec 
_entity.pdbx_mutation 
_entity.pdbx_fragment 
_entity.details 
1 polymer syn 'Cytochrome b-245 light chain' 1927.208  1 ? ?     ? ? 
2 polymer man 'Neutrophil cytosol factor 1'  14654.306 1 ? A200G ? ? 
# 
loop_
_entity_name_com.entity_id 
_entity_name_com.name 
1 
;Cytochrome b(558) alpha chain,Cytochrome b558 subunit alpha,Neutrophil cytochrome b 22 kDa polypeptide,Superoxide-generating NADPH oxidase light chain subunit,p22 phagocyte B-cytochrome,p22-phox,p22phox
;
2 
;NCF-1,47 kDa autosomal chronic granulomatous disease protein,47 kDa neutrophil oxidase factor,NCF-47K,Neutrophil NADPH oxidase factor 1,Nox organizer 2,Nox-organizing protein 2,SH3 and PX domain-containing protein 1A,p47-phox
;
# 
loop_
_entity_poly.entity_id 
_entity_poly.type 
_entity_poly.nstd_linkage 
_entity_poly.nstd_monomer 
_entity_poly.pdbx_seq_one_letter_code 
_entity_poly.pdbx_seq_one_letter_code_can 
_entity_poly.pdbx_strand_id 
_entity_poly.pdbx_target_identifier 
1 'polypeptide(L)' no no PPSNPPPRPPAEARKKPS PPSNPPPRPPAEARKKPS D ? 
2 'polypeptide(L)' no no 
;GIILQTYRAIADYEKTSGSEMALSTGDVVEVVEKSESGWWFCQMKGKRGWIPASFLEPLDSPDETEDPEPNYAGEPYVAI
KAYTAVEGDEVSLLEGEAVEVIHKLLDGWWVIRKDDVTGYFPSMYLQKSGQ
;
;GIILQTYRAIADYEKTSGSEMALSTGDVVEVVEKSESGWWFCQMKGKRGWIPASFLEPLDSPDETEDPEPNYAGEPYVAI
KAYTAVEGDEVSLLEGEAVEVIHKLLDGWWVIRKDDVTGYFPSMYLQKSGQ
;
A ? 
# 
loop_
_entity_poly_seq.entity_id 
_entity_poly_seq.num 
_entity_poly_seq.mon_id 
_entity_poly_seq.hetero 
1 1   PRO n 
1 2   PRO n 
1 3   SER n 
1 4   ASN n 
1 5   PRO n 
1 6   PRO n 
1 7   PRO n 
1 8   ARG n 
1 9   PRO n 
1 10  PRO n 
1 11  ALA n 
1 12  GLU n 
1 13  ALA n 
1 14  ARG n 
1 15  LYS n 
1 16  LYS n 
1 17  PRO n 
1 18  SER n 
2 1   GLY n 
2 2   ILE n 
2 3   ILE n 
2 4   LEU n 
2 5   GLN n 
2 6   THR n 
2 7   TYR n 
2 8   ARG n 
2 9   ALA n 
2 10  ILE n 
2 11  ALA n 
2 12  ASP n 
2 13  TYR n 
2 14  GLU n 
2 15  LYS n 
2 16  THR n 
2 17  SER n 
2 18  GLY n 
2 19  SER n 
2 20  GLU n 
2 21  MET n 
2 22  ALA n 
2 23  LEU n 
2 24  SER n 
2 25  THR n 
2 26  GLY n 
2 27  ASP n 
2 28  VAL n 
2 29  VAL n 
2 30  GLU n 
2 31  VAL n 
2 32  VAL n 
2 33  GLU n 
2 34  LYS n 
2 35  SER n 
2 36  GLU n 
2 37  SER n 
2 38  GLY n 
2 39  TRP n 
2 40  TRP n 
2 41  PHE n 
2 42  CYS n 
2 43  GLN n 
2 44  MET n 
2 45  LYS n 
2 46  GLY n 
2 47  LYS n 
2 48  ARG n 
2 49  GLY n 
2 50  TRP n 
2 51  ILE n 
2 52  PRO n 
2 53  ALA n 
2 54  SER n 
2 55  PHE n 
2 56  LEU n 
2 57  GLU n 
2 58  PRO n 
2 59  LEU n 
2 60  ASP n 
2 61  SER n 
2 62  PRO n 
2 63  ASP n 
2 64  GLU n 
2 65  THR n 
2 66  GLU n 
2 67  ASP n 
2 68  PRO n 
2 69  GLU n 
2 70  PRO n 
2 71  ASN n 
2 72  TYR n 
2 73  ALA n 
2 74  GLY n 
2 75  GLU n 
2 76  PRO n 
2 77  TYR n 
2 78  VAL n 
2 79  ALA n 
2 80  ILE n 
2 81  LYS n 
2 82  ALA n 
2 83  TYR n 
2 84  THR n 
2 85  ALA n 
2 86  VAL n 
2 87  GLU n 
2 88  GLY n 
2 89  ASP n 
2 90  GLU n 
2 91  VAL n 
2 92  SER n 
2 93  LEU n 
2 94  LEU n 
2 95  GLU n 
2 96  GLY n 
2 97  GLU n 
2 98  ALA n 
2 99  VAL n 
2 100 GLU n 
2 101 VAL n 
2 102 ILE n 
2 103 HIS n 
2 104 LYS n 
2 105 LEU n 
2 106 LEU n 
2 107 ASP n 
2 108 GLY n 
2 109 TRP n 
2 110 TRP n 
2 111 VAL n 
2 112 ILE n 
2 113 ARG n 
2 114 LYS n 
2 115 ASP n 
2 116 ASP n 
2 117 VAL n 
2 118 THR n 
2 119 GLY n 
2 120 TYR n 
2 121 PHE n 
2 122 PRO n 
2 123 SER n 
2 124 MET n 
2 125 TYR n 
2 126 LEU n 
2 127 GLN n 
2 128 LYS n 
2 129 SER n 
2 130 GLY n 
2 131 GLN n 
# 
_entity_src_gen.entity_id                          2 
_entity_src_gen.pdbx_src_id                        1 
_entity_src_gen.pdbx_alt_source_flag               sample 
_entity_src_gen.pdbx_seq_type                      'Biological sequence' 
_entity_src_gen.pdbx_beg_seq_num                   1 
_entity_src_gen.pdbx_end_seq_num                   131 
_entity_src_gen.gene_src_common_name               human 
_entity_src_gen.gene_src_genus                     ? 
_entity_src_gen.pdbx_gene_src_gene                 'NCF1, NOXO2, SH3PXD1A' 
_entity_src_gen.gene_src_species                   ? 
_entity_src_gen.gene_src_strain                    ? 
_entity_src_gen.gene_src_tissue                    ? 
_entity_src_gen.gene_src_tissue_fraction           ? 
_entity_src_gen.gene_src_details                   ? 
_entity_src_gen.pdbx_gene_src_fragment             ? 
_entity_src_gen.pdbx_gene_src_scientific_name      'Homo sapiens' 
_entity_src_gen.pdbx_gene_src_ncbi_taxonomy_id     9606 
_entity_src_gen.pdbx_gene_src_variant              ? 
_entity_src_gen.pdbx_gene_src_cell_line            ? 
_entity_src_gen.pdbx_gene_src_atcc                 ? 
_entity_src_gen.pdbx_gene_src_organ                ? 
_entity_src_gen.pdbx_gene_src_organelle            ? 
_entity_src_gen.pdbx_gene_src_cell                 ? 
_entity_src_gen.pdbx_gene_src_cellular_location    ? 
_entity_src_gen.host_org_common_name               ? 
_entity_src_gen.pdbx_host_org_scientific_name      'Escherichia coli' 
_entity_src_gen.pdbx_host_org_ncbi_taxonomy_id     562 
_entity_src_gen.host_org_genus                     ? 
_entity_src_gen.pdbx_host_org_gene                 ? 
_entity_src_gen.pdbx_host_org_organ                ? 
_entity_src_gen.host_org_species                   ? 
_entity_src_gen.pdbx_host_org_tissue               ? 
_entity_src_gen.pdbx_host_org_tissue_fraction      ? 
_entity_src_gen.pdbx_host_org_strain               ? 
_entity_src_gen.pdbx_host_org_variant              ? 
_entity_src_gen.pdbx_host_org_cell_line            ? 
_entity_src_gen.pdbx_host_org_atcc                 ? 
_entity_src_gen.pdbx_host_org_culture_collection   ? 
_entity_src_gen.pdbx_host_org_cell                 ? 
_entity_src_gen.pdbx_host_org_organelle            ? 
_entity_src_gen.pdbx_host_org_cellular_location    ? 
_entity_src_gen.pdbx_host_org_vector_type          ? 
_entity_src_gen.pdbx_host_org_vector               ? 
_entity_src_gen.host_org_details                   ? 
_entity_src_gen.expression_system_id               ? 
_entity_src_gen.plasmid_name                       ? 
_entity_src_gen.plasmid_details                    ? 
_entity_src_gen.pdbx_description                   ? 
# 
_pdbx_entity_src_syn.entity_id              1 
_pdbx_entity_src_syn.pdbx_src_id            1 
_pdbx_entity_src_syn.pdbx_alt_source_flag   sample 
_pdbx_entity_src_syn.pdbx_beg_seq_num       1 
_pdbx_entity_src_syn.pdbx_end_seq_num       18 
_pdbx_entity_src_syn.organism_scientific    'Homo sapiens' 
_pdbx_entity_src_syn.organism_common_name   human 
_pdbx_entity_src_syn.ncbi_taxonomy_id       9606 
_pdbx_entity_src_syn.details                ? 
# 
loop_
_chem_comp.id 
_chem_comp.type 
_chem_comp.mon_nstd_flag 
_chem_comp.name 
_chem_comp.pdbx_synonyms 
_chem_comp.formula 
_chem_comp.formula_weight 
ALA 'L-peptide linking' y ALANINE         ? 'C3 H7 N O2'     89.093  
ARG 'L-peptide linking' y ARGININE        ? 'C6 H15 N4 O2 1' 175.209 
ASN 'L-peptide linking' y ASPARAGINE      ? 'C4 H8 N2 O3'    132.118 
ASP 'L-peptide linking' y 'ASPARTIC ACID' ? 'C4 H7 N O4'     133.103 
CYS 'L-peptide linking' y CYSTEINE        ? 'C3 H7 N O2 S'   121.158 
GLN 'L-peptide linking' y GLUTAMINE       ? 'C5 H10 N2 O3'   146.144 
GLU 'L-peptide linking' y 'GLUTAMIC ACID' ? 'C5 H9 N O4'     147.129 
GLY 'peptide linking'   y GLYCINE         ? 'C2 H5 N O2'     75.067  
HIS 'L-peptide linking' y HISTIDINE       ? 'C6 H10 N3 O2 1' 156.162 
ILE 'L-peptide linking' y ISOLEUCINE      ? 'C6 H13 N O2'    131.173 
LEU 'L-peptide linking' y LEUCINE         ? 'C6 H13 N O2'    131.173 
LYS 'L-peptide linking' y LYSINE          ? 'C6 H15 N2 O2 1' 147.195 
MET 'L-peptide linking' y METHIONINE      ? 'C5 H11 N O2 S'  149.211 
PHE 'L-peptide linking' y PHENYLALANINE   ? 'C9 H11 N O2'    165.189 
PRO 'L-peptide linking' y PROLINE         ? 'C5 H9 N O2'     115.130 
SER 'L-peptide linking' y SERINE          ? 'C3 H7 N O3'     105.093 
THR 'L-peptide linking' y THREONINE       ? 'C4 H9 N O3'     119.119 
TRP 'L-peptide linking' y TRYPTOPHAN      ? 'C11 H12 N2 O2'  204.225 
TYR 'L-peptide linking' y TYROSINE        ? 'C9 H11 N O3'    181.189 
VAL 'L-peptide linking' y VALINE          ? 'C5 H11 N O2'    117.146 
# 
loop_
_pdbx_poly_seq_scheme.asym_id 
_pdbx_poly_seq_scheme.entity_id 
_pdbx_poly_seq_scheme.seq_id 
_pdbx_poly_seq_scheme.mon_id 
_pdbx_poly_seq_scheme.ndb_seq_num 
_pdbx_poly_seq_scheme.pdb_seq_num 
_pdbx_poly_seq_scheme.auth_seq_num 
_pdbx_poly_seq_scheme.pdb_mon_id 
_pdbx_poly_seq_scheme.auth_mon_id 
_pdbx_poly_seq_scheme.pdb_strand_id 
_pdbx_poly_seq_scheme.pdb_ins_code 
_pdbx_poly_seq_scheme.hetero 
A 1 1   PRO 1   1   1   PRO PRO D . n 
A 1 2   PRO 2   2   2   PRO PRO D . n 
A 1 3   SER 3   3   3   SER SER D . n 
A 1 4   ASN 4   4   4   ASN ASN D . n 
A 1 5   PRO 5   5   5   PRO PRO D . n 
A 1 6   PRO 6   6   6   PRO PRO D . n 
A 1 7   PRO 7   7   7   PRO PRO D . n 
A 1 8   ARG 8   8   8   ARG ARG D . n 
A 1 9   PRO 9   9   9   PRO PRO D . n 
A 1 10  PRO 10  10  10  PRO PRO D . n 
A 1 11  ALA 11  11  11  ALA ALA D . n 
A 1 12  GLU 12  12  ?   ?   ?   D . n 
A 1 13  ALA 13  13  ?   ?   ?   D . n 
A 1 14  ARG 14  14  ?   ?   ?   D . n 
A 1 15  LYS 15  15  ?   ?   ?   D . n 
A 1 16  LYS 16  16  ?   ?   ?   D . n 
A 1 17  PRO 17  17  ?   ?   ?   D . n 
A 1 18  SER 18  18  ?   ?   ?   D . n 
B 2 1   GLY 1   155 ?   ?   ?   A . n 
B 2 2   ILE 2   156 156 ILE ILE A . n 
B 2 3   ILE 3   157 157 ILE ILE A . n 
B 2 4   LEU 4   158 158 LEU LEU A . n 
B 2 5   GLN 5   159 159 GLN GLN A . n 
B 2 6   THR 6   160 160 THR THR A . n 
B 2 7   TYR 7   161 161 TYR TYR A . n 
B 2 8   ARG 8   162 162 ARG ARG A . n 
B 2 9   ALA 9   163 163 ALA ALA A . n 
B 2 10  ILE 10  164 164 ILE ILE A . n 
B 2 11  ALA 11  165 165 ALA ALA A . n 
B 2 12  ASP 12  166 166 ASP ASP A . n 
B 2 13  TYR 13  167 167 TYR TYR A . n 
B 2 14  GLU 14  168 168 GLU GLU A . n 
B 2 15  LYS 15  169 169 LYS LYS A . n 
B 2 16  THR 16  170 170 THR THR A . n 
B 2 17  SER 17  171 171 SER SER A . n 
B 2 18  GLY 18  172 172 GLY GLY A . n 
B 2 19  SER 19  173 173 SER SER A . n 
B 2 20  GLU 20  174 174 GLU GLU A . n 
B 2 21  MET 21  175 175 MET MET A . n 
B 2 22  ALA 22  176 176 ALA ALA A . n 
B 2 23  LEU 23  177 177 LEU LEU A . n 
B 2 24  SER 24  178 178 SER SER A . n 
B 2 25  THR 25  179 179 THR THR A . n 
B 2 26  GLY 26  180 180 GLY GLY A . n 
B 2 27  ASP 27  181 181 ASP ASP A . n 
B 2 28  VAL 28  182 182 VAL VAL A . n 
B 2 29  VAL 29  183 183 VAL VAL A . n 
B 2 30  GLU 30  184 184 GLU GLU A . n 
B 2 31  VAL 31  185 185 VAL VAL A . n 
B 2 32  VAL 32  186 186 VAL VAL A . n 
B 2 33  GLU 33  187 187 GLU GLU A . n 
B 2 34  LYS 34  188 188 LYS LYS A . n 
B 2 35  SER 35  189 189 SER SER A . n 
B 2 36  GLU 36  190 190 GLU GLU A . n 
B 2 37  SER 37  191 191 SER SER A . n 
B 2 38  GLY 38  192 192 GLY GLY A . n 
B 2 39  TRP 39  193 193 TRP TRP A . n 
B 2 40  TRP 40  194 194 TRP TRP A . n 
B 2 41  PHE 41  195 195 PHE PHE A . n 
B 2 42  CYS 42  196 196 CYS CYS A . n 
B 2 43  GLN 43  197 197 GLN GLN A . n 
B 2 44  MET 44  198 198 MET MET A . n 
B 2 45  LYS 45  199 199 LYS LYS A . n 
B 2 46  GLY 46  200 200 GLY GLY A . n 
B 2 47  LYS 47  201 201 LYS LYS A . n 
B 2 48  ARG 48  202 202 ARG ARG A . n 
B 2 49  GLY 49  203 203 GLY GLY A . n 
B 2 50  TRP 50  204 204 TRP TRP A . n 
B 2 51  ILE 51  205 205 ILE ILE A . n 
B 2 52  PRO 52  206 206 PRO PRO A . n 
B 2 53  ALA 53  207 207 ALA ALA A . n 
B 2 54  SER 54  208 208 SER SER A . n 
B 2 55  PHE 55  209 209 PHE PHE A . n 
B 2 56  LEU 56  210 210 LEU LEU A . n 
B 2 57  GLU 57  211 211 GLU GLU A . n 
B 2 58  PRO 58  212 212 PRO PRO A . n 
B 2 59  LEU 59  213 213 LEU LEU A . n 
B 2 60  ASP 60  214 214 ASP ASP A . n 
B 2 61  SER 61  215 215 SER SER A . n 
B 2 62  PRO 62  216 216 PRO PRO A . n 
B 2 63  ASP 63  217 217 ASP ASP A . n 
B 2 64  GLU 64  218 218 GLU GLU A . n 
B 2 65  THR 65  219 219 THR THR A . n 
B 2 66  GLU 66  220 220 GLU GLU A . n 
B 2 67  ASP 67  221 221 ASP ASP A . n 
B 2 68  PRO 68  222 222 PRO PRO A . n 
B 2 69  GLU 69  223 223 GLU GLU A . n 
B 2 70  PRO 70  224 224 PRO PRO A . n 
B 2 71  ASN 71  225 225 ASN ASN A . n 
B 2 72  TYR 72  226 226 TYR TYR A . n 
B 2 73  ALA 73  227 227 ALA ALA A . n 
B 2 74  GLY 74  228 228 GLY GLY A . n 
B 2 75  GLU 75  229 229 GLU GLU A . n 
B 2 76  PRO 76  230 230 PRO PRO A . n 
B 2 77  TYR 77  231 231 TYR TYR A . n 
B 2 78  VAL 78  232 232 VAL VAL A . n 
B 2 79  ALA 79  233 233 ALA ALA A . n 
B 2 80  ILE 80  234 234 ILE ILE A . n 
B 2 81  LYS 81  235 235 LYS LYS A . n 
B 2 82  ALA 82  236 236 ALA ALA A . n 
B 2 83  TYR 83  237 237 TYR TYR A . n 
B 2 84  THR 84  238 238 THR THR A . n 
B 2 85  ALA 85  239 239 ALA ALA A . n 
B 2 86  VAL 86  240 240 VAL VAL A . n 
B 2 87  GLU 87  241 241 GLU GLU A . n 
B 2 88  GLY 88  242 242 GLY GLY A . n 
B 2 89  ASP 89  243 243 ASP ASP A . n 
B 2 90  GLU 90  244 244 GLU GLU A . n 
B 2 91  VAL 91  245 245 VAL VAL A . n 
B 2 92  SER 92  246 246 SER SER A . n 
B 2 93  LEU 93  247 247 LEU LEU A . n 
B 2 94  LEU 94  248 248 LEU LEU A . n 
B 2 95  GLU 95  249 249 GLU GLU A . n 
B 2 96  GLY 96  250 250 GLY GLY A . n 
B 2 97  GLU 97  251 251 GLU GLU A . n 
B 2 98  ALA 98  252 252 ALA ALA A . n 
B 2 99  VAL 99  253 253 VAL VAL A . n 
B 2 100 GLU 100 254 254 GLU GLU A . n 
B 2 101 VAL 101 255 255 VAL VAL A . n 
B 2 102 ILE 102 256 256 ILE ILE A . n 
B 2 103 HIS 103 257 257 HIS HIS A . n 
B 2 104 LYS 104 258 258 LYS LYS A . n 
B 2 105 LEU 105 259 259 LEU LEU A . n 
B 2 106 LEU 106 260 260 LEU LEU A . n 
B 2 107 ASP 107 261 261 ASP ASP A . n 
B 2 108 GLY 108 262 262 GLY GLY A . n 
B 2 109 TRP 109 263 263 TRP TRP A . n 
B 2 110 TRP 110 264 264 TRP TRP A . n 
B 2 111 VAL 111 265 265 VAL VAL A . n 
B 2 112 ILE 112 266 266 ILE ILE A . n 
B 2 113 ARG 113 267 267 ARG ARG A . n 
B 2 114 LYS 114 268 268 LYS LYS A . n 
B 2 115 ASP 115 269 269 ASP ASP A . n 
B 2 116 ASP 116 270 270 ASP ASP A . n 
B 2 117 VAL 117 271 271 VAL VAL A . n 
B 2 118 THR 118 272 272 THR THR A . n 
B 2 119 GLY 119 273 273 GLY GLY A . n 
B 2 120 TYR 120 274 274 TYR TYR A . n 
B 2 121 PHE 121 275 275 PHE PHE A . n 
B 2 122 PRO 122 276 276 PRO PRO A . n 
B 2 123 SER 123 277 277 SER SER A . n 
B 2 124 MET 124 278 278 MET MET A . n 
B 2 125 TYR 125 279 279 TYR TYR A . n 
B 2 126 LEU 126 280 280 LEU LEU A . n 
B 2 127 GLN 127 281 281 GLN GLN A . n 
B 2 128 LYS 128 282 282 LYS LYS A . n 
B 2 129 SER 129 283 283 SER SER A . n 
B 2 130 GLY 130 284 ?   ?   ?   A . n 
B 2 131 GLN 131 285 ?   ?   ?   A . n 
# 
_pdbx_unobs_or_zero_occ_atoms.id               1 
_pdbx_unobs_or_zero_occ_atoms.PDB_model_num    1 
_pdbx_unobs_or_zero_occ_atoms.polymer_flag     Y 
_pdbx_unobs_or_zero_occ_atoms.occupancy_flag   1 
_pdbx_unobs_or_zero_occ_atoms.auth_asym_id     A 
_pdbx_unobs_or_zero_occ_atoms.auth_comp_id     SER 
_pdbx_unobs_or_zero_occ_atoms.auth_seq_id      283 
_pdbx_unobs_or_zero_occ_atoms.PDB_ins_code     ? 
_pdbx_unobs_or_zero_occ_atoms.auth_atom_id     O 
_pdbx_unobs_or_zero_occ_atoms.label_alt_id     ? 
_pdbx_unobs_or_zero_occ_atoms.label_asym_id    B 
_pdbx_unobs_or_zero_occ_atoms.label_comp_id    SER 
_pdbx_unobs_or_zero_occ_atoms.label_seq_id     129 
_pdbx_unobs_or_zero_occ_atoms.label_atom_id    O 
# 
loop_
_software.citation_id 
_software.classification 
_software.compiler_name 
_software.compiler_version 
_software.contact_author 
_software.contact_author_email 
_software.date 
_software.description 
_software.dependencies 
_software.hardware 
_software.language 
_software.location 
_software.mods 
_software.name 
_software.os 
_software.os_version 
_software.type 
_software.version 
_software.pdbx_ordinal 
? 'data reduction'  ? ? ? ? ? ? ? ? ? ? ? XDS         ? ? ? 'VERSION January 10, 2014' 1 
? 'data scaling'    ? ? ? ? ? ? ? ? ? ? ? Aimless     ? ? ? 0.5.27                     2 
? refinement        ? ? ? ? ? ? ? ? ? ? ? REFMAC      ? ? ? 5.8.0151                   3 
? 'data extraction' ? ? ? ? ? ? ? ? ? ? ? PDB_EXTRACT ? ? ? 3.27                       4 
? phasing           ? ? ? ? ? ? ? ? ? ? ? PHASER      ? ? ? .                          5 
# 
_cell.angle_alpha                  90.000 
_cell.angle_alpha_esd              ? 
_cell.angle_beta                   90.000 
_cell.angle_beta_esd               ? 
_cell.angle_gamma                  90.000 
_cell.angle_gamma_esd              ? 
_cell.entry_id                     7YXW 
_cell.details                      ? 
_cell.formula_units_Z              ? 
_cell.length_a                     102.444 
_cell.length_a_esd                 ? 
_cell.length_b                     102.444 
_cell.length_b_esd                 ? 
_cell.length_c                     56.075 
_cell.length_c_esd                 ? 
_cell.volume                       ? 
_cell.volume_esd                   ? 
_cell.Z_PDB                        8 
_cell.reciprocal_angle_alpha       ? 
_cell.reciprocal_angle_beta        ? 
_cell.reciprocal_angle_gamma       ? 
_cell.reciprocal_angle_alpha_esd   ? 
_cell.reciprocal_angle_beta_esd    ? 
_cell.reciprocal_angle_gamma_esd   ? 
_cell.reciprocal_length_a          ? 
_cell.reciprocal_length_b          ? 
_cell.reciprocal_length_c          ? 
_cell.reciprocal_length_a_esd      ? 
_cell.reciprocal_length_b_esd      ? 
_cell.reciprocal_length_c_esd      ? 
_cell.pdbx_unique_axis             ? 
# 
_symmetry.entry_id                         7YXW 
_symmetry.cell_setting                     ? 
_symmetry.Int_Tables_number                92 
_symmetry.space_group_name_Hall            ? 
_symmetry.space_group_name_H-M             'P 41 21 2' 
_symmetry.pdbx_full_space_group_name_H-M   ? 
# 
_exptl.absorpt_coefficient_mu     ? 
_exptl.absorpt_correction_T_max   ? 
_exptl.absorpt_correction_T_min   ? 
_exptl.absorpt_correction_type    ? 
_exptl.absorpt_process_details    ? 
_exptl.entry_id                   7YXW 
_exptl.crystals_number            1 
_exptl.details                    ? 
_exptl.method                     'X-RAY DIFFRACTION' 
_exptl.method_details             ? 
# 
_exptl_crystal.colour                      ? 
_exptl_crystal.density_diffrn              ? 
_exptl_crystal.density_Matthews            2.38 
_exptl_crystal.density_method              ? 
_exptl_crystal.density_percent_sol         48 
_exptl_crystal.description                 ? 
_exptl_crystal.F_000                       ? 
_exptl_crystal.id                          1 
_exptl_crystal.preparation                 ? 
_exptl_crystal.size_max                    ? 
_exptl_crystal.size_mid                    ? 
_exptl_crystal.size_min                    ? 
_exptl_crystal.size_rad                    ? 
_exptl_crystal.colour_lustre               ? 
_exptl_crystal.colour_modifier             ? 
_exptl_crystal.colour_primary              ? 
_exptl_crystal.density_meas                ? 
_exptl_crystal.density_meas_esd            ? 
_exptl_crystal.density_meas_gt             ? 
_exptl_crystal.density_meas_lt             ? 
_exptl_crystal.density_meas_temp           ? 
_exptl_crystal.density_meas_temp_esd       ? 
_exptl_crystal.density_meas_temp_gt        ? 
_exptl_crystal.density_meas_temp_lt        ? 
_exptl_crystal.pdbx_crystal_image_url      ? 
_exptl_crystal.pdbx_crystal_image_format   ? 
_exptl_crystal.pdbx_mosaicity              ? 
_exptl_crystal.pdbx_mosaicity_esd          ? 
# 
_exptl_crystal_grow.apparatus       ? 
_exptl_crystal_grow.atmosphere      ? 
_exptl_crystal_grow.crystal_id      1 
_exptl_crystal_grow.details         ? 
_exptl_crystal_grow.method          'VAPOR DIFFUSION, HANGING DROP' 
_exptl_crystal_grow.method_ref      ? 
_exptl_crystal_grow.pH              7.5 
_exptl_crystal_grow.pressure        ? 
_exptl_crystal_grow.pressure_esd    ? 
_exptl_crystal_grow.seeding         ? 
_exptl_crystal_grow.seeding_ref     ? 
_exptl_crystal_grow.temp            277 
_exptl_crystal_grow.temp_details    ? 
_exptl_crystal_grow.temp_esd        ? 
_exptl_crystal_grow.time            ? 
_exptl_crystal_grow.pdbx_details    '0.1 M HEPES pH 7.5, 1.2 M sodium citrate tribasic dihydrate, 1:1 protein:precipitant ratio' 
_exptl_crystal_grow.pdbx_pH_range   ? 
# 
_diffrn.ambient_environment              ? 
_diffrn.ambient_temp                     100 
_diffrn.ambient_temp_details             ? 
_diffrn.ambient_temp_esd                 ? 
_diffrn.crystal_id                       1 
_diffrn.crystal_support                  ? 
_diffrn.crystal_treatment                ? 
_diffrn.details                          ? 
_diffrn.id                               1 
_diffrn.ambient_pressure                 ? 
_diffrn.ambient_pressure_esd             ? 
_diffrn.ambient_pressure_gt              ? 
_diffrn.ambient_pressure_lt              ? 
_diffrn.ambient_temp_gt                  ? 
_diffrn.ambient_temp_lt                  ? 
_diffrn.pdbx_serial_crystal_experiment   N 
# 
_diffrn_detector.details                      ? 
_diffrn_detector.detector                     PIXEL 
_diffrn_detector.diffrn_id                    1 
_diffrn_detector.type                         'DECTRIS PILATUS 6M' 
_diffrn_detector.area_resol_mean              ? 
_diffrn_detector.dtime                        ? 
_diffrn_detector.pdbx_frames_total            ? 
_diffrn_detector.pdbx_collection_time_total   ? 
_diffrn_detector.pdbx_collection_date         2017-11-29 
_diffrn_detector.pdbx_frequency               ? 
# 
_diffrn_radiation.collimation                      ? 
_diffrn_radiation.diffrn_id                        1 
_diffrn_radiation.filter_edge                      ? 
_diffrn_radiation.inhomogeneity                    ? 
_diffrn_radiation.monochromator                    ? 
_diffrn_radiation.polarisn_norm                    ? 
_diffrn_radiation.polarisn_ratio                   ? 
_diffrn_radiation.probe                            ? 
_diffrn_radiation.type                             ? 
_diffrn_radiation.xray_symbol                      ? 
_diffrn_radiation.wavelength_id                    1 
_diffrn_radiation.pdbx_monochromatic_or_laue_m_l   M 
_diffrn_radiation.pdbx_wavelength_list             ? 
_diffrn_radiation.pdbx_wavelength                  ? 
_diffrn_radiation.pdbx_diffrn_protocol             'SINGLE WAVELENGTH' 
_diffrn_radiation.pdbx_analyzer                    ? 
_diffrn_radiation.pdbx_scattering_type             x-ray 
# 
_diffrn_radiation_wavelength.id           1 
_diffrn_radiation_wavelength.wavelength   0.9786 
_diffrn_radiation_wavelength.wt           1.0 
# 
_diffrn_source.current                     ? 
_diffrn_source.details                     ? 
_diffrn_source.diffrn_id                   1 
_diffrn_source.power                       ? 
_diffrn_source.size                        ? 
_diffrn_source.source                      SYNCHROTRON 
_diffrn_source.target                      ? 
_diffrn_source.type                        'SOLEIL BEAMLINE PROXIMA 1' 
_diffrn_source.voltage                     ? 
_diffrn_source.take-off_angle              ? 
_diffrn_source.pdbx_wavelength_list        0.9786 
_diffrn_source.pdbx_wavelength             ? 
_diffrn_source.pdbx_synchrotron_beamline   'PROXIMA 1' 
_diffrn_source.pdbx_synchrotron_site       SOLEIL 
# 
_reflns.B_iso_Wilson_estimate                          58.9 
_reflns.entry_id                                       7YXW 
_reflns.data_reduction_details                         ? 
_reflns.data_reduction_method                          ? 
_reflns.d_resolution_high                              2.500 
_reflns.d_resolution_low                               45.810 
_reflns.details                                        ? 
_reflns.limit_h_max                                    ? 
_reflns.limit_h_min                                    ? 
_reflns.limit_k_max                                    ? 
_reflns.limit_k_min                                    ? 
_reflns.limit_l_max                                    ? 
_reflns.limit_l_min                                    ? 
_reflns.number_all                                     ? 
_reflns.number_obs                                     10811 
_reflns.observed_criterion                             ? 
_reflns.observed_criterion_F_max                       ? 
_reflns.observed_criterion_F_min                       ? 
_reflns.observed_criterion_I_max                       ? 
_reflns.observed_criterion_I_min                       ? 
_reflns.observed_criterion_sigma_F                     ? 
_reflns.observed_criterion_sigma_I                     ? 
_reflns.percent_possible_obs                           99.900 
_reflns.R_free_details                                 ? 
_reflns.Rmerge_F_all                                   ? 
_reflns.Rmerge_F_obs                                   ? 
_reflns.Friedel_coverage                               ? 
_reflns.number_gt                                      ? 
_reflns.threshold_expression                           ? 
_reflns.pdbx_redundancy                                12.000 
_reflns.pdbx_Rmerge_I_obs                              0.098 
_reflns.pdbx_Rmerge_I_all                              ? 
_reflns.pdbx_Rsym_value                                ? 
_reflns.pdbx_netI_over_av_sigmaI                       ? 
_reflns.pdbx_netI_over_sigmaI                          11.800 
_reflns.pdbx_res_netI_over_av_sigmaI_2                 ? 
_reflns.pdbx_res_netI_over_sigmaI_2                    ? 
_reflns.pdbx_chi_squared                               ? 
_reflns.pdbx_scaling_rejects                           ? 
_reflns.pdbx_d_res_high_opt                            ? 
_reflns.pdbx_d_res_low_opt                             ? 
_reflns.pdbx_d_res_opt_method                          ? 
_reflns.phase_calculation_details                      ? 
_reflns.pdbx_Rrim_I_all                                0.104 
_reflns.pdbx_Rpim_I_all                                0.031 
_reflns.pdbx_d_opt                                     ? 
_reflns.pdbx_number_measured_all                       ? 
_reflns.pdbx_diffrn_id                                 1 
_reflns.pdbx_ordinal                                   1 
_reflns.pdbx_CC_half                                   0.997 
_reflns.pdbx_CC_star                                   ? 
_reflns.pdbx_R_split                                   ? 
_reflns.pdbx_aniso_diffraction_limit_axis_1_ortho[1]   ? 
_reflns.pdbx_aniso_diffraction_limit_axis_1_ortho[2]   ? 
_reflns.pdbx_aniso_diffraction_limit_axis_1_ortho[3]   ? 
_reflns.pdbx_aniso_diffraction_limit_axis_2_ortho[1]   ? 
_reflns.pdbx_aniso_diffraction_limit_axis_2_ortho[2]   ? 
_reflns.pdbx_aniso_diffraction_limit_axis_2_ortho[3]   ? 
_reflns.pdbx_aniso_diffraction_limit_axis_3_ortho[1]   ? 
_reflns.pdbx_aniso_diffraction_limit_axis_3_ortho[2]   ? 
_reflns.pdbx_aniso_diffraction_limit_axis_3_ortho[3]   ? 
_reflns.pdbx_aniso_diffraction_limit_1                 ? 
_reflns.pdbx_aniso_diffraction_limit_2                 ? 
_reflns.pdbx_aniso_diffraction_limit_3                 ? 
_reflns.pdbx_aniso_B_tensor_eigenvector_1_ortho[1]     ? 
_reflns.pdbx_aniso_B_tensor_eigenvector_1_ortho[2]     ? 
_reflns.pdbx_aniso_B_tensor_eigenvector_1_ortho[3]     ? 
_reflns.pdbx_aniso_B_tensor_eigenvector_2_ortho[1]     ? 
_reflns.pdbx_aniso_B_tensor_eigenvector_2_ortho[2]     ? 
_reflns.pdbx_aniso_B_tensor_eigenvector_2_ortho[3]     ? 
_reflns.pdbx_aniso_B_tensor_eigenvector_3_ortho[1]     ? 
_reflns.pdbx_aniso_B_tensor_eigenvector_3_ortho[2]     ? 
_reflns.pdbx_aniso_B_tensor_eigenvector_3_ortho[3]     ? 
_reflns.pdbx_aniso_B_tensor_eigenvalue_1               ? 
_reflns.pdbx_aniso_B_tensor_eigenvalue_2               ? 
_reflns.pdbx_aniso_B_tensor_eigenvalue_3               ? 
_reflns.pdbx_orthogonalization_convention              ? 
_reflns.pdbx_percent_possible_ellipsoidal              ? 
_reflns.pdbx_percent_possible_spherical                ? 
_reflns.pdbx_percent_possible_ellipsoidal_anomalous    ? 
_reflns.pdbx_percent_possible_spherical_anomalous      ? 
_reflns.pdbx_redundancy_anomalous                      ? 
_reflns.pdbx_CC_half_anomalous                         ? 
_reflns.pdbx_absDiff_over_sigma_anomalous              ? 
_reflns.pdbx_percent_possible_anomalous                ? 
_reflns.pdbx_observed_signal_threshold                 ? 
_reflns.pdbx_signal_type                               ? 
_reflns.pdbx_signal_details                            ? 
_reflns.pdbx_signal_software_id                        ? 
# 
loop_
_reflns_shell.d_res_high 
_reflns_shell.d_res_low 
_reflns_shell.meanI_over_sigI_all 
_reflns_shell.meanI_over_sigI_obs 
_reflns_shell.number_measured_all 
_reflns_shell.number_measured_obs 
_reflns_shell.number_possible 
_reflns_shell.number_unique_all 
_reflns_shell.number_unique_obs 
_reflns_shell.percent_possible_all 
_reflns_shell.percent_possible_obs 
_reflns_shell.Rmerge_F_all 
_reflns_shell.Rmerge_F_obs 
_reflns_shell.Rmerge_I_all 
_reflns_shell.Rmerge_I_obs 
_reflns_shell.meanI_over_sigI_gt 
_reflns_shell.meanI_over_uI_all 
_reflns_shell.meanI_over_uI_gt 
_reflns_shell.number_measured_gt 
_reflns_shell.number_unique_gt 
_reflns_shell.percent_possible_gt 
_reflns_shell.Rmerge_F_gt 
_reflns_shell.Rmerge_I_gt 
_reflns_shell.pdbx_redundancy 
_reflns_shell.pdbx_Rsym_value 
_reflns_shell.pdbx_chi_squared 
_reflns_shell.pdbx_netI_over_sigmaI_all 
_reflns_shell.pdbx_netI_over_sigmaI_obs 
_reflns_shell.pdbx_Rrim_I_all 
_reflns_shell.pdbx_Rpim_I_all 
_reflns_shell.pdbx_rejects 
_reflns_shell.pdbx_ordinal 
_reflns_shell.pdbx_diffrn_id 
_reflns_shell.pdbx_CC_half 
_reflns_shell.pdbx_CC_star 
_reflns_shell.pdbx_R_split 
_reflns_shell.pdbx_percent_possible_ellipsoidal 
_reflns_shell.pdbx_percent_possible_spherical 
_reflns_shell.pdbx_percent_possible_ellipsoidal_anomalous 
_reflns_shell.pdbx_percent_possible_spherical_anomalous 
_reflns_shell.pdbx_redundancy_anomalous 
_reflns_shell.pdbx_CC_half_anomalous 
_reflns_shell.pdbx_absDiff_over_sigma_anomalous 
_reflns_shell.pdbx_percent_possible_anomalous 
2.500 2.600  ? ? 15254 ? ? ? 1181 99.900 ? ? ? ? 1.141 ? ? ? ? ? ? ? ? 12.900 ? ? ? 1.700  1.192 0.338 ? 1 1 0.927 ? ? ? ? ? ? ? ? 
? ? 
9.010 45.810 ? ? 2844  ? ? ? 283  98.700 ? ? ? ? 0.048 ? ? ? ? ? ? ? ? 10.000 ? ? ? 26.800 0.051 0.015 ? 2 1 0.999 ? ? ? ? ? ? ? ? 
? ? 
# 
_refine.aniso_B[1][1]                            -9.7700 
_refine.aniso_B[1][2]                            0.0000 
_refine.aniso_B[1][3]                            0.0000 
_refine.aniso_B[2][2]                            -9.7700 
_refine.aniso_B[2][3]                            0.0000 
_refine.aniso_B[3][3]                            19.5500 
_refine.B_iso_max                                189.260 
_refine.B_iso_mean                               91.4710 
_refine.B_iso_min                                60.340 
_refine.correlation_coeff_Fo_to_Fc               0.9410 
_refine.correlation_coeff_Fo_to_Fc_free          0.9310 
_refine.details                                  
'HYDROGENS HAVE BEEN ADDED IN THE RIDING POSITIONS U VALUES      : REFINED INDIVIDUALLY' 
_refine.diff_density_max                         ? 
_refine.diff_density_max_esd                     ? 
_refine.diff_density_min                         ? 
_refine.diff_density_min_esd                     ? 
_refine.diff_density_rms                         ? 
_refine.diff_density_rms_esd                     ? 
_refine.entry_id                                 7YXW 
_refine.pdbx_refine_id                           'X-RAY DIFFRACTION' 
_refine.ls_abs_structure_details                 ? 
_refine.ls_abs_structure_Flack                   ? 
_refine.ls_abs_structure_Flack_esd               ? 
_refine.ls_abs_structure_Rogers                  ? 
_refine.ls_abs_structure_Rogers_esd              ? 
_refine.ls_d_res_high                            2.5000 
_refine.ls_d_res_low                             40.0000 
_refine.ls_extinction_coef                       ? 
_refine.ls_extinction_coef_esd                   ? 
_refine.ls_extinction_expression                 ? 
_refine.ls_extinction_method                     ? 
_refine.ls_goodness_of_fit_all                   ? 
_refine.ls_goodness_of_fit_all_esd               ? 
_refine.ls_goodness_of_fit_obs                   ? 
_refine.ls_goodness_of_fit_obs_esd               ? 
_refine.ls_hydrogen_treatment                    ? 
_refine.ls_matrix_type                           ? 
_refine.ls_number_constraints                    ? 
_refine.ls_number_parameters                     ? 
_refine.ls_number_reflns_all                     ? 
_refine.ls_number_reflns_obs                     10220 
_refine.ls_number_reflns_R_free                  554 
_refine.ls_number_reflns_R_work                  ? 
_refine.ls_number_restraints                     ? 
_refine.ls_percent_reflns_obs                    99.8300 
_refine.ls_percent_reflns_R_free                 5.1000 
_refine.ls_R_factor_all                          ? 
_refine.ls_R_factor_obs                          0.2426 
_refine.ls_R_factor_R_free                       0.2686 
_refine.ls_R_factor_R_free_error                 ? 
_refine.ls_R_factor_R_free_error_details         ? 
_refine.ls_R_factor_R_work                       0.2411 
_refine.ls_R_Fsqd_factor_obs                     ? 
_refine.ls_R_I_factor_obs                        ? 
_refine.ls_redundancy_reflns_all                 ? 
_refine.ls_redundancy_reflns_obs                 ? 
_refine.ls_restrained_S_all                      ? 
_refine.ls_restrained_S_obs                      ? 
_refine.ls_shift_over_esd_max                    ? 
_refine.ls_shift_over_esd_mean                   ? 
_refine.ls_structure_factor_coef                 ? 
_refine.ls_weighting_details                     ? 
_refine.ls_weighting_scheme                      ? 
_refine.ls_wR_factor_all                         ? 
_refine.ls_wR_factor_obs                         ? 
_refine.ls_wR_factor_R_free                      ? 
_refine.ls_wR_factor_R_work                      ? 
_refine.occupancy_max                            ? 
_refine.occupancy_min                            ? 
_refine.solvent_model_details                    MASK 
_refine.solvent_model_param_bsol                 ? 
_refine.solvent_model_param_ksol                 ? 
_refine.pdbx_R_complete                          ? 
_refine.ls_R_factor_gt                           ? 
_refine.ls_goodness_of_fit_gt                    ? 
_refine.ls_goodness_of_fit_ref                   ? 
_refine.ls_shift_over_su_max                     ? 
_refine.ls_shift_over_su_max_lt                  ? 
_refine.ls_shift_over_su_mean                    ? 
_refine.ls_shift_over_su_mean_lt                 ? 
_refine.pdbx_ls_sigma_I                          ? 
_refine.pdbx_ls_sigma_F                          0.000 
_refine.pdbx_ls_sigma_Fsqd                       ? 
_refine.pdbx_data_cutoff_high_absF               ? 
_refine.pdbx_data_cutoff_high_rms_absF           ? 
_refine.pdbx_data_cutoff_low_absF                ? 
_refine.pdbx_isotropic_thermal_model             ? 
_refine.pdbx_ls_cross_valid_method               THROUGHOUT 
_refine.pdbx_method_to_determine_struct          'MOLECULAR REPLACEMENT' 
_refine.pdbx_starting_model                      1ng2 
_refine.pdbx_stereochemistry_target_values       'MAXIMUM LIKELIHOOD' 
_refine.pdbx_R_Free_selection_details            RANDOM 
_refine.pdbx_stereochem_target_val_spec_case     ? 
_refine.pdbx_overall_ESU_R                       0.2650 
_refine.pdbx_overall_ESU_R_Free                  0.2240 
_refine.pdbx_solvent_vdw_probe_radii             1.2000 
_refine.pdbx_solvent_ion_probe_radii             0.8000 
_refine.pdbx_solvent_shrinkage_radii             0.8000 
_refine.pdbx_real_space_R                        ? 
_refine.pdbx_density_correlation                 ? 
_refine.pdbx_pd_number_of_powder_patterns        ? 
_refine.pdbx_pd_number_of_points                 ? 
_refine.pdbx_pd_meas_number_of_points            ? 
_refine.pdbx_pd_proc_ls_prof_R_factor            ? 
_refine.pdbx_pd_proc_ls_prof_wR_factor           ? 
_refine.pdbx_pd_Marquardt_correlation_coeff      ? 
_refine.pdbx_pd_Fsqrd_R_factor                   ? 
_refine.pdbx_pd_ls_matrix_band_width             ? 
_refine.pdbx_overall_phase_error                 ? 
_refine.pdbx_overall_SU_R_free_Cruickshank_DPI   ? 
_refine.pdbx_overall_SU_R_free_Blow_DPI          ? 
_refine.pdbx_overall_SU_R_Blow_DPI               ? 
_refine.pdbx_TLS_residual_ADP_flag               ? 
_refine.pdbx_diffrn_id                           1 
_refine.overall_SU_B                             16.7980 
_refine.overall_SU_ML                            0.3100 
_refine.overall_SU_R_Cruickshank_DPI             ? 
_refine.overall_SU_R_free                        ? 
_refine.overall_FOM_free_R_set                   ? 
_refine.overall_FOM_work_R_set                   ? 
_refine.pdbx_average_fsc_overall                 ? 
_refine.pdbx_average_fsc_work                    ? 
_refine.pdbx_average_fsc_free                    ? 
# 
_refine_hist.pdbx_refine_id                   'X-RAY DIFFRACTION' 
_refine_hist.cycle_id                         final 
_refine_hist.details                          ? 
_refine_hist.d_res_high                       2.5000 
_refine_hist.d_res_low                        40.0000 
_refine_hist.number_atoms_solvent             0 
_refine_hist.number_atoms_total               1093 
_refine_hist.number_reflns_all                ? 
_refine_hist.number_reflns_obs                ? 
_refine_hist.number_reflns_R_free             ? 
_refine_hist.number_reflns_R_work             ? 
_refine_hist.R_factor_all                     ? 
_refine_hist.R_factor_obs                     ? 
_refine_hist.R_factor_R_free                  ? 
_refine_hist.R_factor_R_work                  ? 
_refine_hist.pdbx_number_residues_total       139 
_refine_hist.pdbx_B_iso_mean_ligand           ? 
_refine_hist.pdbx_B_iso_mean_solvent          ? 
_refine_hist.pdbx_number_atoms_protein        1093 
_refine_hist.pdbx_number_atoms_nucleic_acid   0 
_refine_hist.pdbx_number_atoms_ligand         0 
_refine_hist.pdbx_number_atoms_lipid          ? 
_refine_hist.pdbx_number_atoms_carb           ? 
_refine_hist.pdbx_pseudo_atom_details         ? 
# 
loop_
_refine_ls_restr.pdbx_refine_id 
_refine_ls_restr.criterion 
_refine_ls_restr.dev_ideal 
_refine_ls_restr.dev_ideal_target 
_refine_ls_restr.number 
_refine_ls_restr.rejects 
_refine_ls_restr.type 
_refine_ls_restr.weight 
_refine_ls_restr.pdbx_restraint_function 
'X-RAY DIFFRACTION' ? 0.015  0.020  1126 ? r_bond_refined_d       ? ? 
'X-RAY DIFFRACTION' ? 0.002  0.020  1027 ? r_bond_other_d         ? ? 
'X-RAY DIFFRACTION' ? 1.811  1.972  1537 ? r_angle_refined_deg    ? ? 
'X-RAY DIFFRACTION' ? 1.051  3.000  2395 ? r_angle_other_deg      ? ? 
'X-RAY DIFFRACTION' ? 7.608  5.000  137  ? r_dihedral_angle_1_deg ? ? 
'X-RAY DIFFRACTION' ? 47.013 25.102 49   ? r_dihedral_angle_2_deg ? ? 
'X-RAY DIFFRACTION' ? 16.905 15.000 177  ? r_dihedral_angle_3_deg ? ? 
'X-RAY DIFFRACTION' ? 22.307 15.000 4    ? r_dihedral_angle_4_deg ? ? 
'X-RAY DIFFRACTION' ? 0.100  0.200  162  ? r_chiral_restr         ? ? 
'X-RAY DIFFRACTION' ? 0.007  0.021  1251 ? r_gen_planes_refined   ? ? 
'X-RAY DIFFRACTION' ? 0.002  0.020  227  ? r_gen_planes_other     ? ? 
# 
_refine_ls_shell.pdbx_refine_id                   'X-RAY DIFFRACTION' 
_refine_ls_shell.d_res_high                       2.5000 
_refine_ls_shell.d_res_low                        2.5650 
_refine_ls_shell.number_reflns_all                770 
_refine_ls_shell.number_reflns_obs                ? 
_refine_ls_shell.number_reflns_R_free             37 
_refine_ls_shell.number_reflns_R_work             733 
_refine_ls_shell.percent_reflns_obs               99.8700 
_refine_ls_shell.percent_reflns_R_free            ? 
_refine_ls_shell.R_factor_all                     ? 
_refine_ls_shell.R_factor_obs                     ? 
_refine_ls_shell.R_factor_R_free                  0.4400 
_refine_ls_shell.R_factor_R_free_error            0.0000 
_refine_ls_shell.R_factor_R_work                  0.5290 
_refine_ls_shell.redundancy_reflns_all            ? 
_refine_ls_shell.redundancy_reflns_obs            ? 
_refine_ls_shell.wR_factor_all                    ? 
_refine_ls_shell.wR_factor_obs                    ? 
_refine_ls_shell.wR_factor_R_free                 ? 
_refine_ls_shell.wR_factor_R_work                 ? 
_refine_ls_shell.pdbx_R_complete                  ? 
_refine_ls_shell.pdbx_total_number_of_bins_used   20 
_refine_ls_shell.pdbx_phase_error                 ? 
_refine_ls_shell.pdbx_fsc_work                    ? 
_refine_ls_shell.pdbx_fsc_free                    ? 
# 
_struct.entry_id                     7YXW 
_struct.title                        'Structure of the p22phox A200G mutant in complex with p47phox peptide' 
_struct.pdbx_model_details           ? 
_struct.pdbx_formula_weight          ? 
_struct.pdbx_formula_weight_method   ? 
_struct.pdbx_model_type_details      ? 
_struct.pdbx_CASP_flag               N 
# 
_struct_keywords.entry_id        7YXW 
_struct_keywords.text            'NADPH oxidase complex, oxidoreductase activator, OXIDOREDUCTASE' 
_struct_keywords.pdbx_keywords   OXIDOREDUCTASE 
# 
loop_
_struct_asym.id 
_struct_asym.pdbx_blank_PDB_chainid_flag 
_struct_asym.pdbx_modified 
_struct_asym.entity_id 
_struct_asym.details 
A N N 1 ? 
B N N 2 ? 
# 
loop_
_struct_ref.id 
_struct_ref.db_name 
_struct_ref.db_code 
_struct_ref.pdbx_db_accession 
_struct_ref.pdbx_db_isoform 
_struct_ref.entity_id 
_struct_ref.pdbx_seq_one_letter_code 
_struct_ref.pdbx_align_begin 
1 UNP CY24A_HUMAN P13498 ? 1 PPSNPPPRPPAEARKKPS 151 
2 UNP NCF1_HUMAN  P14598 ? 2 
;IILQTYRAIANYEKTSGSEMALSTGDVVEVVEKSESGWWFCQMKAKRGWIPASFLEPLDSPDETEDPEPNYAGEPYVAIK
AYTAVEGDEVSLLEGEAVEVIHKLLDGWWVIRKDDVTGYFPSMYLQKSGQ
;
156 
# 
loop_
_struct_ref_seq.align_id 
_struct_ref_seq.ref_id 
_struct_ref_seq.pdbx_PDB_id_code 
_struct_ref_seq.pdbx_strand_id 
_struct_ref_seq.seq_align_beg 
_struct_ref_seq.pdbx_seq_align_beg_ins_code 
_struct_ref_seq.seq_align_end 
_struct_ref_seq.pdbx_seq_align_end_ins_code 
_struct_ref_seq.pdbx_db_accession 
_struct_ref_seq.db_align_beg 
_struct_ref_seq.pdbx_db_align_beg_ins_code 
_struct_ref_seq.db_align_end 
_struct_ref_seq.pdbx_db_align_end_ins_code 
_struct_ref_seq.pdbx_auth_seq_align_beg 
_struct_ref_seq.pdbx_auth_seq_align_end 
1 1 7YXW D 1 ? 18  ? P13498 151 ? 168 ? 1   18  
2 2 7YXW A 2 ? 131 ? P14598 156 ? 285 ? 156 285 
# 
loop_
_struct_ref_seq_dif.align_id 
_struct_ref_seq_dif.pdbx_pdb_id_code 
_struct_ref_seq_dif.mon_id 
_struct_ref_seq_dif.pdbx_pdb_strand_id 
_struct_ref_seq_dif.seq_num 
_struct_ref_seq_dif.pdbx_pdb_ins_code 
_struct_ref_seq_dif.pdbx_seq_db_name 
_struct_ref_seq_dif.pdbx_seq_db_accession_code 
_struct_ref_seq_dif.db_mon_id 
_struct_ref_seq_dif.pdbx_seq_db_seq_num 
_struct_ref_seq_dif.details 
_struct_ref_seq_dif.pdbx_auth_seq_num 
_struct_ref_seq_dif.pdbx_ordinal 
2 7YXW GLY A 1  ? UNP P14598 ?   ?   'expression tag'      155 1 
2 7YXW ASP A 12 ? UNP P14598 ASN 166 variant               166 2 
2 7YXW GLY A 46 ? UNP P14598 ALA 200 'engineered mutation' 200 3 
# 
_pdbx_struct_assembly.id                   1 
_pdbx_struct_assembly.details              author_defined_assembly 
_pdbx_struct_assembly.method_details       ? 
_pdbx_struct_assembly.oligomeric_details   dimeric 
_pdbx_struct_assembly.oligomeric_count     2 
# 
loop_
_pdbx_struct_assembly_prop.biol_id 
_pdbx_struct_assembly_prop.type 
_pdbx_struct_assembly_prop.value 
_pdbx_struct_assembly_prop.details 
1 'ABSA (A^2)' 1410 ? 
1 MORE         -10  ? 
1 'SSA (A^2)'  7920 ? 
# 
_pdbx_struct_assembly_gen.assembly_id       1 
_pdbx_struct_assembly_gen.oper_expression   1 
_pdbx_struct_assembly_gen.asym_id_list      A,B 
# 
_pdbx_struct_assembly_auth_evidence.id                     1 
_pdbx_struct_assembly_auth_evidence.assembly_id            1 
_pdbx_struct_assembly_auth_evidence.experimental_support   none 
_pdbx_struct_assembly_auth_evidence.details                ? 
# 
_pdbx_struct_oper_list.id                   1 
_pdbx_struct_oper_list.type                 'identity operation' 
_pdbx_struct_oper_list.name                 1_555 
_pdbx_struct_oper_list.symmetry_operation   x,y,z 
_pdbx_struct_oper_list.matrix[1][1]         1.0000000000 
_pdbx_struct_oper_list.matrix[1][2]         0.0000000000 
_pdbx_struct_oper_list.matrix[1][3]         0.0000000000 
_pdbx_struct_oper_list.vector[1]            0.0000000000 
_pdbx_struct_oper_list.matrix[2][1]         0.0000000000 
_pdbx_struct_oper_list.matrix[2][2]         1.0000000000 
_pdbx_struct_oper_list.matrix[2][3]         0.0000000000 
_pdbx_struct_oper_list.vector[2]            0.0000000000 
_pdbx_struct_oper_list.matrix[3][1]         0.0000000000 
_pdbx_struct_oper_list.matrix[3][2]         0.0000000000 
_pdbx_struct_oper_list.matrix[3][3]         1.0000000000 
_pdbx_struct_oper_list.vector[3]            0.0000000000 
# 
loop_
_struct_sheet.id 
_struct_sheet.type 
_struct_sheet.number_strands 
_struct_sheet.details 
AA1 ? 5 ? 
AA2 ? 5 ? 
# 
loop_
_struct_sheet_order.sheet_id 
_struct_sheet_order.range_id_1 
_struct_sheet_order.range_id_2 
_struct_sheet_order.offset 
_struct_sheet_order.sense 
AA1 1 2 ? anti-parallel 
AA1 2 3 ? anti-parallel 
AA1 3 4 ? anti-parallel 
AA1 4 5 ? anti-parallel 
AA2 1 2 ? anti-parallel 
AA2 2 3 ? anti-parallel 
AA2 3 4 ? anti-parallel 
AA2 4 5 ? anti-parallel 
# 
loop_
_struct_sheet_range.sheet_id 
_struct_sheet_range.id 
_struct_sheet_range.beg_label_comp_id 
_struct_sheet_range.beg_label_asym_id 
_struct_sheet_range.beg_label_seq_id 
_struct_sheet_range.pdbx_beg_PDB_ins_code 
_struct_sheet_range.end_label_comp_id 
_struct_sheet_range.end_label_asym_id 
_struct_sheet_range.end_label_seq_id 
_struct_sheet_range.pdbx_end_PDB_ins_code 
_struct_sheet_range.beg_auth_comp_id 
_struct_sheet_range.beg_auth_asym_id 
_struct_sheet_range.beg_auth_seq_id 
_struct_sheet_range.end_auth_comp_id 
_struct_sheet_range.end_auth_asym_id 
_struct_sheet_range.end_auth_seq_id 
AA1 1 ARG B 48  ? PRO B 52  ? ARG A 202 PRO A 206 
AA1 2 TRP B 39  ? GLN B 43  ? TRP A 193 GLN A 197 
AA1 3 VAL B 28  ? LYS B 34  ? VAL A 182 LYS A 188 
AA1 4 GLN B 5   ? ALA B 9   ? GLN A 159 ALA A 163 
AA1 5 LEU B 56  ? PRO B 58  ? LEU A 210 PRO A 212 
AA2 1 VAL B 117 ? PRO B 122 ? VAL A 271 PRO A 276 
AA2 2 TRP B 109 ? LYS B 114 ? TRP A 263 LYS A 268 
AA2 3 ALA B 98  ? HIS B 103 ? ALA A 252 HIS A 257 
AA2 4 GLU B 75  ? ALA B 79  ? GLU A 229 ALA A 233 
AA2 5 LEU B 126 ? LYS B 128 ? LEU A 280 LYS A 282 
# 
loop_
_pdbx_struct_sheet_hbond.sheet_id 
_pdbx_struct_sheet_hbond.range_id_1 
_pdbx_struct_sheet_hbond.range_id_2 
_pdbx_struct_sheet_hbond.range_1_label_atom_id 
_pdbx_struct_sheet_hbond.range_1_label_comp_id 
_pdbx_struct_sheet_hbond.range_1_label_asym_id 
_pdbx_struct_sheet_hbond.range_1_label_seq_id 
_pdbx_struct_sheet_hbond.range_1_PDB_ins_code 
_pdbx_struct_sheet_hbond.range_1_auth_atom_id 
_pdbx_struct_sheet_hbond.range_1_auth_comp_id 
_pdbx_struct_sheet_hbond.range_1_auth_asym_id 
_pdbx_struct_sheet_hbond.range_1_auth_seq_id 
_pdbx_struct_sheet_hbond.range_2_label_atom_id 
_pdbx_struct_sheet_hbond.range_2_label_comp_id 
_pdbx_struct_sheet_hbond.range_2_label_asym_id 
_pdbx_struct_sheet_hbond.range_2_label_seq_id 
_pdbx_struct_sheet_hbond.range_2_PDB_ins_code 
_pdbx_struct_sheet_hbond.range_2_auth_atom_id 
_pdbx_struct_sheet_hbond.range_2_auth_comp_id 
_pdbx_struct_sheet_hbond.range_2_auth_asym_id 
_pdbx_struct_sheet_hbond.range_2_auth_seq_id 
AA1 1 2 O ILE B 51  ? O ILE A 205 N TRP B 40  ? N TRP A 194 
AA1 2 3 O PHE B 41  ? O PHE A 195 N VAL B 32  ? N VAL A 186 
AA1 3 4 O VAL B 31  ? O VAL A 185 N GLN B 5   ? N GLN A 159 
AA1 4 5 N ARG B 8   ? N ARG A 162 O GLU B 57  ? O GLU A 211 
AA2 1 2 O GLY B 119 ? O GLY A 273 N ILE B 112 ? N ILE A 266 
AA2 2 3 O ARG B 113 ? O ARG A 267 N GLU B 100 ? N GLU A 254 
AA2 3 4 O VAL B 99  ? O VAL A 253 N TYR B 77  ? N TYR A 231 
AA2 4 5 N VAL B 78  ? N VAL A 232 O GLN B 127 ? O GLN A 281 
# 
loop_
_pdbx_validate_rmsd_angle.id 
_pdbx_validate_rmsd_angle.PDB_model_num 
_pdbx_validate_rmsd_angle.auth_atom_id_1 
_pdbx_validate_rmsd_angle.auth_asym_id_1 
_pdbx_validate_rmsd_angle.auth_comp_id_1 
_pdbx_validate_rmsd_angle.auth_seq_id_1 
_pdbx_validate_rmsd_angle.PDB_ins_code_1 
_pdbx_validate_rmsd_angle.label_alt_id_1 
_pdbx_validate_rmsd_angle.auth_atom_id_2 
_pdbx_validate_rmsd_angle.auth_asym_id_2 
_pdbx_validate_rmsd_angle.auth_comp_id_2 
_pdbx_validate_rmsd_angle.auth_seq_id_2 
_pdbx_validate_rmsd_angle.PDB_ins_code_2 
_pdbx_validate_rmsd_angle.label_alt_id_2 
_pdbx_validate_rmsd_angle.auth_atom_id_3 
_pdbx_validate_rmsd_angle.auth_asym_id_3 
_pdbx_validate_rmsd_angle.auth_comp_id_3 
_pdbx_validate_rmsd_angle.auth_seq_id_3 
_pdbx_validate_rmsd_angle.PDB_ins_code_3 
_pdbx_validate_rmsd_angle.label_alt_id_3 
_pdbx_validate_rmsd_angle.angle_value 
_pdbx_validate_rmsd_angle.angle_target_value 
_pdbx_validate_rmsd_angle.angle_deviation 
_pdbx_validate_rmsd_angle.angle_standard_deviation 
_pdbx_validate_rmsd_angle.linker_flag 
1 1 C  A SER 215 ? ? N  A PRO 216 ? ? CA  A PRO 216 ? ? 129.55 119.30 10.25 1.50 Y 
2 1 NE A ARG 267 ? ? CZ A ARG 267 ? ? NH1 A ARG 267 ? ? 125.04 120.30 4.74  0.50 N 
# 
loop_
_pdbx_validate_torsion.id 
_pdbx_validate_torsion.PDB_model_num 
_pdbx_validate_torsion.auth_comp_id 
_pdbx_validate_torsion.auth_asym_id 
_pdbx_validate_torsion.auth_seq_id 
_pdbx_validate_torsion.PDB_ins_code 
_pdbx_validate_torsion.label_alt_id 
_pdbx_validate_torsion.phi 
_pdbx_validate_torsion.psi 
1  1 PRO D 10  ? ? -112.97 -162.85 
2  1 ILE A 157 ? ? -150.79 86.03   
3  1 MET A 198 ? ? -122.08 -165.69 
4  1 SER A 208 ? ? -34.28  -37.07  
5  1 LEU A 213 ? ? -108.21 60.64   
6  1 ASP A 214 ? ? -140.90 -65.14  
7  1 SER A 215 ? ? -142.31 49.72   
8  1 PRO A 216 ? ? -21.01  -33.79  
9  1 PRO A 222 ? ? -63.57  -163.46 
10 1 HIS A 257 ? ? -172.14 102.26  
11 1 ASP A 261 ? ? -52.38  -8.89   
12 1 ASP A 269 ? ? 44.14   -107.04 
# 
loop_
_pdbx_unobs_or_zero_occ_residues.id 
_pdbx_unobs_or_zero_occ_residues.PDB_model_num 
_pdbx_unobs_or_zero_occ_residues.polymer_flag 
_pdbx_unobs_or_zero_occ_residues.occupancy_flag 
_pdbx_unobs_or_zero_occ_residues.auth_asym_id 
_pdbx_unobs_or_zero_occ_residues.auth_comp_id 
_pdbx_unobs_or_zero_occ_residues.auth_seq_id 
_pdbx_unobs_or_zero_occ_residues.PDB_ins_code 
_pdbx_unobs_or_zero_occ_residues.label_asym_id 
_pdbx_unobs_or_zero_occ_residues.label_comp_id 
_pdbx_unobs_or_zero_occ_residues.label_seq_id 
1  1 Y 1 D GLU 12  ? A GLU 12  
2  1 Y 1 D ALA 13  ? A ALA 13  
3  1 Y 1 D ARG 14  ? A ARG 14  
4  1 Y 1 D LYS 15  ? A LYS 15  
5  1 Y 1 D LYS 16  ? A LYS 16  
6  1 Y 1 D PRO 17  ? A PRO 17  
7  1 Y 1 D SER 18  ? A SER 18  
8  1 Y 1 A GLY 155 ? B GLY 1   
9  1 Y 1 A GLY 284 ? B GLY 130 
10 1 Y 1 A GLN 285 ? B GLN 131 
# 
loop_
_chem_comp_atom.comp_id 
_chem_comp_atom.atom_id 
_chem_comp_atom.type_symbol 
_chem_comp_atom.pdbx_aromatic_flag 
_chem_comp_atom.pdbx_stereo_config 
_chem_comp_atom.pdbx_ordinal 
ALA N    N N N 1   
ALA CA   C N S 2   
ALA C    C N N 3   
ALA O    O N N 4   
ALA CB   C N N 5   
ALA OXT  O N N 6   
ALA H    H N N 7   
ALA H2   H N N 8   
ALA HA   H N N 9   
ALA HB1  H N N 10  
ALA HB2  H N N 11  
ALA HB3  H N N 12  
ALA HXT  H N N 13  
ARG N    N N N 14  
ARG CA   C N S 15  
ARG C    C N N 16  
ARG O    O N N 17  
ARG CB   C N N 18  
ARG CG   C N N 19  
ARG CD   C N N 20  
ARG NE   N N N 21  
ARG CZ   C N N 22  
ARG NH1  N N N 23  
ARG NH2  N N N 24  
ARG OXT  O N N 25  
ARG H    H N N 26  
ARG H2   H N N 27  
ARG HA   H N N 28  
ARG HB2  H N N 29  
ARG HB3  H N N 30  
ARG HG2  H N N 31  
ARG HG3  H N N 32  
ARG HD2  H N N 33  
ARG HD3  H N N 34  
ARG HE   H N N 35  
ARG HH11 H N N 36  
ARG HH12 H N N 37  
ARG HH21 H N N 38  
ARG HH22 H N N 39  
ARG HXT  H N N 40  
ASN N    N N N 41  
ASN CA   C N S 42  
ASN C    C N N 43  
ASN O    O N N 44  
ASN CB   C N N 45  
ASN CG   C N N 46  
ASN OD1  O N N 47  
ASN ND2  N N N 48  
ASN OXT  O N N 49  
ASN H    H N N 50  
ASN H2   H N N 51  
ASN HA   H N N 52  
ASN HB2  H N N 53  
ASN HB3  H N N 54  
ASN HD21 H N N 55  
ASN HD22 H N N 56  
ASN HXT  H N N 57  
ASP N    N N N 58  
ASP CA   C N S 59  
ASP C    C N N 60  
ASP O    O N N 61  
ASP CB   C N N 62  
ASP CG   C N N 63  
ASP OD1  O N N 64  
ASP OD2  O N N 65  
ASP OXT  O N N 66  
ASP H    H N N 67  
ASP H2   H N N 68  
ASP HA   H N N 69  
ASP HB2  H N N 70  
ASP HB3  H N N 71  
ASP HD2  H N N 72  
ASP HXT  H N N 73  
CYS N    N N N 74  
CYS CA   C N R 75  
CYS C    C N N 76  
CYS O    O N N 77  
CYS CB   C N N 78  
CYS SG   S N N 79  
CYS OXT  O N N 80  
CYS H    H N N 81  
CYS H2   H N N 82  
CYS HA   H N N 83  
CYS HB2  H N N 84  
CYS HB3  H N N 85  
CYS HG   H N N 86  
CYS HXT  H N N 87  
GLN N    N N N 88  
GLN CA   C N S 89  
GLN C    C N N 90  
GLN O    O N N 91  
GLN CB   C N N 92  
GLN CG   C N N 93  
GLN CD   C N N 94  
GLN OE1  O N N 95  
GLN NE2  N N N 96  
GLN OXT  O N N 97  
GLN H    H N N 98  
GLN H2   H N N 99  
GLN HA   H N N 100 
GLN HB2  H N N 101 
GLN HB3  H N N 102 
GLN HG2  H N N 103 
GLN HG3  H N N 104 
GLN HE21 H N N 105 
GLN HE22 H N N 106 
GLN HXT  H N N 107 
GLU N    N N N 108 
GLU CA   C N S 109 
GLU C    C N N 110 
GLU O    O N N 111 
GLU CB   C N N 112 
GLU CG   C N N 113 
GLU CD   C N N 114 
GLU OE1  O N N 115 
GLU OE2  O N N 116 
GLU OXT  O N N 117 
GLU H    H N N 118 
GLU H2   H N N 119 
GLU HA   H N N 120 
GLU HB2  H N N 121 
GLU HB3  H N N 122 
GLU HG2  H N N 123 
GLU HG3  H N N 124 
GLU HE2  H N N 125 
GLU HXT  H N N 126 
GLY N    N N N 127 
GLY CA   C N N 128 
GLY C    C N N 129 
GLY O    O N N 130 
GLY OXT  O N N 131 
GLY H    H N N 132 
GLY H2   H N N 133 
GLY HA2  H N N 134 
GLY HA3  H N N 135 
GLY HXT  H N N 136 
HIS N    N N N 137 
HIS CA   C N S 138 
HIS C    C N N 139 
HIS O    O N N 140 
HIS CB   C N N 141 
HIS CG   C Y N 142 
HIS ND1  N Y N 143 
HIS CD2  C Y N 144 
HIS CE1  C Y N 145 
HIS NE2  N Y N 146 
HIS OXT  O N N 147 
HIS H    H N N 148 
HIS H2   H N N 149 
HIS HA   H N N 150 
HIS HB2  H N N 151 
HIS HB3  H N N 152 
HIS HD1  H N N 153 
HIS HD2  H N N 154 
HIS HE1  H N N 155 
HIS HE2  H N N 156 
HIS HXT  H N N 157 
ILE N    N N N 158 
ILE CA   C N S 159 
ILE C    C N N 160 
ILE O    O N N 161 
ILE CB   C N S 162 
ILE CG1  C N N 163 
ILE CG2  C N N 164 
ILE CD1  C N N 165 
ILE OXT  O N N 166 
ILE H    H N N 167 
ILE H2   H N N 168 
ILE HA   H N N 169 
ILE HB   H N N 170 
ILE HG12 H N N 171 
ILE HG13 H N N 172 
ILE HG21 H N N 173 
ILE HG22 H N N 174 
ILE HG23 H N N 175 
ILE HD11 H N N 176 
ILE HD12 H N N 177 
ILE HD13 H N N 178 
ILE HXT  H N N 179 
LEU N    N N N 180 
LEU CA   C N S 181 
LEU C    C N N 182 
LEU O    O N N 183 
LEU CB   C N N 184 
LEU CG   C N N 185 
LEU CD1  C N N 186 
LEU CD2  C N N 187 
LEU OXT  O N N 188 
LEU H    H N N 189 
LEU H2   H N N 190 
LEU HA   H N N 191 
LEU HB2  H N N 192 
LEU HB3  H N N 193 
LEU HG   H N N 194 
LEU HD11 H N N 195 
LEU HD12 H N N 196 
LEU HD13 H N N 197 
LEU HD21 H N N 198 
LEU HD22 H N N 199 
LEU HD23 H N N 200 
LEU HXT  H N N 201 
LYS N    N N N 202 
LYS CA   C N S 203 
LYS C    C N N 204 
LYS O    O N N 205 
LYS CB   C N N 206 
LYS CG   C N N 207 
LYS CD   C N N 208 
LYS CE   C N N 209 
LYS NZ   N N N 210 
LYS OXT  O N N 211 
LYS H    H N N 212 
LYS H2   H N N 213 
LYS HA   H N N 214 
LYS HB2  H N N 215 
LYS HB3  H N N 216 
LYS HG2  H N N 217 
LYS HG3  H N N 218 
LYS HD2  H N N 219 
LYS HD3  H N N 220 
LYS HE2  H N N 221 
LYS HE3  H N N 222 
LYS HZ1  H N N 223 
LYS HZ2  H N N 224 
LYS HZ3  H N N 225 
LYS HXT  H N N 226 
MET N    N N N 227 
MET CA   C N S 228 
MET C    C N N 229 
MET O    O N N 230 
MET CB   C N N 231 
MET CG   C N N 232 
MET SD   S N N 233 
MET CE   C N N 234 
MET OXT  O N N 235 
MET H    H N N 236 
MET H2   H N N 237 
MET HA   H N N 238 
MET HB2  H N N 239 
MET HB3  H N N 240 
MET HG2  H N N 241 
MET HG3  H N N 242 
MET HE1  H N N 243 
MET HE2  H N N 244 
MET HE3  H N N 245 
MET HXT  H N N 246 
PHE N    N N N 247 
PHE CA   C N S 248 
PHE C    C N N 249 
PHE O    O N N 250 
PHE CB   C N N 251 
PHE CG   C Y N 252 
PHE CD1  C Y N 253 
PHE CD2  C Y N 254 
PHE CE1  C Y N 255 
PHE CE2  C Y N 256 
PHE CZ   C Y N 257 
PHE OXT  O N N 258 
PHE H    H N N 259 
PHE H2   H N N 260 
PHE HA   H N N 261 
PHE HB2  H N N 262 
PHE HB3  H N N 263 
PHE HD1  H N N 264 
PHE HD2  H N N 265 
PHE HE1  H N N 266 
PHE HE2  H N N 267 
PHE HZ   H N N 268 
PHE HXT  H N N 269 
PRO N    N N N 270 
PRO CA   C N S 271 
PRO C    C N N 272 
PRO O    O N N 273 
PRO CB   C N N 274 
PRO CG   C N N 275 
PRO CD   C N N 276 
PRO OXT  O N N 277 
PRO H    H N N 278 
PRO HA   H N N 279 
PRO HB2  H N N 280 
PRO HB3  H N N 281 
PRO HG2  H N N 282 
PRO HG3  H N N 283 
PRO HD2  H N N 284 
PRO HD3  H N N 285 
PRO HXT  H N N 286 
SER N    N N N 287 
SER CA   C N S 288 
SER C    C N N 289 
SER O    O N N 290 
SER CB   C N N 291 
SER OG   O N N 292 
SER OXT  O N N 293 
SER H    H N N 294 
SER H2   H N N 295 
SER HA   H N N 296 
SER HB2  H N N 297 
SER HB3  H N N 298 
SER HG   H N N 299 
SER HXT  H N N 300 
THR N    N N N 301 
THR CA   C N S 302 
THR C    C N N 303 
THR O    O N N 304 
THR CB   C N R 305 
THR OG1  O N N 306 
THR CG2  C N N 307 
THR OXT  O N N 308 
THR H    H N N 309 
THR H2   H N N 310 
THR HA   H N N 311 
THR HB   H N N 312 
THR HG1  H N N 313 
THR HG21 H N N 314 
THR HG22 H N N 315 
THR HG23 H N N 316 
THR HXT  H N N 317 
TRP N    N N N 318 
TRP CA   C N S 319 
TRP C    C N N 320 
TRP O    O N N 321 
TRP CB   C N N 322 
TRP CG   C Y N 323 
TRP CD1  C Y N 324 
TRP CD2  C Y N 325 
TRP NE1  N Y N 326 
TRP CE2  C Y N 327 
TRP CE3  C Y N 328 
TRP CZ2  C Y N 329 
TRP CZ3  C Y N 330 
TRP CH2  C Y N 331 
TRP OXT  O N N 332 
TRP H    H N N 333 
TRP H2   H N N 334 
TRP HA   H N N 335 
TRP HB2  H N N 336 
TRP HB3  H N N 337 
TRP HD1  H N N 338 
TRP HE1  H N N 339 
TRP HE3  H N N 340 
TRP HZ2  H N N 341 
TRP HZ3  H N N 342 
TRP HH2  H N N 343 
TRP HXT  H N N 344 
TYR N    N N N 345 
TYR CA   C N S 346 
TYR C    C N N 347 
TYR O    O N N 348 
TYR CB   C N N 349 
TYR CG   C Y N 350 
TYR CD1  C Y N 351 
TYR CD2  C Y N 352 
TYR CE1  C Y N 353 
TYR CE2  C Y N 354 
TYR CZ   C Y N 355 
TYR OH   O N N 356 
TYR OXT  O N N 357 
TYR H    H N N 358 
TYR H2   H N N 359 
TYR HA   H N N 360 
TYR HB2  H N N 361 
TYR HB3  H N N 362 
TYR HD1  H N N 363 
TYR HD2  H N N 364 
TYR HE1  H N N 365 
TYR HE2  H N N 366 
TYR HH   H N N 367 
TYR HXT  H N N 368 
VAL N    N N N 369 
VAL CA   C N S 370 
VAL C    C N N 371 
VAL O    O N N 372 
VAL CB   C N N 373 
VAL CG1  C N N 374 
VAL CG2  C N N 375 
VAL OXT  O N N 376 
VAL H    H N N 377 
VAL H2   H N N 378 
VAL HA   H N N 379 
VAL HB   H N N 380 
VAL HG11 H N N 381 
VAL HG12 H N N 382 
VAL HG13 H N N 383 
VAL HG21 H N N 384 
VAL HG22 H N N 385 
VAL HG23 H N N 386 
VAL HXT  H N N 387 
# 
loop_
_chem_comp_bond.comp_id 
_chem_comp_bond.atom_id_1 
_chem_comp_bond.atom_id_2 
_chem_comp_bond.value_order 
_chem_comp_bond.pdbx_aromatic_flag 
_chem_comp_bond.pdbx_stereo_config 
_chem_comp_bond.pdbx_ordinal 
ALA N   CA   sing N N 1   
ALA N   H    sing N N 2   
ALA N   H2   sing N N 3   
ALA CA  C    sing N N 4   
ALA CA  CB   sing N N 5   
ALA CA  HA   sing N N 6   
ALA C   O    doub N N 7   
ALA C   OXT  sing N N 8   
ALA CB  HB1  sing N N 9   
ALA CB  HB2  sing N N 10  
ALA CB  HB3  sing N N 11  
ALA OXT HXT  sing N N 12  
ARG N   CA   sing N N 13  
ARG N   H    sing N N 14  
ARG N   H2   sing N N 15  
ARG CA  C    sing N N 16  
ARG CA  CB   sing N N 17  
ARG CA  HA   sing N N 18  
ARG C   O    doub N N 19  
ARG C   OXT  sing N N 20  
ARG CB  CG   sing N N 21  
ARG CB  HB2  sing N N 22  
ARG CB  HB3  sing N N 23  
ARG CG  CD   sing N N 24  
ARG CG  HG2  sing N N 25  
ARG CG  HG3  sing N N 26  
ARG CD  NE   sing N N 27  
ARG CD  HD2  sing N N 28  
ARG CD  HD3  sing N N 29  
ARG NE  CZ   sing N N 30  
ARG NE  HE   sing N N 31  
ARG CZ  NH1  sing N N 32  
ARG CZ  NH2  doub N N 33  
ARG NH1 HH11 sing N N 34  
ARG NH1 HH12 sing N N 35  
ARG NH2 HH21 sing N N 36  
ARG NH2 HH22 sing N N 37  
ARG OXT HXT  sing N N 38  
ASN N   CA   sing N N 39  
ASN N   H    sing N N 40  
ASN N   H2   sing N N 41  
ASN CA  C    sing N N 42  
ASN CA  CB   sing N N 43  
ASN CA  HA   sing N N 44  
ASN C   O    doub N N 45  
ASN C   OXT  sing N N 46  
ASN CB  CG   sing N N 47  
ASN CB  HB2  sing N N 48  
ASN CB  HB3  sing N N 49  
ASN CG  OD1  doub N N 50  
ASN CG  ND2  sing N N 51  
ASN ND2 HD21 sing N N 52  
ASN ND2 HD22 sing N N 53  
ASN OXT HXT  sing N N 54  
ASP N   CA   sing N N 55  
ASP N   H    sing N N 56  
ASP N   H2   sing N N 57  
ASP CA  C    sing N N 58  
ASP CA  CB   sing N N 59  
ASP CA  HA   sing N N 60  
ASP C   O    doub N N 61  
ASP C   OXT  sing N N 62  
ASP CB  CG   sing N N 63  
ASP CB  HB2  sing N N 64  
ASP CB  HB3  sing N N 65  
ASP CG  OD1  doub N N 66  
ASP CG  OD2  sing N N 67  
ASP OD2 HD2  sing N N 68  
ASP OXT HXT  sing N N 69  
CYS N   CA   sing N N 70  
CYS N   H    sing N N 71  
CYS N   H2   sing N N 72  
CYS CA  C    sing N N 73  
CYS CA  CB   sing N N 74  
CYS CA  HA   sing N N 75  
CYS C   O    doub N N 76  
CYS C   OXT  sing N N 77  
CYS CB  SG   sing N N 78  
CYS CB  HB2  sing N N 79  
CYS CB  HB3  sing N N 80  
CYS SG  HG   sing N N 81  
CYS OXT HXT  sing N N 82  
GLN N   CA   sing N N 83  
GLN N   H    sing N N 84  
GLN N   H2   sing N N 85  
GLN CA  C    sing N N 86  
GLN CA  CB   sing N N 87  
GLN CA  HA   sing N N 88  
GLN C   O    doub N N 89  
GLN C   OXT  sing N N 90  
GLN CB  CG   sing N N 91  
GLN CB  HB2  sing N N 92  
GLN CB  HB3  sing N N 93  
GLN CG  CD   sing N N 94  
GLN CG  HG2  sing N N 95  
GLN CG  HG3  sing N N 96  
GLN CD  OE1  doub N N 97  
GLN CD  NE2  sing N N 98  
GLN NE2 HE21 sing N N 99  
GLN NE2 HE22 sing N N 100 
GLN OXT HXT  sing N N 101 
GLU N   CA   sing N N 102 
GLU N   H    sing N N 103 
GLU N   H2   sing N N 104 
GLU CA  C    sing N N 105 
GLU CA  CB   sing N N 106 
GLU CA  HA   sing N N 107 
GLU C   O    doub N N 108 
GLU C   OXT  sing N N 109 
GLU CB  CG   sing N N 110 
GLU CB  HB2  sing N N 111 
GLU CB  HB3  sing N N 112 
GLU CG  CD   sing N N 113 
GLU CG  HG2  sing N N 114 
GLU CG  HG3  sing N N 115 
GLU CD  OE1  doub N N 116 
GLU CD  OE2  sing N N 117 
GLU OE2 HE2  sing N N 118 
GLU OXT HXT  sing N N 119 
GLY N   CA   sing N N 120 
GLY N   H    sing N N 121 
GLY N   H2   sing N N 122 
GLY CA  C    sing N N 123 
GLY CA  HA2  sing N N 124 
GLY CA  HA3  sing N N 125 
GLY C   O    doub N N 126 
GLY C   OXT  sing N N 127 
GLY OXT HXT  sing N N 128 
HIS N   CA   sing N N 129 
HIS N   H    sing N N 130 
HIS N   H2   sing N N 131 
HIS CA  C    sing N N 132 
HIS CA  CB   sing N N 133 
HIS CA  HA   sing N N 134 
HIS C   O    doub N N 135 
HIS C   OXT  sing N N 136 
HIS CB  CG   sing N N 137 
HIS CB  HB2  sing N N 138 
HIS CB  HB3  sing N N 139 
HIS CG  ND1  sing Y N 140 
HIS CG  CD2  doub Y N 141 
HIS ND1 CE1  doub Y N 142 
HIS ND1 HD1  sing N N 143 
HIS CD2 NE2  sing Y N 144 
HIS CD2 HD2  sing N N 145 
HIS CE1 NE2  sing Y N 146 
HIS CE1 HE1  sing N N 147 
HIS NE2 HE2  sing N N 148 
HIS OXT HXT  sing N N 149 
ILE N   CA   sing N N 150 
ILE N   H    sing N N 151 
ILE N   H2   sing N N 152 
ILE CA  C    sing N N 153 
ILE CA  CB   sing N N 154 
ILE CA  HA   sing N N 155 
ILE C   O    doub N N 156 
ILE C   OXT  sing N N 157 
ILE CB  CG1  sing N N 158 
ILE CB  CG2  sing N N 159 
ILE CB  HB   sing N N 160 
ILE CG1 CD1  sing N N 161 
ILE CG1 HG12 sing N N 162 
ILE CG1 HG13 sing N N 163 
ILE CG2 HG21 sing N N 164 
ILE CG2 HG22 sing N N 165 
ILE CG2 HG23 sing N N 166 
ILE CD1 HD11 sing N N 167 
ILE CD1 HD12 sing N N 168 
ILE CD1 HD13 sing N N 169 
ILE OXT HXT  sing N N 170 
LEU N   CA   sing N N 171 
LEU N   H    sing N N 172 
LEU N   H2   sing N N 173 
LEU CA  C    sing N N 174 
LEU CA  CB   sing N N 175 
LEU CA  HA   sing N N 176 
LEU C   O    doub N N 177 
LEU C   OXT  sing N N 178 
LEU CB  CG   sing N N 179 
LEU CB  HB2  sing N N 180 
LEU CB  HB3  sing N N 181 
LEU CG  CD1  sing N N 182 
LEU CG  CD2  sing N N 183 
LEU CG  HG   sing N N 184 
LEU CD1 HD11 sing N N 185 
LEU CD1 HD12 sing N N 186 
LEU CD1 HD13 sing N N 187 
LEU CD2 HD21 sing N N 188 
LEU CD2 HD22 sing N N 189 
LEU CD2 HD23 sing N N 190 
LEU OXT HXT  sing N N 191 
LYS N   CA   sing N N 192 
LYS N   H    sing N N 193 
LYS N   H2   sing N N 194 
LYS CA  C    sing N N 195 
LYS CA  CB   sing N N 196 
LYS CA  HA   sing N N 197 
LYS C   O    doub N N 198 
LYS C   OXT  sing N N 199 
LYS CB  CG   sing N N 200 
LYS CB  HB2  sing N N 201 
LYS CB  HB3  sing N N 202 
LYS CG  CD   sing N N 203 
LYS CG  HG2  sing N N 204 
LYS CG  HG3  sing N N 205 
LYS CD  CE   sing N N 206 
LYS CD  HD2  sing N N 207 
LYS CD  HD3  sing N N 208 
LYS CE  NZ   sing N N 209 
LYS CE  HE2  sing N N 210 
LYS CE  HE3  sing N N 211 
LYS NZ  HZ1  sing N N 212 
LYS NZ  HZ2  sing N N 213 
LYS NZ  HZ3  sing N N 214 
LYS OXT HXT  sing N N 215 
MET N   CA   sing N N 216 
MET N   H    sing N N 217 
MET N   H2   sing N N 218 
MET CA  C    sing N N 219 
MET CA  CB   sing N N 220 
MET CA  HA   sing N N 221 
MET C   O    doub N N 222 
MET C   OXT  sing N N 223 
MET CB  CG   sing N N 224 
MET CB  HB2  sing N N 225 
MET CB  HB3  sing N N 226 
MET CG  SD   sing N N 227 
MET CG  HG2  sing N N 228 
MET CG  HG3  sing N N 229 
MET SD  CE   sing N N 230 
MET CE  HE1  sing N N 231 
MET CE  HE2  sing N N 232 
MET CE  HE3  sing N N 233 
MET OXT HXT  sing N N 234 
PHE N   CA   sing N N 235 
PHE N   H    sing N N 236 
PHE N   H2   sing N N 237 
PHE CA  C    sing N N 238 
PHE CA  CB   sing N N 239 
PHE CA  HA   sing N N 240 
PHE C   O    doub N N 241 
PHE C   OXT  sing N N 242 
PHE CB  CG   sing N N 243 
PHE CB  HB2  sing N N 244 
PHE CB  HB3  sing N N 245 
PHE CG  CD1  doub Y N 246 
PHE CG  CD2  sing Y N 247 
PHE CD1 CE1  sing Y N 248 
PHE CD1 HD1  sing N N 249 
PHE CD2 CE2  doub Y N 250 
PHE CD2 HD2  sing N N 251 
PHE CE1 CZ   doub Y N 252 
PHE CE1 HE1  sing N N 253 
PHE CE2 CZ   sing Y N 254 
PHE CE2 HE2  sing N N 255 
PHE CZ  HZ   sing N N 256 
PHE OXT HXT  sing N N 257 
PRO N   CA   sing N N 258 
PRO N   CD   sing N N 259 
PRO N   H    sing N N 260 
PRO CA  C    sing N N 261 
PRO CA  CB   sing N N 262 
PRO CA  HA   sing N N 263 
PRO C   O    doub N N 264 
PRO C   OXT  sing N N 265 
PRO CB  CG   sing N N 266 
PRO CB  HB2  sing N N 267 
PRO CB  HB3  sing N N 268 
PRO CG  CD   sing N N 269 
PRO CG  HG2  sing N N 270 
PRO CG  HG3  sing N N 271 
PRO CD  HD2  sing N N 272 
PRO CD  HD3  sing N N 273 
PRO OXT HXT  sing N N 274 
SER N   CA   sing N N 275 
SER N   H    sing N N 276 
SER N   H2   sing N N 277 
SER CA  C    sing N N 278 
SER CA  CB   sing N N 279 
SER CA  HA   sing N N 280 
SER C   O    doub N N 281 
SER C   OXT  sing N N 282 
SER CB  OG   sing N N 283 
SER CB  HB2  sing N N 284 
SER CB  HB3  sing N N 285 
SER OG  HG   sing N N 286 
SER OXT HXT  sing N N 287 
THR N   CA   sing N N 288 
THR N   H    sing N N 289 
THR N   H2   sing N N 290 
THR CA  C    sing N N 291 
THR CA  CB   sing N N 292 
THR CA  HA   sing N N 293 
THR C   O    doub N N 294 
THR C   OXT  sing N N 295 
THR CB  OG1  sing N N 296 
THR CB  CG2  sing N N 297 
THR CB  HB   sing N N 298 
THR OG1 HG1  sing N N 299 
THR CG2 HG21 sing N N 300 
THR CG2 HG22 sing N N 301 
THR CG2 HG23 sing N N 302 
THR OXT HXT  sing N N 303 
TRP N   CA   sing N N 304 
TRP N   H    sing N N 305 
TRP N   H2   sing N N 306 
TRP CA  C    sing N N 307 
TRP CA  CB   sing N N 308 
TRP CA  HA   sing N N 309 
TRP C   O    doub N N 310 
TRP C   OXT  sing N N 311 
TRP CB  CG   sing N N 312 
TRP CB  HB2  sing N N 313 
TRP CB  HB3  sing N N 314 
TRP CG  CD1  doub Y N 315 
TRP CG  CD2  sing Y N 316 
TRP CD1 NE1  sing Y N 317 
TRP CD1 HD1  sing N N 318 
TRP CD2 CE2  doub Y N 319 
TRP CD2 CE3  sing Y N 320 
TRP NE1 CE2  sing Y N 321 
TRP NE1 HE1  sing N N 322 
TRP CE2 CZ2  sing Y N 323 
TRP CE3 CZ3  doub Y N 324 
TRP CE3 HE3  sing N N 325 
TRP CZ2 CH2  doub Y N 326 
TRP CZ2 HZ2  sing N N 327 
TRP CZ3 CH2  sing Y N 328 
TRP CZ3 HZ3  sing N N 329 
TRP CH2 HH2  sing N N 330 
TRP OXT HXT  sing N N 331 
TYR N   CA   sing N N 332 
TYR N   H    sing N N 333 
TYR N   H2   sing N N 334 
TYR CA  C    sing N N 335 
TYR CA  CB   sing N N 336 
TYR CA  HA   sing N N 337 
TYR C   O    doub N N 338 
TYR C   OXT  sing N N 339 
TYR CB  CG   sing N N 340 
TYR CB  HB2  sing N N 341 
TYR CB  HB3  sing N N 342 
TYR CG  CD1  doub Y N 343 
TYR CG  CD2  sing Y N 344 
TYR CD1 CE1  sing Y N 345 
TYR CD1 HD1  sing N N 346 
TYR CD2 CE2  doub Y N 347 
TYR CD2 HD2  sing N N 348 
TYR CE1 CZ   doub Y N 349 
TYR CE1 HE1  sing N N 350 
TYR CE2 CZ   sing Y N 351 
TYR CE2 HE2  sing N N 352 
TYR CZ  OH   sing N N 353 
TYR OH  HH   sing N N 354 
TYR OXT HXT  sing N N 355 
VAL N   CA   sing N N 356 
VAL N   H    sing N N 357 
VAL N   H2   sing N N 358 
VAL CA  C    sing N N 359 
VAL CA  CB   sing N N 360 
VAL CA  HA   sing N N 361 
VAL C   O    doub N N 362 
VAL C   OXT  sing N N 363 
VAL CB  CG1  sing N N 364 
VAL CB  CG2  sing N N 365 
VAL CB  HB   sing N N 366 
VAL CG1 HG11 sing N N 367 
VAL CG1 HG12 sing N N 368 
VAL CG1 HG13 sing N N 369 
VAL CG2 HG21 sing N N 370 
VAL CG2 HG22 sing N N 371 
VAL CG2 HG23 sing N N 372 
VAL OXT HXT  sing N N 373 
# 
_pdbx_audit_support.funding_organization   'Not funded' 
_pdbx_audit_support.country                ? 
_pdbx_audit_support.grant_number           ? 
_pdbx_audit_support.ordinal                1 
# 
_pdbx_initial_refinement_model.id               1 
_pdbx_initial_refinement_model.entity_id_list   ? 
_pdbx_initial_refinement_model.type             'experimental model' 
_pdbx_initial_refinement_model.source_name      PDB 
_pdbx_initial_refinement_model.accession_code   1NG2 
_pdbx_initial_refinement_model.details          ? 
# 
_atom_sites.entry_id                    7YXW 
_atom_sites.Cartn_transf_matrix[1][1]   ? 
_atom_sites.Cartn_transf_matrix[1][2]   ? 
_atom_sites.Cartn_transf_matrix[1][3]   ? 
_atom_sites.Cartn_transf_matrix[2][1]   ? 
_atom_sites.Cartn_transf_matrix[2][2]   ? 
_atom_sites.Cartn_transf_matrix[2][3]   ? 
_atom_sites.Cartn_transf_matrix[3][1]   ? 
_atom_sites.Cartn_transf_matrix[3][2]   ? 
_atom_sites.Cartn_transf_matrix[3][3]   ? 
_atom_sites.Cartn_transf_vector[1]      ? 
_atom_sites.Cartn_transf_vector[2]      ? 
_atom_sites.Cartn_transf_vector[3]      ? 
_atom_sites.fract_transf_matrix[1][1]   -0.00368526 
_atom_sites.fract_transf_matrix[1][2]   0.00052643 
_atom_sites.fract_transf_matrix[1][3]   0.00902324 
_atom_sites.fract_transf_matrix[2][1]   -0.00871718 
_atom_sites.fract_transf_matrix[2][2]   0.00236842 
_atom_sites.fract_transf_matrix[2][3]   -0.00369843 
_atom_sites.fract_transf_matrix[3][1]   -0.00436439 
_atom_sites.fract_transf_matrix[3][2]   -0.01727333 
_atom_sites.fract_transf_matrix[3][3]   -0.00077475 
_atom_sites.fract_transf_vector[1]      -0.228552 
_atom_sites.fract_transf_vector[2]      0.431535 
_atom_sites.fract_transf_vector[3]      -0.309708 
_atom_sites.solution_primary            ? 
_atom_sites.solution_secondary          ? 
_atom_sites.solution_hydrogens          ? 
_atom_sites.special_details             ? 
# 
loop_
_atom_type.symbol 
C 
N 
O 
S 
# 
loop_
_atom_site.group_PDB 
_atom_site.id 
_atom_site.type_symbol 
_atom_site.label_atom_id 
_atom_site.label_alt_id 
_atom_site.label_comp_id 
_atom_site.label_asym_id 
_atom_site.label_entity_id 
_atom_site.label_seq_id 
_atom_site.pdbx_PDB_ins_code 
_atom_site.Cartn_x 
_atom_site.Cartn_y 
_atom_site.Cartn_z 
_atom_site.occupancy 
_atom_site.B_iso_or_equiv 
_atom_site.pdbx_formal_charge 
_atom_site.auth_seq_id 
_atom_site.auth_comp_id 
_atom_site.auth_asym_id 
_atom_site.auth_atom_id 
_atom_site.pdbx_PDB_model_num 
ATOM 1    N N   . PRO A 1 1   ? -7.731  8.211   4.512   1.00 83.00  ?  1   PRO D N   1 
ATOM 2    C CA  . PRO A 1 1   ? -8.029  6.940   3.863   1.00 80.95  ?  1   PRO D CA  1 
ATOM 3    C C   . PRO A 1 1   ? -8.652  5.947   4.829   1.00 74.66  ?  1   PRO D C   1 
ATOM 4    O O   . PRO A 1 1   ? -8.868  6.287   5.982   1.00 87.62  ?  1   PRO D O   1 
ATOM 5    C CB  . PRO A 1 1   ? -6.650  6.456   3.372   1.00 81.27  ?  1   PRO D CB  1 
ATOM 6    C CG  . PRO A 1 1   ? -5.645  7.438   3.890   1.00 86.15  ?  1   PRO D CG  1 
ATOM 7    C CD  . PRO A 1 1   ? -6.328  8.267   4.940   1.00 86.10  ?  1   PRO D CD  1 
ATOM 8    N N   . PRO A 1 2   ? -8.946  4.725   4.364   1.00 69.57  ?  2   PRO D N   1 
ATOM 9    C CA  . PRO A 1 2   ? -9.425  3.672   5.273   1.00 71.24  ?  2   PRO D CA  1 
ATOM 10   C C   . PRO A 1 2   ? -8.477  3.450   6.441   1.00 77.97  ?  2   PRO D C   1 
ATOM 11   O O   . PRO A 1 2   ? -7.262  3.683   6.322   1.00 78.17  ?  2   PRO D O   1 
ATOM 12   C CB  . PRO A 1 2   ? -9.448  2.436   4.389   1.00 65.12  ?  2   PRO D CB  1 
ATOM 13   C CG  . PRO A 1 2   ? -9.674  2.997   3.031   1.00 69.92  ?  2   PRO D CG  1 
ATOM 14   C CD  . PRO A 1 2   ? -8.850  4.242   2.983   1.00 63.63  ?  2   PRO D CD  1 
ATOM 15   N N   . SER A 1 3   ? -9.031  3.033   7.568   1.00 86.74  ?  3   SER D N   1 
ATOM 16   C CA  . SER A 1 3   ? -8.232  2.855   8.790   1.00 94.06  ?  3   SER D CA  1 
ATOM 17   C C   . SER A 1 3   ? -7.561  1.473   8.867   1.00 82.88  ?  3   SER D C   1 
ATOM 18   O O   . SER A 1 3   ? -6.664  1.268   9.681   1.00 88.78  ?  3   SER D O   1 
ATOM 19   C CB  . SER A 1 3   ? -9.087  3.143   10.023  1.00 90.13  ?  3   SER D CB  1 
ATOM 20   O OG  . SER A 1 3   ? -10.238 2.341   9.953   1.00 102.48 ?  3   SER D OG  1 
ATOM 21   N N   . ASN A 1 4   ? -7.976  0.540   8.021   1.00 85.41  ?  4   ASN D N   1 
ATOM 22   C CA  . ASN A 1 4   ? -7.269  -0.735  7.872   1.00 89.66  ?  4   ASN D CA  1 
ATOM 23   C C   . ASN A 1 4   ? -6.289  -0.650  6.712   1.00 84.70  ?  4   ASN D C   1 
ATOM 24   O O   . ASN A 1 4   ? -6.503  0.100   5.752   1.00 73.90  ?  4   ASN D O   1 
ATOM 25   C CB  . ASN A 1 4   ? -8.250  -1.873  7.607   1.00 101.15 ?  4   ASN D CB  1 
ATOM 26   C CG  . ASN A 1 4   ? -9.339  -1.954  8.660   1.00 110.83 ?  4   ASN D CG  1 
ATOM 27   O OD1 . ASN A 1 4   ? -9.056  -2.032  9.859   1.00 120.83 ?  4   ASN D OD1 1 
ATOM 28   N ND2 . ASN A 1 4   ? -10.593 -1.923  8.218   1.00 117.20 ?  4   ASN D ND2 1 
ATOM 29   N N   . PRO A 1 5   ? -5.200  -1.423  6.782   1.00 84.14  ?  5   PRO D N   1 
ATOM 30   C CA  . PRO A 1 5   ? -4.324  -1.428  5.642   1.00 77.23  ?  5   PRO D CA  1 
ATOM 31   C C   . PRO A 1 5   ? -5.060  -2.037  4.485   1.00 80.25  ?  5   PRO D C   1 
ATOM 32   O O   . PRO A 1 5   ? -6.061  -2.717  4.705   1.00 76.52  ?  5   PRO D O   1 
ATOM 33   C CB  . PRO A 1 5   ? -3.185  -2.349  6.065   1.00 82.48  ?  5   PRO D CB  1 
ATOM 34   C CG  . PRO A 1 5   ? -3.729  -3.170  7.175   1.00 82.01  ?  5   PRO D CG  1 
ATOM 35   C CD  . PRO A 1 5   ? -4.706  -2.288  7.863   1.00 85.55  ?  5   PRO D CD  1 
ATOM 36   N N   . PRO A 1 6   ? -4.580  -1.790  3.257   1.00 75.52  ?  6   PRO D N   1 
ATOM 37   C CA  . PRO A 1 6   ? -5.173  -2.434  2.114   1.00 81.68  ?  6   PRO D CA  1 
ATOM 38   C C   . PRO A 1 6   ? -4.775  -3.867  2.082   1.00 79.26  ?  6   PRO D C   1 
ATOM 39   O O   . PRO A 1 6   ? -3.966  -4.307  2.903   1.00 79.71  ?  6   PRO D O   1 
ATOM 40   C CB  . PRO A 1 6   ? -4.561  -1.702  0.930   1.00 82.89  ?  6   PRO D CB  1 
ATOM 41   C CG  . PRO A 1 6   ? -3.243  -1.302  1.432   1.00 82.73  ?  6   PRO D CG  1 
ATOM 42   C CD  . PRO A 1 6   ? -3.446  -0.953  2.872   1.00 72.90  ?  6   PRO D CD  1 
ATOM 43   N N   . PRO A 1 7   ? -5.359  -4.602  1.150   1.00 77.00  ?  7   PRO D N   1 
ATOM 44   C CA  . PRO A 1 7   ? -4.963  -5.984  1.044   1.00 82.87  ?  7   PRO D CA  1 
ATOM 45   C C   . PRO A 1 7   ? -3.583  -6.159  0.416   1.00 85.49  ?  7   PRO D C   1 
ATOM 46   O O   . PRO A 1 7   ? -2.992  -5.220  -0.206  1.00 89.52  ?  7   PRO D O   1 
ATOM 47   C CB  . PRO A 1 7   ? -6.054  -6.592  0.169   1.00 86.51  ?  7   PRO D CB  1 
ATOM 48   C CG  . PRO A 1 7   ? -6.646  -5.444  -0.590  1.00 83.88  ?  7   PRO D CG  1 
ATOM 49   C CD  . PRO A 1 7   ? -6.516  -4.263  0.301   1.00 77.58  ?  7   PRO D CD  1 
ATOM 50   N N   . ARG A 1 8   ? -3.074  -7.374  0.582   1.00 77.34  ?  8   ARG D N   1 
ATOM 51   C CA  . ARG A 1 8   ? -1.814  -7.703  -0.031  1.00 80.50  ?  8   ARG D CA  1 
ATOM 52   C C   . ARG A 1 8   ? -2.070  -7.719  -1.520  1.00 83.50  ?  8   ARG D C   1 
ATOM 53   O O   . ARG A 1 8   ? -3.228  -7.930  -1.933  1.00 87.67  ?  8   ARG D O   1 
ATOM 54   C CB  . ARG A 1 8   ? -1.288  -9.068  0.438   1.00 81.82  ?  8   ARG D CB  1 
ATOM 55   C CG  . ARG A 1 8   ? -1.055  -9.199  1.946   1.00 75.80  ?  8   ARG D CG  1 
ATOM 56   C CD  . ARG A 1 8   ? -0.002  -8.221  2.458   1.00 80.58  ?  8   ARG D CD  1 
ATOM 57   N NE  . ARG A 1 8   ? 1.310   -8.526  1.901   1.00 78.99  ?  8   ARG D NE  1 
ATOM 58   C CZ  . ARG A 1 8   ? 2.076   -9.542  2.289   1.00 83.68  ?  8   ARG D CZ  1 
ATOM 59   N NH1 . ARG A 1 8   ? 1.693   -10.364 3.267   1.00 85.95  ?  8   ARG D NH1 1 
ATOM 60   N NH2 . ARG A 1 8   ? 3.251   -9.738  1.707   1.00 91.83  ?  8   ARG D NH2 1 
ATOM 61   N N   . PRO A 1 9   ? -1.012  -7.511  -2.332  1.00 81.03  ?  9   PRO D N   1 
ATOM 62   C CA  . PRO A 1 9   ? -1.116  -7.658  -3.797  1.00 78.89  ?  9   PRO D CA  1 
ATOM 63   C C   . PRO A 1 9   ? -1.685  -9.003  -4.243  1.00 89.00  ?  9   PRO D C   1 
ATOM 64   O O   . PRO A 1 9   ? -1.609  -9.981  -3.494  1.00 94.13  ?  9   PRO D O   1 
ATOM 65   C CB  . PRO A 1 9   ? 0.330   -7.519  -4.283  1.00 78.35  ?  9   PRO D CB  1 
ATOM 66   C CG  . PRO A 1 9   ? 1.018   -6.773  -3.205  1.00 78.54  ?  9   PRO D CG  1 
ATOM 67   C CD  . PRO A 1 9   ? 0.367   -7.178  -1.919  1.00 81.29  ?  9   PRO D CD  1 
ATOM 68   N N   . PRO A 1 10  ? -2.287  -9.054  -5.444  1.00 108.51 ?  10  PRO D N   1 
ATOM 69   C CA  . PRO A 1 10  ? -2.755  -10.323 -6.021  1.00 115.25 ?  10  PRO D CA  1 
ATOM 70   C C   . PRO A 1 10  ? -1.926  -10.697 -7.290  1.00 118.97 ?  10  PRO D C   1 
ATOM 71   O O   . PRO A 1 10  ? -0.835  -10.144 -7.467  1.00 120.53 ?  10  PRO D O   1 
ATOM 72   C CB  . PRO A 1 10  ? -4.209  -9.974  -6.346  1.00 112.12 ?  10  PRO D CB  1 
ATOM 73   C CG  . PRO A 1 10  ? -4.132  -8.507  -6.764  1.00 109.93 ?  10  PRO D CG  1 
ATOM 74   C CD  . PRO A 1 10  ? -2.876  -7.914  -6.181  1.00 100.55 ?  10  PRO D CD  1 
ATOM 75   N N   . ALA A 1 11  ? -2.424  -11.618 -8.140  1.00 120.67 ?  11  ALA D N   1 
ATOM 76   C CA  . ALA A 1 11  ? -2.044  -11.718 -9.601  1.00 108.99 ?  11  ALA D CA  1 
ATOM 77   C C   . ALA A 1 11  ? -0.812  -10.876 -10.086 1.00 109.56 ?  11  ALA D C   1 
ATOM 78   O O   . ALA A 1 11  ? -0.924  -9.680  -10.462 1.00 83.18  ?  11  ALA D O   1 
ATOM 79   C CB  . ALA A 1 11  ? -3.281  -11.388 -10.475 1.00 94.44  ?  11  ALA D CB  1 
ATOM 80   N N   . ILE B 2 2   ? -5.658  19.300  -12.781 1.00 149.25 ?  156 ILE A N   1 
ATOM 81   C CA  . ILE B 2 2   ? -5.635  19.835  -14.180 1.00 158.00 ?  156 ILE A CA  1 
ATOM 82   C C   . ILE B 2 2   ? -5.313  18.731  -15.192 1.00 148.29 ?  156 ILE A C   1 
ATOM 83   O O   . ILE B 2 2   ? -5.881  18.729  -16.285 1.00 143.48 ?  156 ILE A O   1 
ATOM 84   C CB  . ILE B 2 2   ? -4.677  21.071  -14.312 1.00 162.95 ?  156 ILE A CB  1 
ATOM 85   C CG1 . ILE B 2 2   ? -5.275  22.292  -13.563 1.00 155.37 ?  156 ILE A CG1 1 
ATOM 86   C CG2 . ILE B 2 2   ? -4.358  21.429  -15.778 1.00 148.55 ?  156 ILE A CG2 1 
ATOM 87   C CD1 . ILE B 2 2   ? -6.569  22.880  -14.129 1.00 138.40 ?  156 ILE A CD1 1 
ATOM 88   N N   . ILE B 2 3   ? -4.433  17.796  -14.835 1.00 136.78 ?  157 ILE A N   1 
ATOM 89   C CA  . ILE B 2 3   ? -4.011  16.745  -15.779 1.00 137.92 ?  157 ILE A CA  1 
ATOM 90   C C   . ILE B 2 3   ? -3.627  15.454  -15.033 1.00 123.62 ?  157 ILE A C   1 
ATOM 91   O O   . ILE B 2 3   ? -2.472  15.228  -14.725 1.00 113.21 ?  157 ILE A O   1 
ATOM 92   C CB  . ILE B 2 3   ? -2.894  17.298  -16.736 1.00 139.95 ?  157 ILE A CB  1 
ATOM 93   C CG1 . ILE B 2 3   ? -2.386  16.206  -17.724 1.00 125.64 ?  157 ILE A CG1 1 
ATOM 94   C CG2 . ILE B 2 3   ? -1.811  18.085  -15.953 1.00 121.83 ?  157 ILE A CG2 1 
ATOM 95   C CD1 . ILE B 2 3   ? -3.456  15.665  -18.667 1.00 111.78 ?  157 ILE A CD1 1 
ATOM 96   N N   . LEU B 2 4   ? -4.619  14.612  -14.752 1.00 120.81 ?  158 LEU A N   1 
ATOM 97   C CA  . LEU B 2 4   ? -4.481  13.552  -13.740 1.00 112.69 ?  158 LEU A CA  1 
ATOM 98   C C   . LEU B 2 4   ? -3.841  12.318  -14.328 1.00 109.92 ?  158 LEU A C   1 
ATOM 99   O O   . LEU B 2 4   ? -4.138  11.950  -15.471 1.00 103.27 ?  158 LEU A O   1 
ATOM 100  C CB  . LEU B 2 4   ? -5.849  13.167  -13.138 1.00 111.27 ?  158 LEU A CB  1 
ATOM 101  C CG  . LEU B 2 4   ? -6.656  14.256  -12.399 1.00 113.24 ?  158 LEU A CG  1 
ATOM 102  C CD1 . LEU B 2 4   ? -8.014  13.699  -11.989 1.00 107.98 ?  158 LEU A CD1 1 
ATOM 103  C CD2 . LEU B 2 4   ? -5.915  14.870  -11.201 1.00 101.38 ?  158 LEU A CD2 1 
ATOM 104  N N   . GLN B 2 5   ? -2.983  11.664  -13.542 1.00 97.64  ?  159 GLN A N   1 
ATOM 105  C CA  . GLN B 2 5   ? -2.395  10.413  -13.992 1.00 94.56  ?  159 GLN A CA  1 
ATOM 106  C C   . GLN B 2 5   ? -3.416  9.332   -14.082 1.00 94.67  ?  159 GLN A C   1 
ATOM 107  O O   . GLN B 2 5   ? -4.296  9.222   -13.229 1.00 100.14 ?  159 GLN A O   1 
ATOM 108  C CB  . GLN B 2 5   ? -1.366  9.899   -13.041 1.00 97.82  ?  159 GLN A CB  1 
ATOM 109  C CG  . GLN B 2 5   ? 0.022   10.307  -13.378 1.00 100.21 ?  159 GLN A CG  1 
ATOM 110  C CD  . GLN B 2 5   ? 0.932   9.751   -12.338 1.00 100.42 ?  159 GLN A CD  1 
ATOM 111  O OE1 . GLN B 2 5   ? 1.258   8.561   -12.365 1.00 102.10 ?  159 GLN A OE1 1 
ATOM 112  N NE2 . GLN B 2 5   ? 1.300   10.585  -11.372 1.00 99.49  ?  159 GLN A NE2 1 
ATOM 113  N N   . THR B 2 6   ? -3.214  8.468   -15.057 1.00 92.24  ?  160 THR A N   1 
ATOM 114  C CA  . THR B 2 6   ? -4.184  7.472   -15.380 1.00 92.58  ?  160 THR A CA  1 
ATOM 115  C C   . THR B 2 6   ? -3.573  6.076   -15.304 1.00 81.68  ?  160 THR A C   1 
ATOM 116  O O   . THR B 2 6   ? -2.415  5.843   -15.721 1.00 88.56  ?  160 THR A O   1 
ATOM 117  C CB  . THR B 2 6   ? -4.861  7.787   -16.736 1.00 98.77  ?  160 THR A CB  1 
ATOM 118  O OG1 . THR B 2 6   ? -5.734  6.702   -17.085 1.00 96.38  ?  160 THR A OG1 1 
ATOM 119  C CG2 . THR B 2 6   ? -3.821  8.077   -17.875 1.00 102.02 ?  160 THR A CG2 1 
ATOM 120  N N   . TYR B 2 7   ? -4.376  5.172   -14.743 1.00 74.50  ?  161 TYR A N   1 
ATOM 121  C CA  . TYR B 2 7   ? -3.967  3.807   -14.379 1.00 83.21  ?  161 TYR A CA  1 
ATOM 122  C C   . TYR B 2 7   ? -5.064  2.768   -14.706 1.00 82.37  ?  161 TYR A C   1 
ATOM 123  O O   . TYR B 2 7   ? -6.234  3.105   -14.848 1.00 88.23  ?  161 TYR A O   1 
ATOM 124  C CB  . TYR B 2 7   ? -3.675  3.731   -12.861 1.00 83.77  ?  161 TYR A CB  1 
ATOM 125  C CG  . TYR B 2 7   ? -2.345  4.299   -12.397 1.00 78.07  ?  161 TYR A CG  1 
ATOM 126  C CD1 . TYR B 2 7   ? -2.158  5.668   -12.239 1.00 83.35  ?  161 TYR A CD1 1 
ATOM 127  C CD2 . TYR B 2 7   ? -1.270  3.464   -12.083 1.00 83.89  ?  161 TYR A CD2 1 
ATOM 128  C CE1 . TYR B 2 7   ? -0.933  6.190   -11.796 1.00 84.93  ?  161 TYR A CE1 1 
ATOM 129  C CE2 . TYR B 2 7   ? -0.041  3.984   -11.659 1.00 79.52  ?  161 TYR A CE2 1 
ATOM 130  C CZ  . TYR B 2 7   ? 0.114   5.340   -11.502 1.00 79.79  ?  161 TYR A CZ  1 
ATOM 131  O OH  . TYR B 2 7   ? 1.295   5.837   -11.040 1.00 83.70  ?  161 TYR A OH  1 
ATOM 132  N N   . ARG B 2 8   ? -4.684  1.496   -14.750 1.00 89.70  ?  162 ARG A N   1 
ATOM 133  C CA  . ARG B 2 8   ? -5.583  0.433   -15.185 1.00 98.42  ?  162 ARG A CA  1 
ATOM 134  C C   . ARG B 2 8   ? -5.637  -0.705  -14.173 1.00 93.61  ?  162 ARG A C   1 
ATOM 135  O O   . ARG B 2 8   ? -4.608  -1.261  -13.777 1.00 100.21 ?  162 ARG A O   1 
ATOM 136  C CB  . ARG B 2 8   ? -5.165  -0.100  -16.573 1.00 117.07 ?  162 ARG A CB  1 
ATOM 137  C CG  . ARG B 2 8   ? -6.346  -0.607  -17.419 1.00 140.07 ?  162 ARG A CG  1 
ATOM 138  C CD  . ARG B 2 8   ? -5.972  -1.227  -18.771 1.00 140.43 ?  162 ARG A CD  1 
ATOM 139  N NE  . ARG B 2 8   ? -4.841  -2.132  -18.625 1.00 149.12 ?  162 ARG A NE  1 
ATOM 140  C CZ  . ARG B 2 8   ? -4.863  -3.312  -17.993 1.00 156.29 ?  162 ARG A CZ  1 
ATOM 141  N NH1 . ARG B 2 8   ? -3.738  -4.020  -17.907 1.00 168.55 ?  162 ARG A NH1 1 
ATOM 142  N NH2 . ARG B 2 8   ? -5.979  -3.804  -17.443 1.00 140.34 ?  162 ARG A NH2 1 
ATOM 143  N N   . ALA B 2 9   ? -6.854  -1.056  -13.782 1.00 88.14  ?  163 ALA A N   1 
ATOM 144  C CA  . ALA B 2 9   ? -7.101  -2.134  -12.844 1.00 93.81  ?  163 ALA A CA  1 
ATOM 145  C C   . ALA B 2 9   ? -6.737  -3.473  -13.406 1.00 97.62  ?  163 ALA A C   1 
ATOM 146  O O   . ALA B 2 9   ? -7.263  -3.895  -14.443 1.00 106.98 ?  163 ALA A O   1 
ATOM 147  C CB  . ALA B 2 9   ? -8.560  -2.177  -12.442 1.00 104.69 ?  163 ALA A CB  1 
ATOM 148  N N   . ILE B 2 10  ? -5.887  -4.161  -12.661 1.00 98.17  ?  164 ILE A N   1 
ATOM 149  C CA  . ILE B 2 10  ? -5.418  -5.482  -13.040 1.00 99.58  ?  164 ILE A CA  1 
ATOM 150  C C   . ILE B 2 10  ? -6.103  -6.575  -12.233 1.00 97.31  ?  164 ILE A C   1 
ATOM 151  O O   . ILE B 2 10  ? -5.694  -7.720  -12.318 1.00 116.36 ?  164 ILE A O   1 
ATOM 152  C CB  . ILE B 2 10  ? -3.886  -5.585  -12.929 1.00 94.32  ?  164 ILE A CB  1 
ATOM 153  C CG1 . ILE B 2 10  ? -3.427  -5.511  -11.457 1.00 103.51 ?  164 ILE A CG1 1 
ATOM 154  C CG2 . ILE B 2 10  ? -3.248  -4.498  -13.796 1.00 95.70  ?  164 ILE A CG2 1 
ATOM 155  C CD1 . ILE B 2 10  ? -1.932  -5.582  -11.217 1.00 111.41 ?  164 ILE A CD1 1 
ATOM 156  N N   . ALA B 2 11  ? -7.139  -6.235  -11.465 1.00 94.97  ?  165 ALA A N   1 
ATOM 157  C CA  . ALA B 2 11  ? -8.009  -7.253  -10.832 1.00 101.93 ?  165 ALA A CA  1 
ATOM 158  C C   . ALA B 2 11  ? -9.278  -6.646  -10.215 1.00 98.17  ?  165 ALA A C   1 
ATOM 159  O O   . ALA B 2 11  ? -9.403  -5.431  -10.093 1.00 98.79  ?  165 ALA A O   1 
ATOM 160  C CB  . ALA B 2 11  ? -7.238  -8.057  -9.789  1.00 105.82 ?  165 ALA A CB  1 
ATOM 161  N N   . ASP B 2 12  ? -10.219 -7.502  -9.843  1.00 100.94 ?  166 ASP A N   1 
ATOM 162  C CA  . ASP B 2 12  ? -11.490 -7.050  -9.296  1.00 111.55 ?  166 ASP A CA  1 
ATOM 163  C C   . ASP B 2 12  ? -11.259 -6.673  -7.832  1.00 100.58 ?  166 ASP A C   1 
ATOM 164  O O   . ASP B 2 12  ? -10.499 -7.361  -7.161  1.00 86.23  ?  166 ASP A O   1 
ATOM 165  C CB  . ASP B 2 12  ? -12.558 -8.169  -9.431  1.00 128.00 ?  166 ASP A CB  1 
ATOM 166  C CG  . ASP B 2 12  ? -12.883 -8.538  -10.912 1.00 129.53 ?  166 ASP A CG  1 
ATOM 167  O OD1 . ASP B 2 12  ? -12.559 -7.749  -11.855 1.00 104.13 ?  166 ASP A OD1 1 
ATOM 168  O OD2 . ASP B 2 12  ? -13.485 -9.628  -11.110 1.00 115.31 -1 166 ASP A OD2 1 
ATOM 169  N N   . TYR B 2 13  ? -11.874 -5.576  -7.360  1.00 102.39 ?  167 TYR A N   1 
ATOM 170  C CA  . TYR B 2 13  ? -11.871 -5.195  -5.919  1.00 95.02  ?  167 TYR A CA  1 
ATOM 171  C C   . TYR B 2 13  ? -13.286 -4.925  -5.415  1.00 90.24  ?  167 TYR A C   1 
ATOM 172  O O   . TYR B 2 13  ? -14.049 -4.268  -6.117  1.00 89.21  ?  167 TYR A O   1 
ATOM 173  C CB  . TYR B 2 13  ? -10.979 -3.953  -5.640  1.00 93.20  ?  167 TYR A CB  1 
ATOM 174  C CG  . TYR B 2 13  ? -10.880 -3.600  -4.147  1.00 90.32  ?  167 TYR A CG  1 
ATOM 175  C CD1 . TYR B 2 13  ? -10.301 -4.485  -3.246  1.00 83.80  ?  167 TYR A CD1 1 
ATOM 176  C CD2 . TYR B 2 13  ? -11.396 -2.403  -3.640  1.00 80.81  ?  167 TYR A CD2 1 
ATOM 177  C CE1 . TYR B 2 13  ? -10.241 -4.193  -1.899  1.00 85.97  ?  167 TYR A CE1 1 
ATOM 178  C CE2 . TYR B 2 13  ? -11.324 -2.105  -2.291  1.00 77.38  ?  167 TYR A CE2 1 
ATOM 179  C CZ  . TYR B 2 13  ? -10.744 -3.009  -1.430  1.00 78.20  ?  167 TYR A CZ  1 
ATOM 180  O OH  . TYR B 2 13  ? -10.647 -2.751  -0.090  1.00 87.93  ?  167 TYR A OH  1 
ATOM 181  N N   . GLU B 2 14  ? -13.605 -5.421  -4.206  1.00 96.25  ?  168 GLU A N   1 
ATOM 182  C CA  . GLU B 2 14  ? -14.899 -5.184  -3.533  1.00 108.64 ?  168 GLU A CA  1 
ATOM 183  C C   . GLU B 2 14  ? -14.709 -4.251  -2.360  1.00 101.13 ?  168 GLU A C   1 
ATOM 184  O O   . GLU B 2 14  ? -13.820 -4.498  -1.527  1.00 99.97  ?  168 GLU A O   1 
ATOM 185  C CB  . GLU B 2 14  ? -15.534 -6.492  -2.996  1.00 126.18 ?  168 GLU A CB  1 
ATOM 186  C CG  . GLU B 2 14  ? -15.963 -7.522  -4.046  1.00 141.14 ?  168 GLU A CG  1 
ATOM 187  C CD  . GLU B 2 14  ? -17.172 -7.111  -4.903  1.00 144.90 ?  168 GLU A CD  1 
ATOM 188  O OE1 . GLU B 2 14  ? -18.030 -7.994  -5.133  1.00 138.80 ?  168 GLU A OE1 1 
ATOM 189  O OE2 . GLU B 2 14  ? -17.275 -5.938  -5.370  1.00 128.20 -1 168 GLU A OE2 1 
ATOM 190  N N   . LYS B 2 15  ? -15.545 -3.206  -2.290  1.00 83.84  ?  169 LYS A N   1 
ATOM 191  C CA  . LYS B 2 15  ? -15.573 -2.296  -1.150  1.00 85.94  ?  169 LYS A CA  1 
ATOM 192  C C   . LYS B 2 15  ? -15.761 -3.064  0.136   1.00 87.47  ?  169 LYS A C   1 
ATOM 193  O O   . LYS B 2 15  ? -16.608 -3.938  0.185   1.00 98.42  ?  169 LYS A O   1 
ATOM 194  C CB  . LYS B 2 15  ? -16.730 -1.322  -1.242  1.00 97.31  ?  169 LYS A CB  1 
ATOM 195  C CG  . LYS B 2 15  ? -16.460 -0.044  -2.012  1.00 111.74 ?  169 LYS A CG  1 
ATOM 196  C CD  . LYS B 2 15  ? -17.551 1.001   -1.727  1.00 116.51 ?  169 LYS A CD  1 
ATOM 197  C CE  . LYS B 2 15  ? -18.733 0.827   -2.654  1.00 126.87 ?  169 LYS A CE  1 
ATOM 198  N NZ  . LYS B 2 15  ? -19.940 1.446   -2.055  1.00 135.75 ?  169 LYS A NZ  1 
ATOM 199  N N   . THR B 2 16  ? -14.939 -2.752  1.134   1.00 92.98  ?  170 THR A N   1 
ATOM 200  C CA  . THR B 2 16  ? -15.050 -3.217  2.519   1.00 92.79  ?  170 THR A CA  1 
ATOM 201  C C   . THR B 2 16  ? -15.457 -2.116  3.457   1.00 100.50 ?  170 THR A C   1 
ATOM 202  O O   . THR B 2 16  ? -15.757 -2.384  4.611   1.00 109.58 ?  170 THR A O   1 
ATOM 203  C CB  . THR B 2 16  ? -13.674 -3.612  3.052   1.00 96.20  ?  170 THR A CB  1 
ATOM 204  O OG1 . THR B 2 16  ? -12.993 -4.334  2.033   1.00 102.58 ?  170 THR A OG1 1 
ATOM 205  C CG2 . THR B 2 16  ? -13.759 -4.444  4.364   1.00 107.17 ?  170 THR A CG2 1 
ATOM 206  N N   . SER B 2 17  ? -15.381 -0.873  3.000   1.00 96.92  ?  171 SER A N   1 
ATOM 207  C CA  . SER B 2 17  ? -15.639 0.276   3.858   1.00 92.37  ?  171 SER A CA  1 
ATOM 208  C C   . SER B 2 17  ? -16.293 1.324   2.977   1.00 92.00  ?  171 SER A C   1 
ATOM 209  O O   . SER B 2 17  ? -16.342 1.169   1.740   1.00 98.91  ?  171 SER A O   1 
ATOM 210  C CB  . SER B 2 17  ? -14.346 0.740   4.612   1.00 92.48  ?  171 SER A CB  1 
ATOM 211  O OG  . SER B 2 17  ? -13.638 1.855   4.055   1.00 83.51  ?  171 SER A OG  1 
ATOM 212  N N   . GLY B 2 18  ? -16.850 2.348   3.613   1.00 90.55  ?  172 GLY A N   1 
ATOM 213  C CA  . GLY B 2 18  ? -17.667 3.347   2.903   1.00 90.41  ?  172 GLY A CA  1 
ATOM 214  C C   . GLY B 2 18  ? -16.848 4.252   2.010   1.00 88.61  ?  172 GLY A C   1 
ATOM 215  O O   . GLY B 2 18  ? -17.309 4.639   0.943   1.00 84.86  ?  172 GLY A O   1 
ATOM 216  N N   . SER B 2 19  ? -15.629 4.581   2.461   1.00 83.40  ?  173 SER A N   1 
ATOM 217  C CA  . SER B 2 19  ? -14.722 5.463   1.732   1.00 77.87  ?  173 SER A CA  1 
ATOM 218  C C   . SER B 2 19  ? -14.163 4.796   0.500   1.00 74.82  ?  173 SER A C   1 
ATOM 219  O O   . SER B 2 19  ? -13.771 5.499   -0.400  1.00 64.54  ?  173 SER A O   1 
ATOM 220  C CB  . SER B 2 19  ? -13.567 5.960   2.614   1.00 77.84  ?  173 SER A CB  1 
ATOM 221  O OG  . SER B 2 19  ? -13.026 4.915   3.414   1.00 82.10  ?  173 SER A OG  1 
ATOM 222  N N   . GLU B 2 20  ? -14.139 3.458   0.453   1.00 72.11  ?  174 GLU A N   1 
ATOM 223  C CA  . GLU B 2 20  ? -13.524 2.729   -0.671  1.00 71.48  ?  174 GLU A CA  1 
ATOM 224  C C   . GLU B 2 20  ? -14.357 2.911   -1.897  1.00 72.79  ?  174 GLU A C   1 
ATOM 225  O O   . GLU B 2 20  ? -15.445 3.400   -1.799  1.00 80.06  ?  174 GLU A O   1 
ATOM 226  C CB  . GLU B 2 20  ? -13.327 1.234   -0.327  1.00 72.14  ?  174 GLU A CB  1 
ATOM 227  C CG  . GLU B 2 20  ? -12.281 1.056   0.788   1.00 78.81  ?  174 GLU A CG  1 
ATOM 228  C CD  . GLU B 2 20  ? -12.267 -0.291  1.467   1.00 83.21  ?  174 GLU A CD  1 
ATOM 229  O OE1 . GLU B 2 20  ? -12.574 -1.286  0.774   1.00 81.13  ?  174 GLU A OE1 1 
ATOM 230  O OE2 . GLU B 2 20  ? -11.934 -0.347  2.687   1.00 99.75  -1 174 GLU A OE2 1 
ATOM 231  N N   . MET B 2 21  ? -13.805 2.585   -3.057  1.00 88.51  ?  175 MET A N   1 
ATOM 232  C CA  . MET B 2 21  ? -14.528 2.468   -4.351  1.00 83.54  ?  175 MET A CA  1 
ATOM 233  C C   . MET B 2 21  ? -14.332 1.024   -4.820  1.00 85.65  ?  175 MET A C   1 
ATOM 234  O O   . MET B 2 21  ? -13.412 0.360   -4.370  1.00 95.32  ?  175 MET A O   1 
ATOM 235  C CB  . MET B 2 21  ? -13.954 3.466   -5.365  1.00 81.22  ?  175 MET A CB  1 
ATOM 236  C CG  . MET B 2 21  ? -14.099 3.137   -6.847  1.00 81.25  ?  175 MET A CG  1 
ATOM 237  S SD  . MET B 2 21  ? -13.765 4.608   -7.856  1.00 84.49  ?  175 MET A SD  1 
ATOM 238  C CE  . MET B 2 21  ? -12.035 4.463   -8.252  1.00 97.27  ?  175 MET A CE  1 
ATOM 239  N N   . ALA B 2 22  ? -15.221 0.510   -5.660  1.00 103.62 ?  176 ALA A N   1 
ATOM 240  C CA  . ALA B 2 22  ? -15.116 -0.876  -6.155  1.00 90.12  ?  176 ALA A CA  1 
ATOM 241  C C   . ALA B 2 22  ? -14.487 -0.889  -7.555  1.00 84.50  ?  176 ALA A C   1 
ATOM 242  O O   . ALA B 2 22  ? -14.598 0.087   -8.323  1.00 85.81  ?  176 ALA A O   1 
ATOM 243  C CB  . ALA B 2 22  ? -16.489 -1.541  -6.142  1.00 93.15  ?  176 ALA A CB  1 
ATOM 244  N N   . LEU B 2 23  ? -13.772 -1.965  -7.869  1.00 86.47  ?  177 LEU A N   1 
ATOM 245  C CA  . LEU B 2 23  ? -13.159 -2.099  -9.189  1.00 93.63  ?  177 LEU A CA  1 
ATOM 246  C C   . LEU B 2 23  ? -13.586 -3.384  -9.865  1.00 109.87 ?  177 LEU A C   1 
ATOM 247  O O   . LEU B 2 23  ? -14.014 -4.360  -9.204  1.00 104.37 ?  177 LEU A O   1 
ATOM 248  C CB  . LEU B 2 23  ? -11.638 -2.079  -9.121  1.00 84.72  ?  177 LEU A CB  1 
ATOM 249  C CG  . LEU B 2 23  ? -10.971 -0.763  -8.758  1.00 82.51  ?  177 LEU A CG  1 
ATOM 250  C CD1 . LEU B 2 23  ? -9.482  -0.984  -8.552  1.00 86.69  ?  177 LEU A CD1 1 
ATOM 251  C CD2 . LEU B 2 23  ? -11.179 0.351   -9.764  1.00 86.42  ?  177 LEU A CD2 1 
ATOM 252  N N   . SER B 2 24  ? -13.468 -3.338  -11.193 1.00 111.77 ?  178 SER A N   1 
ATOM 253  C CA  . SER B 2 24  ? -13.544 -4.501  -12.054 1.00 108.77 ?  178 SER A CA  1 
ATOM 254  C C   . SER B 2 24  ? -12.336 -4.436  -12.997 1.00 103.20 ?  178 SER A C   1 
ATOM 255  O O   . SER B 2 24  ? -11.931 -3.339  -13.430 1.00 90.81  ?  178 SER A O   1 
ATOM 256  C CB  . SER B 2 24  ? -14.882 -4.503  -12.784 1.00 105.07 ?  178 SER A CB  1 
ATOM 257  O OG  . SER B 2 24  ? -15.919 -4.703  -11.841 1.00 99.84  ?  178 SER A OG  1 
ATOM 258  N N   . THR B 2 25  ? -11.735 -5.591  -13.286 1.00 90.61  ?  179 THR A N   1 
ATOM 259  C CA  . THR B 2 25  ? -10.522 -5.619  -14.106 1.00 96.29  ?  179 THR A CA  1 
ATOM 260  C C   . THR B 2 25  ? -10.684 -4.866  -15.438 1.00 99.94  ?  179 THR A C   1 
ATOM 261  O O   . THR B 2 25  ? -11.732 -4.943  -16.074 1.00 95.90  ?  179 THR A O   1 
ATOM 262  C CB  . THR B 2 25  ? -10.089 -7.051  -14.432 1.00 100.01 ?  179 THR A CB  1 
ATOM 263  O OG1 . THR B 2 25  ? -10.347 -7.908  -13.302 1.00 94.16  ?  179 THR A OG1 1 
ATOM 264  C CG2 . THR B 2 25  ? -8.592  -7.060  -14.841 1.00 94.41  ?  179 THR A CG2 1 
ATOM 265  N N   . GLY B 2 26  ? -9.652  -4.137  -15.846 1.00 97.84  ?  180 GLY A N   1 
ATOM 266  C CA  . GLY B 2 26  ? -9.744  -3.278  -17.023 1.00 91.92  ?  180 GLY A CA  1 
ATOM 267  C C   . GLY B 2 26  ? -10.176 -1.838  -16.778 1.00 92.78  ?  180 GLY A C   1 
ATOM 268  O O   . GLY B 2 26  ? -9.866  -0.977  -17.604 1.00 91.54  ?  180 GLY A O   1 
ATOM 269  N N   . ASP B 2 27  ? -10.876 -1.549  -15.671 1.00 89.98  ?  181 ASP A N   1 
ATOM 270  C CA  . ASP B 2 27  ? -11.295 -0.162  -15.375 1.00 91.86  ?  181 ASP A CA  1 
ATOM 271  C C   . ASP B 2 27  ? -10.109 0.857   -15.434 1.00 90.59  ?  181 ASP A C   1 
ATOM 272  O O   . ASP B 2 27  ? -8.995  0.586   -14.993 1.00 89.69  ?  181 ASP A O   1 
ATOM 273  C CB  . ASP B 2 27  ? -12.036 -0.071  -14.016 1.00 97.76  ?  181 ASP A CB  1 
ATOM 274  C CG  . ASP B 2 27  ? -13.441 -0.725  -14.031 1.00 105.11 ?  181 ASP A CG  1 
ATOM 275  O OD1 . ASP B 2 27  ? -14.142 -0.642  -15.062 1.00 114.16 ?  181 ASP A OD1 1 
ATOM 276  O OD2 . ASP B 2 27  ? -13.853 -1.319  -13.001 1.00 98.31  -1 181 ASP A OD2 1 
ATOM 277  N N   . VAL B 2 28  ? -10.344 2.022   -16.008 1.00 86.94  ?  182 VAL A N   1 
ATOM 278  C CA  . VAL B 2 28  ? -9.308  3.044   -16.114 1.00 88.04  ?  182 VAL A CA  1 
ATOM 279  C C   . VAL B 2 28  ? -9.668  4.230   -15.232 1.00 92.86  ?  182 VAL A C   1 
ATOM 280  O O   . VAL B 2 28  ? -10.682 4.924   -15.471 1.00 95.43  ?  182 VAL A O   1 
ATOM 281  C CB  . VAL B 2 28  ? -9.167  3.552   -17.554 1.00 85.50  ?  182 VAL A CB  1 
ATOM 282  C CG1 . VAL B 2 28  ? -8.159  4.715   -17.641 1.00 77.99  ?  182 VAL A CG1 1 
ATOM 283  C CG2 . VAL B 2 28  ? -8.799  2.394   -18.472 1.00 90.70  ?  182 VAL A CG2 1 
ATOM 284  N N   . VAL B 2 29  ? -8.797  4.492   -14.258 1.00 85.54  ?  183 VAL A N   1 
ATOM 285  C CA  . VAL B 2 29  ? -9.056  5.478   -13.217 1.00 82.66  ?  183 VAL A CA  1 
ATOM 286  C C   . VAL B 2 29  ? -8.063  6.601   -13.353 1.00 73.09  ?  183 VAL A C   1 
ATOM 287  O O   . VAL B 2 29  ? -7.000  6.401   -13.888 1.00 74.49  ?  183 VAL A O   1 
ATOM 288  C CB  . VAL B 2 29  ? -8.972  4.857   -11.803 1.00 87.15  ?  183 VAL A CB  1 
ATOM 289  C CG1 . VAL B 2 29  ? -9.826  3.589   -11.691 1.00 82.20  ?  183 VAL A CG1 1 
ATOM 290  C CG2 . VAL B 2 29  ? -7.529  4.557   -11.402 1.00 96.16  ?  183 VAL A CG2 1 
ATOM 291  N N   . GLU B 2 30  ? -8.431  7.781   -12.883 1.00 80.08  ?  184 GLU A N   1 
ATOM 292  C CA  . GLU B 2 30  ? -7.516  8.906   -12.801 1.00 91.54  ?  184 GLU A CA  1 
ATOM 293  C C   . GLU B 2 30  ? -7.198  9.049   -11.322 1.00 94.37  ?  184 GLU A C   1 
ATOM 294  O O   . GLU B 2 30  ? -8.089  8.930   -10.472 1.00 91.20  ?  184 GLU A O   1 
ATOM 295  C CB  . GLU B 2 30  ? -8.149  10.199  -13.320 1.00 96.48  ?  184 GLU A CB  1 
ATOM 296  C CG  . GLU B 2 30  ? -8.577  10.197  -14.780 1.00 107.47 ?  184 GLU A CG  1 
ATOM 297  C CD  . GLU B 2 30  ? -9.645  11.251  -15.089 1.00 112.46 ?  184 GLU A CD  1 
ATOM 298  O OE1 . GLU B 2 30  ? -10.830 10.850  -15.160 1.00 116.74 ?  184 GLU A OE1 1 
ATOM 299  O OE2 . GLU B 2 30  ? -9.313  12.466  -15.238 1.00 109.87 -1 184 GLU A OE2 1 
ATOM 300  N N   . VAL B 2 31  ? -5.941  9.323   -11.010 1.00 78.61  ?  185 VAL A N   1 
ATOM 301  C CA  . VAL B 2 31  ? -5.521  9.245   -9.655  1.00 82.63  ?  185 VAL A CA  1 
ATOM 302  C C   . VAL B 2 31  ? -5.486  10.610  -9.076  1.00 79.21  ?  185 VAL A C   1 
ATOM 303  O O   . VAL B 2 31  ? -4.715  11.419  -9.540  1.00 70.37  ?  185 VAL A O   1 
ATOM 304  C CB  . VAL B 2 31  ? -4.126  8.636   -9.540  1.00 87.14  ?  185 VAL A CB  1 
ATOM 305  C CG1 . VAL B 2 31  ? -3.631  8.706   -8.085  1.00 80.29  ?  185 VAL A CG1 1 
ATOM 306  C CG2 . VAL B 2 31  ? -4.183  7.206   -10.049 1.00 86.70  ?  185 VAL A CG2 1 
ATOM 307  N N   . VAL B 2 32  ? -6.252  10.814  -8.006  1.00 79.14  ?  186 VAL A N   1 
ATOM 308  C CA  . VAL B 2 32  ? -6.298  12.090  -7.329  1.00 77.21  ?  186 VAL A CA  1 
ATOM 309  C C   . VAL B 2 32  ? -5.249  12.242  -6.244  1.00 77.45  ?  186 VAL A C   1 
ATOM 310  O O   . VAL B 2 32  ? -4.605  13.293  -6.154  1.00 71.59  ?  186 VAL A O   1 
ATOM 311  C CB  . VAL B 2 32  ? -7.676  12.348  -6.718  1.00 82.66  ?  186 VAL A CB  1 
ATOM 312  C CG1 . VAL B 2 32  ? -7.707  13.722  -6.032  1.00 77.54  ?  186 VAL A CG1 1 
ATOM 313  C CG2 . VAL B 2 32  ? -8.742  12.245  -7.807  1.00 85.32  ?  186 VAL A CG2 1 
ATOM 314  N N   . GLU B 2 33  ? -5.111  11.241  -5.374  1.00 89.87  ?  187 GLU A N   1 
ATOM 315  C CA  . GLU B 2 33  ? -4.097  11.293  -4.289  1.00 78.28  ?  187 GLU A CA  1 
ATOM 316  C C   . GLU B 2 33  ? -3.486  9.934   -4.071  1.00 85.89  ?  187 GLU A C   1 
ATOM 317  O O   . GLU B 2 33  ? -4.214  8.921   -4.084  1.00 77.44  ?  187 GLU A O   1 
ATOM 318  C CB  . GLU B 2 33  ? -4.678  11.796  -2.974  1.00 80.68  ?  187 GLU A CB  1 
ATOM 319  C CG  . GLU B 2 33  ? -3.616  12.287  -2.004  1.00 91.59  ?  187 GLU A CG  1 
ATOM 320  C CD  . GLU B 2 33  ? -4.192  13.026  -0.807  1.00 101.80 ?  187 GLU A CD  1 
ATOM 321  O OE1 . GLU B 2 33  ? -4.930  14.029  -1.041  1.00 91.00  ?  187 GLU A OE1 1 
ATOM 322  O OE2 . GLU B 2 33  ? -3.879  12.602  0.349   1.00 100.97 -1 187 GLU A OE2 1 
ATOM 323  N N   . LYS B 2 34  ? -2.157  9.912   -3.878  1.00 84.43  ?  188 LYS A N   1 
ATOM 324  C CA  . LYS B 2 34  ? -1.441  8.682   -3.579  1.00 82.31  ?  188 LYS A CA  1 
ATOM 325  C C   . LYS B 2 34  ? -0.951  8.743   -2.147  1.00 85.37  ?  188 LYS A C   1 
ATOM 326  O O   . LYS B 2 34  ? -0.189  9.628   -1.785  1.00 92.71  ?  188 LYS A O   1 
ATOM 327  C CB  . LYS B 2 34  ? -0.272  8.497   -4.511  1.00 80.27  ?  188 LYS A CB  1 
ATOM 328  C CG  . LYS B 2 34  ? -0.662  8.195   -5.939  1.00 87.25  ?  188 LYS A CG  1 
ATOM 329  C CD  . LYS B 2 34  ? 0.587   7.946   -6.777  1.00 88.20  ?  188 LYS A CD  1 
ATOM 330  C CE  . LYS B 2 34  ? 0.284   7.769   -8.255  1.00 90.89  ?  188 LYS A CE  1 
ATOM 331  N NZ  . LYS B 2 34  ? 1.368   8.351   -9.082  1.00 83.45  ?  188 LYS A NZ  1 
ATOM 332  N N   . SER B 2 35  ? -1.406  7.804   -1.332  1.00 81.29  ?  189 SER A N   1 
ATOM 333  C CA  . SER B 2 35  ? -1.033  7.736   0.072   1.00 78.81  ?  189 SER A CA  1 
ATOM 334  C C   . SER B 2 35  ? -0.002  6.637   0.215   1.00 74.72  ?  189 SER A C   1 
ATOM 335  O O   . SER B 2 35  ? -0.081  5.579   -0.471  1.00 69.73  ?  189 SER A O   1 
ATOM 336  C CB  . SER B 2 35  ? -2.273  7.427   0.920   1.00 76.66  ?  189 SER A CB  1 
ATOM 337  O OG  . SER B 2 35  ? -2.043  7.593   2.297   1.00 73.68  ?  189 SER A OG  1 
ATOM 338  N N   . GLU B 2 36  ? 0.970   6.892   1.097   1.00 78.21  ?  190 GLU A N   1 
ATOM 339  C CA  . GLU B 2 36  ? 2.046   5.920   1.363   1.00 81.57  ?  190 GLU A CA  1 
ATOM 340  C C   . GLU B 2 36  ? 1.432   4.717   2.048   1.00 77.08  ?  190 GLU A C   1 
ATOM 341  O O   . GLU B 2 36  ? 2.008   3.622   1.975   1.00 81.13  ?  190 GLU A O   1 
ATOM 342  C CB  . GLU B 2 36  ? 3.259   6.508   2.146   1.00 92.15  ?  190 GLU A CB  1 
ATOM 343  C CG  . GLU B 2 36  ? 3.318   6.217   3.660   1.00 109.37 ?  190 GLU A CG  1 
ATOM 344  C CD  . GLU B 2 36  ? 4.359   7.054   4.409   1.00 102.91 ?  190 GLU A CD  1 
ATOM 345  O OE1 . GLU B 2 36  ? 5.470   7.227   3.836   1.00 75.77  ?  190 GLU A OE1 1 
ATOM 346  O OE2 . GLU B 2 36  ? 4.050   7.518   5.561   1.00 89.65  -1 190 GLU A OE2 1 
ATOM 347  N N   . SER B 2 37  ? 0.257   4.938   2.666   1.00 68.33  ?  191 SER A N   1 
ATOM 348  C CA  . SER B 2 37  ? -0.606  3.882   3.196   1.00 70.16  ?  191 SER A CA  1 
ATOM 349  C C   . SER B 2 37  ? -0.850  2.718   2.256   1.00 65.60  ?  191 SER A C   1 
ATOM 350  O O   . SER B 2 37  ? -1.129  1.633   2.734   1.00 64.15  ?  191 SER A O   1 
ATOM 351  C CB  . SER B 2 37  ? -1.960  4.448   3.570   1.00 62.66  ?  191 SER A CB  1 
ATOM 352  O OG  . SER B 2 37  ? -2.633  4.801   2.386   1.00 75.34  ?  191 SER A OG  1 
ATOM 353  N N   . GLY B 2 38  ? -0.755  2.976   0.942   1.00 69.91  ?  192 GLY A N   1 
ATOM 354  C CA  . GLY B 2 38  ? -0.952  1.983   -0.126  1.00 67.64  ?  192 GLY A CA  1 
ATOM 355  C C   . GLY B 2 38  ? -2.331  2.030   -0.749  1.00 69.12  ?  192 GLY A C   1 
ATOM 356  O O   . GLY B 2 38  ? -2.669  1.135   -1.546  1.00 71.15  ?  192 GLY A O   1 
ATOM 357  N N   . TRP B 2 39  ? -3.115  3.031   -0.305  1.00 70.53  ?  193 TRP A N   1 
ATOM 358  C CA  . TRP B 2 39  ? -4.471  3.365   -0.745  1.00 70.14  ?  193 TRP A CA  1 
ATOM 359  C C   . TRP B 2 39  ? -4.376  4.620   -1.607  1.00 72.71  ?  193 TRP A C   1 
ATOM 360  O O   . TRP B 2 39  ? -3.753  5.603   -1.201  1.00 71.21  ?  193 TRP A O   1 
ATOM 361  C CB  . TRP B 2 39  ? -5.364  3.742   0.432   1.00 62.55  ?  193 TRP A CB  1 
ATOM 362  C CG  . TRP B 2 39  ? -5.796  2.686   1.362   1.00 61.85  ?  193 TRP A CG  1 
ATOM 363  C CD1 . TRP B 2 39  ? -5.443  2.559   2.661   1.00 75.54  ?  193 TRP A CD1 1 
ATOM 364  C CD2 . TRP B 2 39  ? -6.733  1.663   1.113   1.00 60.34  ?  193 TRP A CD2 1 
ATOM 365  N NE1 . TRP B 2 39  ? -6.071  1.469   3.246   1.00 68.82  ?  193 TRP A NE1 1 
ATOM 366  C CE2 . TRP B 2 39  ? -6.874  0.907   2.298   1.00 69.11  ?  193 TRP A CE2 1 
ATOM 367  C CE3 . TRP B 2 39  ? -7.452  1.282   0.004   1.00 69.37  ?  193 TRP A CE3 1 
ATOM 368  C CZ2 . TRP B 2 39  ? -7.729  -0.182  2.394   1.00 65.34  ?  193 TRP A CZ2 1 
ATOM 369  C CZ3 . TRP B 2 39  ? -8.315  0.177   0.108   1.00 71.50  ?  193 TRP A CZ3 1 
ATOM 370  C CH2 . TRP B 2 39  ? -8.448  -0.523  1.280   1.00 60.57  ?  193 TRP A CH2 1 
ATOM 371  N N   . TRP B 2 40  ? -5.005  4.616   -2.771  1.00 70.24  ?  194 TRP A N   1 
ATOM 372  C CA  . TRP B 2 40  ? -4.986  5.780   -3.645  1.00 73.06  ?  194 TRP A CA  1 
ATOM 373  C C   . TRP B 2 40  ? -6.406  6.244   -3.852  1.00 79.59  ?  194 TRP A C   1 
ATOM 374  O O   . TRP B 2 40  ? -7.301  5.426   -4.095  1.00 79.87  ?  194 TRP A O   1 
ATOM 375  C CB  . TRP B 2 40  ? -4.407  5.401   -5.002  1.00 78.57  ?  194 TRP A CB  1 
ATOM 376  C CG  . TRP B 2 40  ? -2.926  5.212   -5.053  1.00 92.00  ?  194 TRP A CG  1 
ATOM 377  C CD1 . TRP B 2 40  ? -2.040  5.273   -4.016  1.00 81.23  ?  194 TRP A CD1 1 
ATOM 378  C CD2 . TRP B 2 40  ? -2.152  4.893   -6.214  1.00 87.61  ?  194 TRP A CD2 1 
ATOM 379  N NE1 . TRP B 2 40  ? -0.786  5.027   -4.462  1.00 70.90  ?  194 TRP A NE1 1 
ATOM 380  C CE2 . TRP B 2 40  ? -0.813  4.798   -5.805  1.00 75.55  ?  194 TRP A CE2 1 
ATOM 381  C CE3 . TRP B 2 40  ? -2.461  4.705   -7.557  1.00 83.27  ?  194 TRP A CE3 1 
ATOM 382  C CZ2 . TRP B 2 40  ? 0.215   4.527   -6.682  1.00 79.52  ?  194 TRP A CZ2 1 
ATOM 383  C CZ3 . TRP B 2 40  ? -1.425  4.415   -8.437  1.00 87.39  ?  194 TRP A CZ3 1 
ATOM 384  C CH2 . TRP B 2 40  ? -0.109  4.334   -7.997  1.00 83.33  ?  194 TRP A CH2 1 
ATOM 385  N N   . PHE B 2 41  ? -6.617  7.553   -3.800  1.00 77.69  ?  195 PHE A N   1 
ATOM 386  C CA  . PHE B 2 41  ? -7.902  8.095   -4.130  1.00 73.62  ?  195 PHE A CA  1 
ATOM 387  C C   . PHE B 2 41  ? -8.008  8.345   -5.638  1.00 74.69  ?  195 PHE A C   1 
ATOM 388  O O   . PHE B 2 41  ? -7.251  9.133   -6.206  1.00 72.25  ?  195 PHE A O   1 
ATOM 389  C CB  . PHE B 2 41  ? -8.155  9.364   -3.339  1.00 77.88  ?  195 PHE A CB  1 
ATOM 390  C CG  . PHE B 2 41  ? -9.605  9.711   -3.239  1.00 79.02  ?  195 PHE A CG  1 
ATOM 391  C CD1 . PHE B 2 41  ? -10.458 8.911   -2.511  1.00 90.88  ?  195 PHE A CD1 1 
ATOM 392  C CD2 . PHE B 2 41  ? -10.120 10.800  -3.905  1.00 75.14  ?  195 PHE A CD2 1 
ATOM 393  C CE1 . PHE B 2 41  ? -11.800 9.209   -2.425  1.00 91.51  ?  195 PHE A CE1 1 
ATOM 394  C CE2 . PHE B 2 41  ? -11.442 11.120  -3.814  1.00 77.65  ?  195 PHE A CE2 1 
ATOM 395  C CZ  . PHE B 2 41  ? -12.292 10.319  -3.081  1.00 90.91  ?  195 PHE A CZ  1 
ATOM 396  N N   . CYS B 2 42  ? -8.981  7.681   -6.264  1.00 75.49  ?  196 CYS A N   1 
ATOM 397  C CA  . CYS B 2 42  ? -9.164  7.702   -7.721  1.00 87.33  ?  196 CYS A CA  1 
ATOM 398  C C   . CYS B 2 42  ? -10.598 7.945   -8.186  1.00 86.56  ?  196 CYS A C   1 
ATOM 399  O O   . CYS B 2 42  ? -11.539 7.546   -7.504  1.00 82.13  ?  196 CYS A O   1 
ATOM 400  C CB  . CYS B 2 42  ? -8.720  6.366   -8.300  1.00 89.02  ?  196 CYS A CB  1 
ATOM 401  S SG  . CYS B 2 42  ? -7.109  5.849   -7.669  1.00 90.47  ?  196 CYS A SG  1 
ATOM 402  N N   . GLN B 2 43  ? -10.748 8.560   -9.365  1.00 88.32  ?  197 GLN A N   1 
ATOM 403  C CA  . GLN B 2 43  ? -12.079 8.831   -9.957  1.00 86.11  ?  197 GLN A CA  1 
ATOM 404  C C   . GLN B 2 43  ? -12.317 8.051   -11.247 1.00 80.52  ?  197 GLN A C   1 
ATOM 405  O O   . GLN B 2 43  ? -11.409 7.796   -12.000 1.00 87.80  ?  197 GLN A O   1 
ATOM 406  C CB  . GLN B 2 43  ? -12.349 10.341  -10.157 1.00 74.50  ?  197 GLN A CB  1 
ATOM 407  C CG  . GLN B 2 43  ? -11.402 11.079  -11.072 1.00 76.37  ?  197 GLN A CG  1 
ATOM 408  C CD  . GLN B 2 43  ? -11.614 12.595  -11.059 1.00 92.20  ?  197 GLN A CD  1 
ATOM 409  O OE1 . GLN B 2 43  ? -11.738 13.212  -10.004 1.00 85.37  ?  197 GLN A OE1 1 
ATOM 410  N NE2 . GLN B 2 43  ? -11.614 13.207  -12.241 1.00 102.90 ?  197 GLN A NE2 1 
ATOM 411  N N   . MET B 2 44  ? -13.560 7.635   -11.438 1.00 96.80  ?  198 MET A N   1 
ATOM 412  C CA  . MET B 2 44  ? -14.068 7.115   -12.692 1.00 92.14  ?  198 MET A CA  1 
ATOM 413  C C   . MET B 2 44  ? -15.280 7.996   -13.127 1.00 100.28 ?  198 MET A C   1 
ATOM 414  O O   . MET B 2 44  ? -15.535 9.166   -12.665 1.00 75.94  ?  198 MET A O   1 
ATOM 415  C CB  . MET B 2 44  ? -14.534 5.648   -12.503 1.00 95.29  ?  198 MET A CB  1 
ATOM 416  C CG  . MET B 2 44  ? -13.456 4.583   -12.439 1.00 97.07  ?  198 MET A CG  1 
ATOM 417  S SD  . MET B 2 44  ? -14.078 2.866   -12.668 1.00 109.72 ?  198 MET A SD  1 
ATOM 418  C CE  . MET B 2 44  ? -15.123 2.597   -11.241 1.00 103.86 ?  198 MET A CE  1 
ATOM 419  N N   . LYS B 2 45  ? -15.991 7.429   -14.087 1.00 103.52 ?  199 LYS A N   1 
ATOM 420  C CA  . LYS B 2 45  ? -17.314 7.841   -14.397 1.00 111.78 ?  199 LYS A CA  1 
ATOM 421  C C   . LYS B 2 45  ? -18.203 7.309   -13.288 1.00 95.27  ?  199 LYS A C   1 
ATOM 422  O O   . LYS B 2 45  ? -18.228 6.102   -13.021 1.00 77.31  ?  199 LYS A O   1 
ATOM 423  C CB  . LYS B 2 45  ? -17.709 7.336   -15.796 1.00 124.89 ?  199 LYS A CB  1 
ATOM 424  C CG  . LYS B 2 45  ? -16.921 8.079   -16.878 1.00 148.34 ?  199 LYS A CG  1 
ATOM 425  C CD  . LYS B 2 45  ? -16.755 7.333   -18.204 1.00 156.33 ?  199 LYS A CD  1 
ATOM 426  C CE  . LYS B 2 45  ? -15.619 7.962   -19.019 1.00 150.10 ?  199 LYS A CE  1 
ATOM 427  N NZ  . LYS B 2 45  ? -15.763 7.756   -20.483 1.00 155.31 ?  199 LYS A NZ  1 
ATOM 428  N N   . GLY B 2 46  ? -18.891 8.244   -12.628 1.00 87.19  ?  200 GLY A N   1 
ATOM 429  C CA  . GLY B 2 46  ? -19.894 7.926   -11.620 1.00 90.26  ?  200 GLY A CA  1 
ATOM 430  C C   . GLY B 2 46  ? -19.401 7.286   -10.342 1.00 94.07  ?  200 GLY A C   1 
ATOM 431  O O   . GLY B 2 46  ? -20.186 6.697   -9.593  1.00 101.51 ?  200 GLY A O   1 
ATOM 432  N N   . LYS B 2 47  ? -18.112 7.402   -10.065 1.00 87.90  ?  201 LYS A N   1 
ATOM 433  C CA  . LYS B 2 47  ? -17.529 6.681   -8.932  1.00 95.51  ?  201 LYS A CA  1 
ATOM 434  C C   . LYS B 2 47  ? -16.251 7.377   -8.499  1.00 81.97  ?  201 LYS A C   1 
ATOM 435  O O   . LYS B 2 47  ? -15.436 7.736   -9.339  1.00 87.89  ?  201 LYS A O   1 
ATOM 436  C CB  . LYS B 2 47  ? -17.213 5.228   -9.343  1.00 101.52 ?  201 LYS A CB  1 
ATOM 437  C CG  . LYS B 2 47  ? -18.096 4.121   -8.776  1.00 107.59 ?  201 LYS A CG  1 
ATOM 438  C CD  . LYS B 2 47  ? -17.502 2.730   -9.108  1.00 118.18 ?  201 LYS A CD  1 
ATOM 439  C CE  . LYS B 2 47  ? -18.015 1.574   -8.232  1.00 127.29 ?  201 LYS A CE  1 
ATOM 440  N NZ  . LYS B 2 47  ? -19.080 0.726   -8.860  1.00 132.73 ?  201 LYS A NZ  1 
ATOM 441  N N   . ARG B 2 48  ? -16.076 7.556   -7.201  1.00 76.50  ?  202 ARG A N   1 
ATOM 442  C CA  . ARG B 2 48  ? -14.792 7.961   -6.677  1.00 75.53  ?  202 ARG A CA  1 
ATOM 443  C C   . ARG B 2 48  ? -14.576 7.507   -5.257  1.00 82.08  ?  202 ARG A C   1 
ATOM 444  O O   . ARG B 2 48  ? -15.440 7.714   -4.412  1.00 92.96  ?  202 ARG A O   1 
ATOM 445  C CB  . ARG B 2 48  ? -14.579 9.454   -6.791  1.00 67.92  ?  202 ARG A CB  1 
ATOM 446  C CG  . ARG B 2 48  ? -15.739 10.275  -6.328  1.00 66.11  ?  202 ARG A CG  1 
ATOM 447  C CD  . ARG B 2 48  ? -15.633 11.647  -6.961  1.00 68.04  ?  202 ARG A CD  1 
ATOM 448  N NE  . ARG B 2 48  ? -14.676 12.442  -6.205  1.00 73.69  ?  202 ARG A NE  1 
ATOM 449  C CZ  . ARG B 2 48  ? -13.591 13.033  -6.678  1.00 80.22  ?  202 ARG A CZ  1 
ATOM 450  N NH1 . ARG B 2 48  ? -13.259 12.985  -7.962  1.00 104.06 ?  202 ARG A NH1 1 
ATOM 451  N NH2 . ARG B 2 48  ? -12.834 13.708  -5.844  1.00 78.36  ?  202 ARG A NH2 1 
ATOM 452  N N   . GLY B 2 49  ? -13.392 6.912   -5.023  1.00 88.68  ?  203 GLY A N   1 
ATOM 453  C CA  . GLY B 2 49  ? -13.046 6.302   -3.748  1.00 86.93  ?  203 GLY A CA  1 
ATOM 454  C C   . GLY B 2 49  ? -11.609 5.828   -3.620  1.00 79.27  ?  203 GLY A C   1 
ATOM 455  O O   . GLY B 2 49  ? -10.803 5.998   -4.519  1.00 71.22  ?  203 GLY A O   1 
ATOM 456  N N   . TRP B 2 50  ? -11.317 5.233   -2.470  1.00 77.12  ?  204 TRP A N   1 
ATOM 457  C CA  . TRP B 2 50  ? -9.991  4.761   -2.148  1.00 76.14  ?  204 TRP A CA  1 
ATOM 458  C C   . TRP B 2 50  ? -9.854  3.362   -2.635  1.00 73.45  ?  204 TRP A C   1 
ATOM 459  O O   . TRP B 2 50  ? -10.686 2.536   -2.402  1.00 76.14  ?  204 TRP A O   1 
ATOM 460  C CB  . TRP B 2 50  ? -9.750  4.758   -0.667  1.00 72.02  ?  204 TRP A CB  1 
ATOM 461  C CG  . TRP B 2 50  ? -9.617  6.103   -0.104  1.00 71.53  ?  204 TRP A CG  1 
ATOM 462  C CD1 . TRP B 2 50  ? -10.574 6.799   0.509   1.00 68.40  ?  204 TRP A CD1 1 
ATOM 463  C CD2 . TRP B 2 50  ? -8.442  6.907   -0.066  1.00 70.73  ?  204 TRP A CD2 1 
ATOM 464  N NE1 . TRP B 2 50  ? -10.092 8.007   0.934   1.00 70.00  ?  204 TRP A NE1 1 
ATOM 465  C CE2 . TRP B 2 50  ? -8.779  8.100   0.594   1.00 70.02  ?  204 TRP A CE2 1 
ATOM 466  C CE3 . TRP B 2 50  ? -7.130  6.739   -0.526  1.00 79.38  ?  204 TRP A CE3 1 
ATOM 467  C CZ2 . TRP B 2 50  ? -7.857  9.123   0.828   1.00 66.60  ?  204 TRP A CZ2 1 
ATOM 468  C CZ3 . TRP B 2 50  ? -6.207  7.765   -0.315  1.00 72.69  ?  204 TRP A CZ3 1 
ATOM 469  C CH2 . TRP B 2 50  ? -6.583  8.945   0.363   1.00 70.46  ?  204 TRP A CH2 1 
ATOM 470  N N   . ILE B 2 51  ? -8.742  3.118   -3.276  1.00 77.46  ?  205 ILE A N   1 
ATOM 471  C CA  . ILE B 2 51  ? -8.502  1.947   -4.064  1.00 73.20  ?  205 ILE A CA  1 
ATOM 472  C C   . ILE B 2 51  ? -7.143  1.491   -3.587  1.00 69.05  ?  205 ILE A C   1 
ATOM 473  O O   . ILE B 2 51  ? -6.280  2.329   -3.308  1.00 73.42  ?  205 ILE A O   1 
ATOM 474  C CB  . ILE B 2 51  ? -8.543  2.377   -5.563  1.00 76.75  ?  205 ILE A CB  1 
ATOM 475  C CG1 . ILE B 2 51  ? -9.954  2.249   -6.072  1.00 93.57  ?  205 ILE A CG1 1 
ATOM 476  C CG2 . ILE B 2 51  ? -7.670  1.572   -6.481  1.00 89.95  ?  205 ILE A CG2 1 
ATOM 477  C CD1 . ILE B 2 51  ? -10.642 0.965   -5.677  1.00 93.47  ?  205 ILE A CD1 1 
ATOM 478  N N   . PRO B 2 52  ? -6.947  0.187   -3.453  1.00 65.61  ?  206 PRO A N   1 
ATOM 479  C CA  . PRO B 2 52  ? -5.594  -0.361  -3.269  1.00 65.14  ?  206 PRO A CA  1 
ATOM 480  C C   . PRO B 2 52  ? -4.689  -0.168  -4.476  1.00 64.96  ?  206 PRO A C   1 
ATOM 481  O O   . PRO B 2 52  ? -5.000  -0.682  -5.539  1.00 69.06  ?  206 PRO A O   1 
ATOM 482  C CB  . PRO B 2 52  ? -5.835  -1.853  -3.069  1.00 70.43  ?  206 PRO A CB  1 
ATOM 483  C CG  . PRO B 2 52  ? -7.296  -1.994  -2.782  1.00 78.38  ?  206 PRO A CG  1 
ATOM 484  C CD  . PRO B 2 52  ? -7.989  -0.835  -3.401  1.00 71.45  ?  206 PRO A CD  1 
ATOM 485  N N   . ALA B 2 53  ? -3.566  0.523   -4.312  1.00 67.47  ?  207 ALA A N   1 
ATOM 486  C CA  . ALA B 2 53  ? -2.616  0.751   -5.432  1.00 75.13  ?  207 ALA A CA  1 
ATOM 487  C C   . ALA B 2 53  ? -2.017  -0.539  -6.018  1.00 70.28  ?  207 ALA A C   1 
ATOM 488  O O   . ALA B 2 53  ? -1.787  -0.666  -7.228  1.00 68.92  ?  207 ALA A O   1 
ATOM 489  C CB  . ALA B 2 53  ? -1.494  1.704   -5.009  1.00 73.42  ?  207 ALA A CB  1 
ATOM 490  N N   . SER B 2 54  ? -1.742  -1.481  -5.137  1.00 84.69  ?  208 SER A N   1 
ATOM 491  C CA  . SER B 2 54  ? -1.470  -2.879  -5.500  1.00 82.30  ?  208 SER A CA  1 
ATOM 492  C C   . SER B 2 54  ? -2.285  -3.388  -6.732  1.00 81.29  ?  208 SER A C   1 
ATOM 493  O O   . SER B 2 54  ? -1.760  -4.121  -7.557  1.00 85.15  ?  208 SER A O   1 
ATOM 494  C CB  . SER B 2 54  ? -1.728  -3.739  -4.251  1.00 86.28  ?  208 SER A CB  1 
ATOM 495  O OG  . SER B 2 54  ? -2.323  -4.952  -4.591  1.00 92.10  ?  208 SER A OG  1 
ATOM 496  N N   . PHE B 2 55  ? -3.543  -2.960  -6.866  1.00 81.62  ?  209 PHE A N   1 
ATOM 497  C CA  . PHE B 2 55  ? -4.442  -3.434  -7.922  1.00 76.02  ?  209 PHE A CA  1 
ATOM 498  C C   . PHE B 2 55  ? -4.360  -2.597  -9.201  1.00 75.27  ?  209 PHE A C   1 
ATOM 499  O O   . PHE B 2 55  ? -5.228  -2.717  -10.051 1.00 78.21  ?  209 PHE A O   1 
ATOM 500  C CB  . PHE B 2 55  ? -5.898  -3.455  -7.431  1.00 70.90  ?  209 PHE A CB  1 
ATOM 501  C CG  . PHE B 2 55  ? -6.184  -4.484  -6.379  1.00 74.14  ?  209 PHE A CG  1 
ATOM 502  C CD1 . PHE B 2 55  ? -5.350  -4.661  -5.278  1.00 81.80  ?  209 PHE A CD1 1 
ATOM 503  C CD2 . PHE B 2 55  ? -7.336  -5.274  -6.461  1.00 79.33  ?  209 PHE A CD2 1 
ATOM 504  C CE1 . PHE B 2 55  ? -5.647  -5.612  -4.292  1.00 89.13  ?  209 PHE A CE1 1 
ATOM 505  C CE2 . PHE B 2 55  ? -7.644  -6.229  -5.477  1.00 78.43  ?  209 PHE A CE2 1 
ATOM 506  C CZ  . PHE B 2 55  ? -6.801  -6.394  -4.390  1.00 81.93  ?  209 PHE A CZ  1 
ATOM 507  N N   . LEU B 2 56  ? -3.302  -1.809  -9.387  1.00 81.60  ?  210 LEU A N   1 
ATOM 508  C CA  . LEU B 2 56  ? -3.179  -0.975  -10.569 1.00 88.44  ?  210 LEU A CA  1 
ATOM 509  C C   . LEU B 2 56  ? -1.834  -1.119  -11.329 1.00 99.61  ?  210 LEU A C   1 
ATOM 510  O O   . LEU B 2 56  ? -0.765  -1.041  -10.727 1.00 118.48 ?  210 LEU A O   1 
ATOM 511  C CB  . LEU B 2 56  ? -3.365  0.478   -10.130 1.00 90.49  ?  210 LEU A CB  1 
ATOM 512  C CG  . LEU B 2 56  ? -4.667  0.815   -9.388  1.00 92.04  ?  210 LEU A CG  1 
ATOM 513  C CD1 . LEU B 2 56  ? -4.611  2.224   -8.807  1.00 88.71  ?  210 LEU A CD1 1 
ATOM 514  C CD2 . LEU B 2 56  ? -5.872  0.669   -10.302 1.00 95.34  ?  210 LEU A CD2 1 
ATOM 515  N N   . GLU B 2 57  ? -1.912  -1.307  -12.650 1.00 101.87 ?  211 GLU A N   1 
ATOM 516  C CA  . GLU B 2 57  ? -0.818  -1.002  -13.579 1.00 102.01 ?  211 GLU A CA  1 
ATOM 517  C C   . GLU B 2 57  ? -0.989  0.445   -14.045 1.00 98.44  ?  211 GLU A C   1 
ATOM 518  O O   . GLU B 2 57  ? -2.119  0.886   -14.146 1.00 107.50 ?  211 GLU A O   1 
ATOM 519  C CB  . GLU B 2 57  ? -0.935  -1.877  -14.827 1.00 119.96 ?  211 GLU A CB  1 
ATOM 520  C CG  . GLU B 2 57  ? -0.170  -3.188  -14.804 1.00 134.40 ?  211 GLU A CG  1 
ATOM 521  C CD  . GLU B 2 57  ? -0.479  -4.058  -16.021 1.00 142.35 ?  211 GLU A CD  1 
ATOM 522  O OE1 . GLU B 2 57  ? -0.261  -5.295  -15.947 1.00 135.87 ?  211 GLU A OE1 1 
ATOM 523  O OE2 . GLU B 2 57  ? -0.950  -3.506  -17.049 1.00 135.15 ?  211 GLU A OE2 1 
ATOM 524  N N   . PRO B 2 58  ? 0.101   1.174   -14.392 1.00 105.86 ?  212 PRO A N   1 
ATOM 525  C CA  . PRO B 2 58  ? -0.094  2.473   -15.108 1.00 119.04 ?  212 PRO A CA  1 
ATOM 526  C C   . PRO B 2 58  ? -0.355  2.333   -16.616 1.00 123.64 ?  212 PRO A C   1 
ATOM 527  O O   . PRO B 2 58  ? -0.261  1.228   -17.165 1.00 117.63 ?  212 PRO A O   1 
ATOM 528  C CB  . PRO B 2 58  ? 1.225   3.247   -14.861 1.00 112.69 ?  212 PRO A CB  1 
ATOM 529  C CG  . PRO B 2 58  ? 2.169   2.286   -14.225 1.00 105.42 ?  212 PRO A CG  1 
ATOM 530  C CD  . PRO B 2 58  ? 1.528   0.913   -14.141 1.00 104.14 ?  212 PRO A CD  1 
ATOM 531  N N   . LEU B 2 59  ? -0.678  3.447   -17.273 1.00 128.36 ?  213 LEU A N   1 
ATOM 532  C CA  . LEU B 2 59  ? -0.826  3.446   -18.725 1.00 140.12 ?  213 LEU A CA  1 
ATOM 533  C C   . LEU B 2 59  ? 0.349   4.189   -19.331 1.00 144.18 ?  213 LEU A C   1 
ATOM 534  O O   . LEU B 2 59  ? 0.183   5.189   -20.024 1.00 147.45 ?  213 LEU A O   1 
ATOM 535  C CB  . LEU B 2 59  ? -2.172  4.050   -19.147 1.00 142.14 ?  213 LEU A CB  1 
ATOM 536  C CG  . LEU B 2 59  ? -3.394  3.123   -19.102 1.00 139.95 ?  213 LEU A CG  1 
ATOM 537  C CD1 . LEU B 2 59  ? -4.589  3.908   -19.628 1.00 126.17 ?  213 LEU A CD1 1 
ATOM 538  C CD2 . LEU B 2 59  ? -3.204  1.813   -19.880 1.00 132.58 ?  213 LEU A CD2 1 
ATOM 539  N N   . ASP B 2 60  ? 1.546   3.665   -19.072 1.00 159.38 ?  214 ASP A N   1 
ATOM 540  C CA  . ASP B 2 60  ? 2.815   4.292   -19.492 1.00 165.96 ?  214 ASP A CA  1 
ATOM 541  C C   . ASP B 2 60  ? 3.851   3.265   -19.967 1.00 172.74 ?  214 ASP A C   1 
ATOM 542  O O   . ASP B 2 60  ? 4.231   3.265   -21.136 1.00 163.23 ?  214 ASP A O   1 
ATOM 543  C CB  . ASP B 2 60  ? 3.409   5.145   -18.347 1.00 154.68 ?  214 ASP A CB  1 
ATOM 544  C CG  . ASP B 2 60  ? 3.240   6.637   -18.566 1.00 141.12 ?  214 ASP A CG  1 
ATOM 545  O OD1 . ASP B 2 60  ? 2.338   7.044   -19.322 1.00 133.12 ?  214 ASP A OD1 1 
ATOM 546  O OD2 . ASP B 2 60  ? 4.015   7.411   -17.974 1.00 124.81 ?  214 ASP A OD2 1 
ATOM 547  N N   . SER B 2 61  ? 4.305   2.410   -19.052 1.00 177.47 ?  215 SER A N   1 
ATOM 548  C CA  . SER B 2 61  ? 5.297   1.371   -19.351 1.00 170.20 ?  215 SER A CA  1 
ATOM 549  C C   . SER B 2 61  ? 4.968   0.074   -18.570 1.00 169.62 ?  215 SER A C   1 
ATOM 550  O O   . SER B 2 61  ? 5.859   -0.528  -17.959 1.00 151.76 ?  215 SER A O   1 
ATOM 551  C CB  . SER B 2 61  ? 6.714   1.902   -19.050 1.00 166.17 ?  215 SER A CB  1 
ATOM 552  O OG  . SER B 2 61  ? 6.762   2.648   -17.844 1.00 153.31 ?  215 SER A OG  1 
ATOM 553  N N   . PRO B 2 62  ? 3.689   -0.387  -18.650 1.00 182.78 ?  216 PRO A N   1 
ATOM 554  C CA  . PRO B 2 62  ? 2.962   -1.327  -17.751 1.00 187.09 ?  216 PRO A CA  1 
ATOM 555  C C   . PRO B 2 62  ? 3.711   -2.317  -16.805 1.00 180.37 ?  216 PRO A C   1 
ATOM 556  O O   . PRO B 2 62  ? 3.203   -2.610  -15.711 1.00 134.40 ?  216 PRO A O   1 
ATOM 557  C CB  . PRO B 2 62  ? 2.074   -2.108  -18.734 1.00 184.35 ?  216 PRO A CB  1 
ATOM 558  C CG  . PRO B 2 62  ? 1.800   -1.149  -19.853 1.00 180.11 ?  216 PRO A CG  1 
ATOM 559  C CD  . PRO B 2 62  ? 2.847   -0.063  -19.828 1.00 177.16 ?  216 PRO A CD  1 
ATOM 560  N N   . ASP B 2 63  ? 4.875   -2.832  -17.219 1.00 188.84 ?  217 ASP A N   1 
ATOM 561  C CA  . ASP B 2 63  ? 5.617   -3.867  -16.455 1.00 185.68 ?  217 ASP A CA  1 
ATOM 562  C C   . ASP B 2 63  ? 6.803   -3.324  -15.596 1.00 189.26 ?  217 ASP A C   1 
ATOM 563  O O   . ASP B 2 63  ? 7.188   -3.952  -14.586 1.00 173.87 ?  217 ASP A O   1 
ATOM 564  C CB  . ASP B 2 63  ? 6.126   -4.970  -17.405 1.00 181.04 ?  217 ASP A CB  1 
ATOM 565  C CG  . ASP B 2 63  ? 5.162   -5.281  -18.555 1.00 164.62 ?  217 ASP A CG  1 
ATOM 566  O OD1 . ASP B 2 63  ? 4.525   -6.351  -18.505 1.00 154.79 ?  217 ASP A OD1 1 
ATOM 567  O OD2 . ASP B 2 63  ? 5.063   -4.471  -19.511 1.00 140.66 ?  217 ASP A OD2 1 
ATOM 568  N N   . GLU B 2 64  ? 7.386   -2.190  -16.021 1.00 179.27 ?  218 GLU A N   1 
ATOM 569  C CA  . GLU B 2 64  ? 8.393   -1.443  -15.237 1.00 170.95 ?  218 GLU A CA  1 
ATOM 570  C C   . GLU B 2 64  ? 7.808   -1.004  -13.904 1.00 165.92 ?  218 GLU A C   1 
ATOM 571  O O   . GLU B 2 64  ? 6.760   -0.361  -13.889 1.00 160.69 ?  218 GLU A O   1 
ATOM 572  C CB  . GLU B 2 64  ? 8.795   -0.145  -15.947 1.00 164.92 ?  218 GLU A CB  1 
ATOM 573  C CG  . GLU B 2 64  ? 9.552   -0.274  -17.254 1.00 169.64 ?  218 GLU A CG  1 
ATOM 574  C CD  . GLU B 2 64  ? 10.102  1.069   -17.716 1.00 165.95 ?  218 GLU A CD  1 
ATOM 575  O OE1 . GLU B 2 64  ? 10.820  1.716   -16.921 1.00 156.55 ?  218 GLU A OE1 1 
ATOM 576  O OE2 . GLU B 2 64  ? 9.819   1.483   -18.862 1.00 154.18 ?  218 GLU A OE2 1 
ATOM 577  N N   . THR B 2 65  ? 8.477   -1.301  -12.792 1.00 158.68 ?  219 THR A N   1 
ATOM 578  C CA  . THR B 2 65  ? 7.984   -0.803  -11.500 1.00 141.44 ?  219 THR A CA  1 
ATOM 579  C C   . THR B 2 65  ? 8.338   0.690   -11.348 1.00 121.67 ?  219 THR A C   1 
ATOM 580  O O   . THR B 2 65  ? 9.274   1.214   -11.970 1.00 104.33 ?  219 THR A O   1 
ATOM 581  C CB  . THR B 2 65  ? 8.426   -1.640  -10.241 1.00 138.58 ?  219 THR A CB  1 
ATOM 582  O OG1 . THR B 2 65  ? 9.768   -1.318  -9.839  1.00 121.51 ?  219 THR A OG1 1 
ATOM 583  C CG2 . THR B 2 65  ? 8.262   -3.167  -10.460 1.00 136.73 ?  219 THR A CG2 1 
ATOM 584  N N   . GLU B 2 66  ? 7.516   1.359   -10.556 1.00 111.82 ?  220 GLU A N   1 
ATOM 585  C CA  . GLU B 2 66  ? 7.785   2.692   -10.064 1.00 110.29 ?  220 GLU A CA  1 
ATOM 586  C C   . GLU B 2 66  ? 7.946   2.668   -8.513  1.00 104.81 ?  220 GLU A C   1 
ATOM 587  O O   . GLU B 2 66  ? 7.951   3.752   -7.891  1.00 81.63  ?  220 GLU A O   1 
ATOM 588  C CB  . GLU B 2 66  ? 6.644   3.633   -10.505 1.00 115.53 ?  220 GLU A CB  1 
ATOM 589  C CG  . GLU B 2 66  ? 5.359   3.497   -9.677  1.00 132.41 ?  220 GLU A CG  1 
ATOM 590  C CD  . GLU B 2 66  ? 4.076   3.876   -10.404 1.00 122.20 ?  220 GLU A CD  1 
ATOM 591  O OE1 . GLU B 2 66  ? 3.197   2.996   -10.507 1.00 108.33 ?  220 GLU A OE1 1 
ATOM 592  O OE2 . GLU B 2 66  ? 3.930   5.037   -10.835 1.00 114.59 ?  220 GLU A OE2 1 
ATOM 593  N N   . ASP B 2 67  ? 8.067   1.461   -7.899  1.00 96.62  ?  221 ASP A N   1 
ATOM 594  C CA  . ASP B 2 67  ? 8.456   1.303   -6.458  1.00 101.61 ?  221 ASP A CA  1 
ATOM 595  C C   . ASP B 2 67  ? 9.842   1.896   -6.239  1.00 104.87 ?  221 ASP A C   1 
ATOM 596  O O   . ASP B 2 67  ? 10.658  1.891   -7.167  1.00 121.15 ?  221 ASP A O   1 
ATOM 597  C CB  . ASP B 2 67  ? 8.552   -0.171  -6.016  1.00 97.22  ?  221 ASP A CB  1 
ATOM 598  C CG  . ASP B 2 67  ? 7.222   -0.892  -6.020  1.00 101.54 ?  221 ASP A CG  1 
ATOM 599  O OD1 . ASP B 2 67  ? 7.021   -1.716  -6.940  1.00 114.61 ?  221 ASP A OD1 1 
ATOM 600  O OD2 . ASP B 2 67  ? 6.386   -0.653  -5.110  1.00 89.99  ?  221 ASP A OD2 1 
ATOM 601  N N   . PRO B 2 68  ? 10.145  2.373   -5.018  1.00 99.53  ?  222 PRO A N   1 
ATOM 602  C CA  . PRO B 2 68  ? 11.558  2.672   -4.776  1.00 97.29  ?  222 PRO A CA  1 
ATOM 603  C C   . PRO B 2 68  ? 12.375  1.390   -4.862  1.00 95.45  ?  222 PRO A C   1 
ATOM 604  O O   . PRO B 2 68  ? 11.913  0.386   -5.396  1.00 101.44 ?  222 PRO A O   1 
ATOM 605  C CB  . PRO B 2 68  ? 11.558  3.248   -3.351  1.00 102.54 ?  222 PRO A CB  1 
ATOM 606  C CG  . PRO B 2 68  ? 10.182  3.794   -3.169  1.00 106.36 ?  222 PRO A CG  1 
ATOM 607  C CD  . PRO B 2 68  ? 9.299   2.810   -3.898  1.00 105.16 ?  222 PRO A CD  1 
ATOM 608  N N   . GLU B 2 69  ? 13.587  1.393   -4.357  1.00 106.93 ?  223 GLU A N   1 
ATOM 609  C CA  . GLU B 2 69  ? 14.296  0.125   -4.254  1.00 109.58 ?  223 GLU A CA  1 
ATOM 610  C C   . GLU B 2 69  ? 14.869  -0.020  -2.871  1.00 95.81  ?  223 GLU A C   1 
ATOM 611  O O   . GLU B 2 69  ? 15.030  0.993   -2.157  1.00 81.40  ?  223 GLU A O   1 
ATOM 612  C CB  . GLU B 2 69  ? 15.350  -0.016  -5.344  1.00 126.85 ?  223 GLU A CB  1 
ATOM 613  C CG  . GLU B 2 69  ? 16.275  1.169   -5.508  1.00 134.85 ?  223 GLU A CG  1 
ATOM 614  C CD  . GLU B 2 69  ? 17.256  0.919   -6.619  1.00 138.56 ?  223 GLU A CD  1 
ATOM 615  O OE1 . GLU B 2 69  ? 18.461  1.101   -6.377  1.00 159.58 ?  223 GLU A OE1 1 
ATOM 616  O OE2 . GLU B 2 69  ? 16.820  0.498   -7.715  1.00 140.65 ?  223 GLU A OE2 1 
ATOM 617  N N   . PRO B 2 70  ? 15.163  -1.273  -2.480  1.00 78.36  ?  224 PRO A N   1 
ATOM 618  C CA  . PRO B 2 70  ? 15.493  -1.524  -1.088  1.00 83.74  ?  224 PRO A CA  1 
ATOM 619  C C   . PRO B 2 70  ? 16.609  -0.658  -0.616  1.00 86.43  ?  224 PRO A C   1 
ATOM 620  O O   . PRO B 2 70  ? 17.483  -0.298  -1.406  1.00 95.81  ?  224 PRO A O   1 
ATOM 621  C CB  . PRO B 2 70  ? 15.963  -2.965  -1.078  1.00 80.01  ?  224 PRO A CB  1 
ATOM 622  C CG  . PRO B 2 70  ? 15.311  -3.578  -2.274  1.00 86.48  ?  224 PRO A CG  1 
ATOM 623  C CD  . PRO B 2 70  ? 15.253  -2.495  -3.298  1.00 78.09  ?  224 PRO A CD  1 
ATOM 624  N N   . ASN B 2 71  ? 16.554  -0.291  0.654   1.00 80.46  ?  225 ASN A N   1 
ATOM 625  C CA  . ASN B 2 71  ? 17.706  0.269   1.319   1.00 78.00  ?  225 ASN A CA  1 
ATOM 626  C C   . ASN B 2 71  ? 18.077  -0.660  2.507   1.00 82.06  ?  225 ASN A C   1 
ATOM 627  O O   . ASN B 2 71  ? 17.632  -0.459  3.630   1.00 79.02  ?  225 ASN A O   1 
ATOM 628  C CB  . ASN B 2 71  ? 17.408  1.697   1.729   1.00 78.91  ?  225 ASN A CB  1 
ATOM 629  C CG  . ASN B 2 71  ? 18.468  2.254   2.636   1.00 84.27  ?  225 ASN A CG  1 
ATOM 630  O OD1 . ASN B 2 71  ? 19.648  1.949   2.465   1.00 89.60  ?  225 ASN A OD1 1 
ATOM 631  N ND2 . ASN B 2 71  ? 18.064  3.047   3.624   1.00 84.83  ?  225 ASN A ND2 1 
ATOM 632  N N   . TYR B 2 72  ? 18.907  -1.671  2.234   1.00 83.94  ?  226 TYR A N   1 
ATOM 633  C CA  . TYR B 2 72  ? 19.228  -2.708  3.206   1.00 82.63  ?  226 TYR A CA  1 
ATOM 634  C C   . TYR B 2 72  ? 20.003  -2.237  4.420   1.00 87.60  ?  226 TYR A C   1 
ATOM 635  O O   . TYR B 2 72  ? 20.136  -2.969  5.380   1.00 91.93  ?  226 TYR A O   1 
ATOM 636  C CB  . TYR B 2 72  ? 19.976  -3.825  2.524   1.00 81.34  ?  226 TYR A CB  1 
ATOM 637  C CG  . TYR B 2 72  ? 19.049  -4.553  1.632   1.00 86.56  ?  226 TYR A CG  1 
ATOM 638  C CD1 . TYR B 2 72  ? 18.026  -5.326  2.168   1.00 95.85  ?  226 TYR A CD1 1 
ATOM 639  C CD2 . TYR B 2 72  ? 19.144  -4.446  0.257   1.00 88.83  ?  226 TYR A CD2 1 
ATOM 640  C CE1 . TYR B 2 72  ? 17.134  -6.011  1.357   1.00 96.59  ?  226 TYR A CE1 1 
ATOM 641  C CE2 . TYR B 2 72  ? 18.262  -5.140  -0.576  1.00 89.52  ?  226 TYR A CE2 1 
ATOM 642  C CZ  . TYR B 2 72  ? 17.253  -5.911  -0.022  1.00 92.57  ?  226 TYR A CZ  1 
ATOM 643  O OH  . TYR B 2 72  ? 16.363  -6.573  -0.828  1.00 82.07  ?  226 TYR A OH  1 
ATOM 644  N N   . ALA B 2 73  ? 20.515  -1.016  4.383   1.00 89.12  ?  227 ALA A N   1 
ATOM 645  C CA  . ALA B 2 73  ? 21.047  -0.365  5.577   1.00 82.79  ?  227 ALA A CA  1 
ATOM 646  C C   . ALA B 2 73  ? 19.968  -0.129  6.586   1.00 84.04  ?  227 ALA A C   1 
ATOM 647  O O   . ALA B 2 73  ? 20.201  -0.101  7.773   1.00 81.33  ?  227 ALA A O   1 
ATOM 648  C CB  . ALA B 2 73  ? 21.676  0.966   5.205   1.00 81.08  ?  227 ALA A CB  1 
ATOM 649  N N   . GLY B 2 74  ? 18.769  0.110   6.096   1.00 102.81 ?  228 GLY A N   1 
ATOM 650  C CA  . GLY B 2 74  ? 17.640  0.328   6.963   1.00 103.49 ?  228 GLY A CA  1 
ATOM 651  C C   . GLY B 2 74  ? 17.607  1.744   7.490   1.00 96.67  ?  228 GLY A C   1 
ATOM 652  O O   . GLY B 2 74  ? 18.654  2.391   7.641   1.00 90.76  ?  228 GLY A O   1 
ATOM 653  N N   . GLU B 2 75  ? 16.382  2.157   7.811   1.00 95.32  ?  229 GLU A N   1 
ATOM 654  C CA  . GLU B 2 75  ? 16.009  3.489   8.202   1.00 91.81  ?  229 GLU A CA  1 
ATOM 655  C C   . GLU B 2 75  ? 15.119  3.341   9.437   1.00 95.29  ?  229 GLU A C   1 
ATOM 656  O O   . GLU B 2 75  ? 14.338  2.376   9.513   1.00 94.27  ?  229 GLU A O   1 
ATOM 657  C CB  . GLU B 2 75  ? 15.198  4.051   7.042   1.00 102.09 ?  229 GLU A CB  1 
ATOM 658  C CG  . GLU B 2 75  ? 15.585  5.433   6.545   1.00 111.37 ?  229 GLU A CG  1 
ATOM 659  C CD  . GLU B 2 75  ? 15.017  5.740   5.161   1.00 109.17 ?  229 GLU A CD  1 
ATOM 660  O OE1 . GLU B 2 75  ? 14.638  6.910   4.977   1.00 108.26 ?  229 GLU A OE1 1 
ATOM 661  O OE2 . GLU B 2 75  ? 14.930  4.835   4.274   1.00 103.28 -1 229 GLU A OE2 1 
ATOM 662  N N   . PRO B 2 76  ? 15.182  4.295   10.383  1.00 98.95  ?  230 PRO A N   1 
ATOM 663  C CA  . PRO B 2 76  ? 14.513  4.137   11.690  1.00 105.66 ?  230 PRO A CA  1 
ATOM 664  C C   . PRO B 2 76  ? 13.017  4.483   11.736  1.00 88.57  ?  230 PRO A C   1 
ATOM 665  O O   . PRO B 2 76  ? 12.648  5.635   11.551  1.00 92.32  ?  230 PRO A O   1 
ATOM 666  C CB  . PRO B 2 76  ? 15.265  5.136   12.564  1.00 105.93 ?  230 PRO A CB  1 
ATOM 667  C CG  . PRO B 2 76  ? 15.552  6.264   11.616  1.00 112.57 ?  230 PRO A CG  1 
ATOM 668  C CD  . PRO B 2 76  ? 15.680  5.668   10.220  1.00 105.99 ?  230 PRO A CD  1 
ATOM 669  N N   . TYR B 2 77  ? 12.175  3.500   12.028  1.00 84.38  ?  231 TYR A N   1 
ATOM 670  C CA  . TYR B 2 77  ? 10.744  3.758   12.284  1.00 88.58  ?  231 TYR A CA  1 
ATOM 671  C C   . TYR B 2 77  ? 10.249  3.143   13.597  1.00 84.49  ?  231 TYR A C   1 
ATOM 672  O O   . TYR B 2 77  ? 10.866  2.229   14.170  1.00 85.87  ?  231 TYR A O   1 
ATOM 673  C CB  . TYR B 2 77  ? 9.871   3.244   11.123  1.00 86.50  ?  231 TYR A CB  1 
ATOM 674  C CG  . TYR B 2 77  ? 9.865   4.124   9.869   1.00 90.08  ?  231 TYR A CG  1 
ATOM 675  C CD1 . TYR B 2 77  ? 10.987  4.222   9.047   1.00 83.61  ?  231 TYR A CD1 1 
ATOM 676  C CD2 . TYR B 2 77  ? 8.722   4.837   9.484   1.00 90.40  ?  231 TYR A CD2 1 
ATOM 677  C CE1 . TYR B 2 77  ? 10.971  5.001   7.899   1.00 81.04  ?  231 TYR A CE1 1 
ATOM 678  C CE2 . TYR B 2 77  ? 8.705   5.632   8.340   1.00 88.82  ?  231 TYR A CE2 1 
ATOM 679  C CZ  . TYR B 2 77  ? 9.837   5.712   7.551   1.00 89.58  ?  231 TYR A CZ  1 
ATOM 680  O OH  . TYR B 2 77  ? 9.850   6.497   6.418   1.00 87.22  ?  231 TYR A OH  1 
ATOM 681  N N   . VAL B 2 78  ? 9.115   3.651   14.053  1.00 80.08  ?  232 VAL A N   1 
ATOM 682  C CA  . VAL B 2 78  ? 8.425   3.094   15.208  1.00 85.97  ?  232 VAL A CA  1 
ATOM 683  C C   . VAL B 2 78  ? 6.954   2.784   14.880  1.00 86.95  ?  232 VAL A C   1 
ATOM 684  O O   . VAL B 2 78  ? 6.298   3.495   14.115  1.00 91.27  ?  232 VAL A O   1 
ATOM 685  C CB  . VAL B 2 78  ? 8.508   4.040   16.428  1.00 86.51  ?  232 VAL A CB  1 
ATOM 686  C CG1 . VAL B 2 78  ? 7.809   5.363   16.179  1.00 91.05  ?  232 VAL A CG1 1 
ATOM 687  C CG2 . VAL B 2 78  ? 7.860   3.408   17.641  1.00 95.99  ?  232 VAL A CG2 1 
ATOM 688  N N   . ALA B 2 79  ? 6.425   1.730   15.486  1.00 86.66  ?  233 ALA A N   1 
ATOM 689  C CA  . ALA B 2 79  ? 5.021   1.386   15.296  1.00 81.65  ?  233 ALA A CA  1 
ATOM 690  C C   . ALA B 2 79  ? 4.169   2.323   16.085  1.00 76.88  ?  233 ALA A C   1 
ATOM 691  O O   . ALA B 2 79  ? 4.381   2.483   17.276  1.00 81.69  ?  233 ALA A O   1 
ATOM 692  C CB  . ALA B 2 79  ? 4.741   -0.028  15.742  1.00 78.08  ?  233 ALA A CB  1 
ATOM 693  N N   . ILE B 2 80  ? 3.191   2.914   15.412  1.00 84.52  ?  234 ILE A N   1 
ATOM 694  C CA  . ILE B 2 80  ? 2.180   3.775   16.049  1.00 79.59  ?  234 ILE A CA  1 
ATOM 695  C C   . ILE B 2 80  ? 0.918   3.021   16.534  1.00 88.27  ?  234 ILE A C   1 
ATOM 696  O O   . ILE B 2 80  ? 0.115   3.548   17.311  1.00 91.55  ?  234 ILE A O   1 
ATOM 697  C CB  . ILE B 2 80  ? 1.766   4.910   15.101  1.00 80.45  ?  234 ILE A CB  1 
ATOM 698  C CG1 . ILE B 2 80  ? 1.214   4.393   13.776  1.00 83.32  ?  234 ILE A CG1 1 
ATOM 699  C CG2 . ILE B 2 80  ? 2.949   5.797   14.777  1.00 82.30  ?  234 ILE A CG2 1 
ATOM 700  C CD1 . ILE B 2 80  ? 0.182   5.320   13.180  1.00 92.02  ?  234 ILE A CD1 1 
ATOM 701  N N   . LYS B 2 81  ? 0.755   1.785   16.077  1.00 86.39  ?  235 LYS A N   1 
ATOM 702  C CA  . LYS B 2 81  ? -0.425  0.993   16.359  1.00 86.37  ?  235 LYS A CA  1 
ATOM 703  C C   . LYS B 2 81  ? -0.044  -0.476  16.255  1.00 75.69  ?  235 LYS A C   1 
ATOM 704  O O   . LYS B 2 81  ? 0.612   -0.876  15.315  1.00 80.04  ?  235 LYS A O   1 
ATOM 705  C CB  . LYS B 2 81  ? -1.529  1.347   15.348  1.00 84.33  ?  235 LYS A CB  1 
ATOM 706  C CG  . LYS B 2 81  ? -2.576  0.265   15.185  1.00 91.34  ?  235 LYS A CG  1 
ATOM 707  C CD  . LYS B 2 81  ? -3.950  0.804   14.840  1.00 100.14 ?  235 LYS A CD  1 
ATOM 708  C CE  . LYS B 2 81  ? -4.988  -0.300  14.995  1.00 104.08 ?  235 LYS A CE  1 
ATOM 709  N NZ  . LYS B 2 81  ? -6.226  0.060   14.263  1.00 116.41 ?  235 LYS A NZ  1 
ATOM 710  N N   . ALA B 2 82  ? -0.486  -1.278  17.199  1.00 72.98  ?  236 ALA A N   1 
ATOM 711  C CA  . ALA B 2 82  ? -0.214  -2.699  17.151  1.00 73.66  ?  236 ALA A CA  1 
ATOM 712  C C   . ALA B 2 82  ? -0.855  -3.340  15.928  1.00 71.90  ?  236 ALA A C   1 
ATOM 713  O O   . ALA B 2 82  ? -1.970  -2.993  15.569  1.00 80.64  ?  236 ALA A O   1 
ATOM 714  C CB  . ALA B 2 82  ? -0.752  -3.372  18.397  1.00 73.68  ?  236 ALA A CB  1 
ATOM 715  N N   . TYR B 2 83  ? -0.132  -4.272  15.317  1.00 70.30  ?  237 TYR A N   1 
ATOM 716  C CA  . TYR B 2 83  ? -0.643  -5.131  14.264  1.00 71.04  ?  237 TYR A CA  1 
ATOM 717  C C   . TYR B 2 83  ? -0.126  -6.567  14.487  1.00 73.28  ?  237 TYR A C   1 
ATOM 718  O O   . TYR B 2 83  ? 1.041   -6.771  14.800  1.00 69.27  ?  237 TYR A O   1 
ATOM 719  C CB  . TYR B 2 83  ? -0.220  -4.605  12.893  1.00 69.02  ?  237 TYR A CB  1 
ATOM 720  C CG  . TYR B 2 83  ? -0.645  -5.482  11.727  1.00 65.91  ?  237 TYR A CG  1 
ATOM 721  C CD1 . TYR B 2 83  ? -1.946  -5.506  11.296  1.00 72.93  ?  237 TYR A CD1 1 
ATOM 722  C CD2 . TYR B 2 83  ? 0.261   -6.259  11.052  1.00 74.33  ?  237 TYR A CD2 1 
ATOM 723  C CE1 . TYR B 2 83  ? -2.342  -6.292  10.235  1.00 72.20  ?  237 TYR A CE1 1 
ATOM 724  C CE2 . TYR B 2 83  ? -0.124  -7.065  9.991   1.00 77.17  ?  237 TYR A CE2 1 
ATOM 725  C CZ  . TYR B 2 83  ? -1.435  -7.080  9.592   1.00 71.62  ?  237 TYR A CZ  1 
ATOM 726  O OH  . TYR B 2 83  ? -1.843  -7.878  8.547   1.00 75.07  ?  237 TYR A OH  1 
ATOM 727  N N   . THR B 2 84  ? -1.036  -7.529  14.382  1.00 73.75  ?  238 THR A N   1 
ATOM 728  C CA  . THR B 2 84  ? -0.748  -8.953  14.387  1.00 73.34  ?  238 THR A CA  1 
ATOM 729  C C   . THR B 2 84  ? -0.529  -9.412  12.933  1.00 77.68  ?  238 THR A C   1 
ATOM 730  O O   . THR B 2 84  ? -1.327  -9.112  12.024  1.00 75.89  ?  238 THR A O   1 
ATOM 731  C CB  . THR B 2 84  ? -1.959  -9.778  14.905  1.00 73.25  ?  238 THR A CB  1 
ATOM 732  O OG1 . THR B 2 84  ? -2.477  -9.215  16.109  1.00 77.87  ?  238 THR A OG1 1 
ATOM 733  C CG2 . THR B 2 84  ? -1.616  -11.283 15.091  1.00 69.15  ?  238 THR A CG2 1 
ATOM 734  N N   . ALA B 2 85  ? 0.532   -10.188 12.732  1.00 84.38  ?  239 ALA A N   1 
ATOM 735  C CA  . ALA B 2 85  ? 0.818   -10.782 11.448  1.00 80.79  ?  239 ALA A CA  1 
ATOM 736  C C   . ALA B 2 85  ? -0.405  -11.570 11.058  1.00 76.52  ?  239 ALA A C   1 
ATOM 737  O O   . ALA B 2 85  ? -1.086  -12.108 11.898  1.00 71.82  ?  239 ALA A O   1 
ATOM 738  C CB  . ALA B 2 85  ? 2.037   -11.700 11.542  1.00 81.17  ?  239 ALA A CB  1 
ATOM 739  N N   . VAL B 2 86  ? -0.701  -11.611 9.777   1.00 82.57  ?  240 VAL A N   1 
ATOM 740  C CA  . VAL B 2 86  ? -1.771  -12.454 9.281   1.00 83.63  ?  240 VAL A CA  1 
ATOM 741  C C   . VAL B 2 86  ? -1.218  -13.486 8.334   1.00 83.27  ?  240 VAL A C   1 
ATOM 742  O O   . VAL B 2 86  ? -1.478  -14.641 8.510   1.00 89.20  ?  240 VAL A O   1 
ATOM 743  C CB  . VAL B 2 86  ? -2.841  -11.620 8.599   1.00 83.39  ?  240 VAL A CB  1 
ATOM 744  C CG1 . VAL B 2 86  ? -3.864  -12.527 7.946   1.00 84.04  ?  240 VAL A CG1 1 
ATOM 745  C CG2 . VAL B 2 86  ? -3.495  -10.722 9.633   1.00 83.93  ?  240 VAL A CG2 1 
ATOM 746  N N   . GLU B 2 87  ? -0.492  -13.059 7.314   1.00 81.68  ?  241 GLU A N   1 
ATOM 747  C CA  . GLU B 2 87  ? 0.322   -13.968 6.522   1.00 89.14  ?  241 GLU A CA  1 
ATOM 748  C C   . GLU B 2 87  ? 1.627   -14.288 7.230   1.00 84.60  ?  241 GLU A C   1 
ATOM 749  O O   . GLU B 2 87  ? 2.063   -13.543 8.105   1.00 86.49  ?  241 GLU A O   1 
ATOM 750  C CB  . GLU B 2 87  ? 0.650   -13.332 5.161   1.00 101.85 ?  241 GLU A CB  1 
ATOM 751  C CG  . GLU B 2 87  ? -0.550  -13.024 4.276   1.00 108.02 ?  241 GLU A CG  1 
ATOM 752  C CD  . GLU B 2 87  ? -1.366  -14.262 3.941   1.00 115.05 ?  241 GLU A CD  1 
ATOM 753  O OE1 . GLU B 2 87  ? -2.603  -14.112 3.779   1.00 101.78 ?  241 GLU A OE1 1 
ATOM 754  O OE2 . GLU B 2 87  ? -0.768  -15.376 3.862   1.00 131.54 -1 241 GLU A OE2 1 
ATOM 755  N N   . GLY B 2 88  ? 2.271   -15.364 6.786   1.00 82.50  ?  242 GLY A N   1 
ATOM 756  C CA  . GLY B 2 88  ? 3.544   -15.831 7.343   1.00 78.16  ?  242 GLY A CA  1 
ATOM 757  C C   . GLY B 2 88  ? 4.707   -14.881 7.147   1.00 79.73  ?  242 GLY A C   1 
ATOM 758  O O   . GLY B 2 88  ? 5.598   -14.815 7.982   1.00 89.27  ?  242 GLY A O   1 
ATOM 759  N N   . ASP B 2 89  ? 4.688   -14.119 6.062   1.00 77.20  ?  243 ASP A N   1 
ATOM 760  C CA  . ASP B 2 89  ? 5.779   -13.178 5.739   1.00 76.72  ?  243 ASP A CA  1 
ATOM 761  C C   . ASP B 2 89  ? 5.652   -11.824 6.456   1.00 75.04  ?  243 ASP A C   1 
ATOM 762  O O   . ASP B 2 89  ? 6.526   -10.948 6.298   1.00 74.18  ?  243 ASP A O   1 
ATOM 763  C CB  . ASP B 2 89  ? 5.895   -12.987 4.200   1.00 82.85  ?  243 ASP A CB  1 
ATOM 764  C CG  . ASP B 2 89  ? 4.552   -12.627 3.528   1.00 79.43  ?  243 ASP A CG  1 
ATOM 765  O OD1 . ASP B 2 89  ? 3.543   -12.610 4.234   1.00 89.12  ?  243 ASP A OD1 1 
ATOM 766  O OD2 . ASP B 2 89  ? 4.485   -12.386 2.308   1.00 79.30  -1 243 ASP A OD2 1 
ATOM 767  N N   . GLU B 2 90  ? 4.564   -11.651 7.213   1.00 77.02  ?  244 GLU A N   1 
ATOM 768  C CA  . GLU B 2 90  ? 4.290   -10.409 7.944   1.00 77.27  ?  244 GLU A CA  1 
ATOM 769  C C   . GLU B 2 90  ? 4.879   -10.480 9.328   1.00 79.34  ?  244 GLU A C   1 
ATOM 770  O O   . GLU B 2 90  ? 5.212   -11.561 9.808   1.00 82.40  ?  244 GLU A O   1 
ATOM 771  C CB  . GLU B 2 90  ? 2.795   -10.154 8.056   1.00 71.99  ?  244 GLU A CB  1 
ATOM 772  C CG  . GLU B 2 90  ? 2.141   -9.897  6.707   1.00 78.09  ?  244 GLU A CG  1 
ATOM 773  C CD  . GLU B 2 90  ? 0.623   -9.808  6.750   1.00 78.19  ?  244 GLU A CD  1 
ATOM 774  O OE1 . GLU B 2 90  ? 0.052   -9.511  7.831   1.00 71.76  ?  244 GLU A OE1 1 
ATOM 775  O OE2 . GLU B 2 90  ? -0.004  -10.047 5.685   1.00 90.90  -1 244 GLU A OE2 1 
ATOM 776  N N   . VAL B 2 91  ? 4.984   -9.323  9.965   1.00 72.34  ?  245 VAL A N   1 
ATOM 777  C CA  . VAL B 2 91  ? 5.678   -9.195  11.210  1.00 69.42  ?  245 VAL A CA  1 
ATOM 778  C C   . VAL B 2 91  ? 4.719   -8.630  12.192  1.00 75.01  ?  245 VAL A C   1 
ATOM 779  O O   . VAL B 2 91  ? 4.156   -7.572  11.956  1.00 76.32  ?  245 VAL A O   1 
ATOM 780  C CB  . VAL B 2 91  ? 6.804   -8.174  11.078  1.00 80.06  ?  245 VAL A CB  1 
ATOM 781  C CG1 . VAL B 2 91  ? 7.383   -7.821  12.444  1.00 82.90  ?  245 VAL A CG1 1 
ATOM 782  C CG2 . VAL B 2 91  ? 7.874   -8.707  10.155  1.00 82.44  ?  245 VAL A CG2 1 
ATOM 783  N N   . SER B 2 92  ? 4.562   -9.290  13.327  1.00 76.25  ?  246 SER A N   1 
ATOM 784  C CA  . SER B 2 92  ? 3.745   -8.708  14.381  1.00 72.61  ?  246 SER A CA  1 
ATOM 785  C C   . SER B 2 92  ? 4.565   -7.727  15.208  1.00 72.28  ?  246 SER A C   1 
ATOM 786  O O   . SER B 2 92  ? 5.682   -8.032  15.645  1.00 78.37  ?  246 SER A O   1 
ATOM 787  C CB  . SER B 2 92  ? 3.187   -9.790  15.299  1.00 73.65  ?  246 SER A CB  1 
ATOM 788  O OG  . SER B 2 92  ? 2.260   -10.592 14.607  1.00 72.18  ?  246 SER A OG  1 
ATOM 789  N N   . LEU B 2 93  ? 3.994   -6.559  15.442  1.00 69.63  ?  247 LEU A N   1 
ATOM 790  C CA  . LEU B 2 93  ? 4.526   -5.603  16.397  1.00 70.83  ?  247 LEU A CA  1 
ATOM 791  C C   . LEU B 2 93  ? 3.490   -5.161  17.411  1.00 74.41  ?  247 LEU A C   1 
ATOM 792  O O   . LEU B 2 93  ? 2.281   -5.434  17.308  1.00 76.78  ?  247 LEU A O   1 
ATOM 793  C CB  . LEU B 2 93  ? 5.058   -4.368  15.672  1.00 75.57  ?  247 LEU A CB  1 
ATOM 794  C CG  . LEU B 2 93  ? 6.072   -4.616  14.532  1.00 79.78  ?  247 LEU A CG  1 
ATOM 795  C CD1 . LEU B 2 93  ? 6.451   -3.318  13.819  1.00 72.58  ?  247 LEU A CD1 1 
ATOM 796  C CD2 . LEU B 2 93  ? 7.324   -5.312  15.058  1.00 81.98  ?  247 LEU A CD2 1 
ATOM 797  N N   . LEU B 2 94  ? 4.027   -4.497  18.412  1.00 72.25  ?  248 LEU A N   1 
ATOM 798  C CA  . LEU B 2 94  ? 3.290   -3.915  19.487  1.00 76.39  ?  248 LEU A CA  1 
ATOM 799  C C   . LEU B 2 94  ? 3.483   -2.440  19.299  1.00 75.15  ?  248 LEU A C   1 
ATOM 800  O O   . LEU B 2 94  ? 4.557   -2.033  18.844  1.00 71.81  ?  248 LEU A O   1 
ATOM 801  C CB  . LEU B 2 94  ? 3.923   -4.305  20.829  1.00 75.84  ?  248 LEU A CB  1 
ATOM 802  C CG  . LEU B 2 94  ? 3.782   -5.743  21.284  1.00 76.50  ?  248 LEU A CG  1 
ATOM 803  C CD1 . LEU B 2 94  ? 4.474   -5.886  22.621  1.00 75.80  ?  248 LEU A CD1 1 
ATOM 804  C CD2 . LEU B 2 94  ? 2.320   -6.129  21.404  1.00 86.23  ?  248 LEU A CD2 1 
ATOM 805  N N   . GLU B 2 95  ? 2.479   -1.646  19.686  1.00 76.68  ?  249 GLU A N   1 
ATOM 806  C CA  . GLU B 2 95  ? 2.571   -0.176  19.626  1.00 88.32  ?  249 GLU A CA  1 
ATOM 807  C C   . GLU B 2 95  ? 3.832   0.235   20.365  1.00 84.65  ?  249 GLU A C   1 
ATOM 808  O O   . GLU B 2 95  ? 4.095   -0.238  21.466  1.00 88.03  ?  249 GLU A O   1 
ATOM 809  C CB  . GLU B 2 95  ? 1.324   0.483   20.226  1.00 94.43  ?  249 GLU A CB  1 
ATOM 810  C CG  . GLU B 2 95  ? 1.312   2.008   20.409  1.00 104.49 ?  249 GLU A CG  1 
ATOM 811  C CD  . GLU B 2 95  ? 0.005   2.481   21.091  1.00 121.44 ?  249 GLU A CD  1 
ATOM 812  O OE1 . GLU B 2 95  ? -1.084  2.042   20.658  1.00 124.53 ?  249 GLU A OE1 1 
ATOM 813  O OE2 . GLU B 2 95  ? 0.040   3.270   22.076  1.00 121.30 -1 249 GLU A OE2 1 
ATOM 814  N N   . GLY B 2 96  ? 4.652   1.041   19.705  1.00 80.33  ?  250 GLY A N   1 
ATOM 815  C CA  . GLY B 2 96  ? 5.820   1.600   20.323  1.00 76.48  ?  250 GLY A CA  1 
ATOM 816  C C   . GLY B 2 96  ? 7.130   0.967   19.934  1.00 76.50  ?  250 GLY A C   1 
ATOM 817  O O   . GLY B 2 96  ? 8.169   1.596   20.158  1.00 77.84  ?  250 GLY A O   1 
ATOM 818  N N   . GLU B 2 97  ? 7.122   -0.223  19.321  1.00 79.30  ?  251 GLU A N   1 
ATOM 819  C CA  . GLU B 2 97  ? 8.401   -0.909  18.923  1.00 81.06  ?  251 GLU A CA  1 
ATOM 820  C C   . GLU B 2 97  ? 9.198   -0.263  17.778  1.00 76.85  ?  251 GLU A C   1 
ATOM 821  O O   . GLU B 2 97  ? 8.629   0.139   16.766  1.00 88.15  ?  251 GLU A O   1 
ATOM 822  C CB  . GLU B 2 97  ? 8.139   -2.370  18.558  1.00 77.35  ?  251 GLU A CB  1 
ATOM 823  C CG  . GLU B 2 97  ? 7.591   -3.179  19.718  1.00 74.92  ?  251 GLU A CG  1 
ATOM 824  C CD  . GLU B 2 97  ? 7.775   -4.660  19.547  1.00 71.59  ?  251 GLU A CD  1 
ATOM 825  O OE1 . GLU B 2 97  ? 8.872   -5.158  19.876  1.00 82.30  ?  251 GLU A OE1 1 
ATOM 826  O OE2 . GLU B 2 97  ? 6.835   -5.349  19.078  1.00 73.70  -1 251 GLU A OE2 1 
ATOM 827  N N   . ALA B 2 98  ? 10.514  -0.172  17.930  1.00 78.52  ?  252 ALA A N   1 
ATOM 828  C CA  . ALA B 2 98  ? 11.357  0.425   16.881  1.00 85.94  ?  252 ALA A CA  1 
ATOM 829  C C   . ALA B 2 98  ? 11.715  -0.627  15.840  1.00 89.31  ?  252 ALA A C   1 
ATOM 830  O O   . ALA B 2 98  ? 11.978  -1.804  16.166  1.00 76.46  ?  252 ALA A O   1 
ATOM 831  C CB  . ALA B 2 98  ? 12.625  1.024   17.459  1.00 93.03  ?  252 ALA A CB  1 
ATOM 832  N N   . VAL B 2 99  ? 11.696  -0.227  14.580  1.00 78.79  ?  253 VAL A N   1 
ATOM 833  C CA  . VAL B 2 99  ? 12.051  -1.160  13.535  1.00 81.16  ?  253 VAL A CA  1 
ATOM 834  C C   . VAL B 2 99  ? 12.878  -0.384  12.586  1.00 80.47  ?  253 VAL A C   1 
ATOM 835  O O   . VAL B 2 99  ? 13.001  0.848   12.722  1.00 72.71  ?  253 VAL A O   1 
ATOM 836  C CB  . VAL B 2 99  ? 10.827  -1.773  12.793  1.00 87.82  ?  253 VAL A CB  1 
ATOM 837  C CG1 . VAL B 2 99  ? 9.892   -2.450  13.772  1.00 91.95  ?  253 VAL A CG1 1 
ATOM 838  C CG2 . VAL B 2 99  ? 10.067  -0.737  11.964  1.00 91.02  ?  253 VAL A CG2 1 
ATOM 839  N N   . GLU B 2 100 ? 13.435  -1.142  11.645  1.00 88.00  ?  254 GLU A N   1 
ATOM 840  C CA  . GLU B 2 100 ? 14.236  -0.635  10.561  1.00 89.22  ?  254 GLU A CA  1 
ATOM 841  C C   . GLU B 2 100 ? 13.525  -0.978  9.299   1.00 79.97  ?  254 GLU A C   1 
ATOM 842  O O   . GLU B 2 100 ? 13.358  -2.183  9.005   1.00 68.53  ?  254 GLU A O   1 
ATOM 843  C CB  . GLU B 2 100 ? 15.561  -1.349  10.518  1.00 97.26  ?  254 GLU A CB  1 
ATOM 844  C CG  . GLU B 2 100 ? 16.624  -0.909  11.507  1.00 105.03 ?  254 GLU A CG  1 
ATOM 845  C CD  . GLU B 2 100 ? 17.763  -1.887  11.375  1.00 116.75 ?  254 GLU A CD  1 
ATOM 846  O OE1 . GLU B 2 100 ? 18.682  -1.587  10.543  1.00 91.81  ?  254 GLU A OE1 1 
ATOM 847  O OE2 . GLU B 2 100 ? 17.627  -3.006  11.983  1.00 99.89  -1 254 GLU A OE2 1 
ATOM 848  N N   . VAL B 2 101 ? 13.118  0.068   8.568   1.00 76.97  ?  255 VAL A N   1 
ATOM 849  C CA  . VAL B 2 101 ? 12.479  -0.087  7.237   1.00 83.68  ?  255 VAL A CA  1 
ATOM 850  C C   . VAL B 2 101 ? 13.512  -0.324  6.126   1.00 74.41  ?  255 VAL A C   1 
ATOM 851  O O   . VAL B 2 101 ? 14.351  0.544   5.865   1.00 72.24  ?  255 VAL A O   1 
ATOM 852  C CB  . VAL B 2 101 ? 11.649  1.165   6.840   1.00 82.16  ?  255 VAL A CB  1 
ATOM 853  C CG1 . VAL B 2 101 ? 11.119  1.005   5.433   1.00 85.65  ?  255 VAL A CG1 1 
ATOM 854  C CG2 . VAL B 2 101 ? 10.485  1.405   7.787   1.00 77.34  ?  255 VAL A CG2 1 
ATOM 855  N N   . ILE B 2 102 ? 13.435  -1.467  5.454   1.00 74.44  ?  256 ILE A N   1 
ATOM 856  C CA  . ILE B 2 102 ? 14.381  -1.752  4.371   1.00 82.21  ?  256 ILE A CA  1 
ATOM 857  C C   . ILE B 2 102 ? 13.840  -1.674  2.945   1.00 85.17  ?  256 ILE A C   1 
ATOM 858  O O   . ILE B 2 102 ? 14.597  -1.894  1.999   1.00 105.89 ?  256 ILE A O   1 
ATOM 859  C CB  . ILE B 2 102 ? 15.161  -3.073  4.582   1.00 87.50  ?  256 ILE A CB  1 
ATOM 860  C CG1 . ILE B 2 102 ? 14.268  -4.300  4.692   1.00 83.29  ?  256 ILE A CG1 1 
ATOM 861  C CG2 . ILE B 2 102 ? 16.015  -2.969  5.828   1.00 89.48  ?  256 ILE A CG2 1 
ATOM 862  C CD1 . ILE B 2 102 ? 15.079  -5.595  4.766   1.00 86.52  ?  256 ILE A CD1 1 
ATOM 863  N N   . HIS B 2 103 ? 12.570  -1.333  2.772   1.00 81.77  ?  257 HIS A N   1 
ATOM 864  C CA  . HIS B 2 103 ? 11.976  -1.261  1.440   1.00 79.93  ?  257 HIS A CA  1 
ATOM 865  C C   . HIS B 2 103 ? 10.584  -0.675  1.454   1.00 77.91  ?  257 HIS A C   1 
ATOM 866  O O   . HIS B 2 103 ? 9.640   -1.401  1.731   1.00 83.50  ?  257 HIS A O   1 
ATOM 867  C CB  . HIS B 2 103 ? 11.866  -2.648  0.793   1.00 76.41  ?  257 HIS A CB  1 
ATOM 868  C CG  . HIS B 2 103 ? 11.760  -2.593  -0.700  1.00 74.65  ?  257 HIS A CG  1 
ATOM 869  N ND1 . HIS B 2 103 ? 11.581  -3.722  -1.478  1.00 72.62  ?  257 HIS A ND1 1 
ATOM 870  C CD2 . HIS B 2 103 ? 11.854  -1.550  -1.560  1.00 71.67  ?  257 HIS A CD2 1 
ATOM 871  C CE1 . HIS B 2 103 ? 11.570  -3.374  -2.751  1.00 75.48  ?  257 HIS A CE1 1 
ATOM 872  N NE2 . HIS B 2 103 ? 11.725  -2.063  -2.828  1.00 82.51  ?  257 HIS A NE2 1 
ATOM 873  N N   . LYS B 2 104 ? 10.453  0.593   1.069   1.00 76.99  ?  258 LYS A N   1 
ATOM 874  C CA  . LYS B 2 104 ? 9.173   1.328   1.114   1.00 69.52  ?  258 LYS A CA  1 
ATOM 875  C C   . LYS B 2 104 ? 8.288   1.128   -0.118  1.00 71.87  ?  258 LYS A C   1 
ATOM 876  O O   . LYS B 2 104 ? 7.942   2.056   -0.847  1.00 75.74  ?  258 LYS A O   1 
ATOM 877  C CB  . LYS B 2 104 ? 9.432   2.807   1.330   1.00 69.32  ?  258 LYS A CB  1 
ATOM 878  C CG  . LYS B 2 104 ? 10.323  3.061   2.514   1.00 73.67  ?  258 LYS A CG  1 
ATOM 879  C CD  . LYS B 2 104 ? 10.386  4.529   2.850   1.00 81.10  ?  258 LYS A CD  1 
ATOM 880  C CE  . LYS B 2 104 ? 11.687  4.846   3.568   1.00 90.02  ?  258 LYS A CE  1 
ATOM 881  N NZ  . LYS B 2 104 ? 11.508  6.048   4.411   1.00 95.81  ?  258 LYS A NZ  1 
ATOM 882  N N   . LEU B 2 105 ? 7.862   -0.106  -0.289  1.00 78.40  ?  259 LEU A N   1 
ATOM 883  C CA  . LEU B 2 105 ? 7.027   -0.485  -1.384  1.00 74.60  ?  259 LEU A CA  1 
ATOM 884  C C   . LEU B 2 105 ? 5.759   0.390   -1.413  1.00 86.83  ?  259 LEU A C   1 
ATOM 885  O O   . LEU B 2 105 ? 5.232   0.779   -0.372  1.00 82.93  ?  259 LEU A O   1 
ATOM 886  C CB  . LEU B 2 105 ? 6.685   -1.951  -1.232  1.00 80.37  ?  259 LEU A CB  1 
ATOM 887  C CG  . LEU B 2 105 ? 7.866   -2.913  -1.379  1.00 87.78  ?  259 LEU A CG  1 
ATOM 888  C CD1 . LEU B 2 105 ? 7.554   -4.303  -0.830  1.00 96.68  ?  259 LEU A CD1 1 
ATOM 889  C CD2 . LEU B 2 105 ? 8.238   -2.995  -2.856  1.00 94.23  ?  259 LEU A CD2 1 
ATOM 890  N N   . LEU B 2 106 ? 5.304   0.752   -2.613  1.00 96.60  ?  260 LEU A N   1 
ATOM 891  C CA  . LEU B 2 106 ? 4.173   1.673   -2.752  1.00 86.61  ?  260 LEU A CA  1 
ATOM 892  C C   . LEU B 2 106 ? 2.869   1.070   -2.314  1.00 81.89  ?  260 LEU A C   1 
ATOM 893  O O   . LEU B 2 106 ? 2.023   1.795   -1.827  1.00 81.20  ?  260 LEU A O   1 
ATOM 894  C CB  . LEU B 2 106 ? 4.017   2.137   -4.192  1.00 89.80  ?  260 LEU A CB  1 
ATOM 895  C CG  . LEU B 2 106 ? 5.119   3.069   -4.665  1.00 95.11  ?  260 LEU A CG  1 
ATOM 896  C CD1 . LEU B 2 106 ? 4.743   3.527   -6.073  1.00 101.47 ?  260 LEU A CD1 1 
ATOM 897  C CD2 . LEU B 2 106 ? 5.384   4.252   -3.719  1.00 86.84  ?  260 LEU A CD2 1 
ATOM 898  N N   . ASP B 2 107 ? 2.736   -0.247  -2.493  1.00 79.75  ?  261 ASP A N   1 
ATOM 899  C CA  . ASP B 2 107 ? 1.570   -1.042  -2.074  1.00 85.46  ?  261 ASP A CA  1 
ATOM 900  C C   . ASP B 2 107 ? 1.085   -0.931  -0.591  1.00 76.07  ?  261 ASP A C   1 
ATOM 901  O O   . ASP B 2 107 ? 0.024   -1.462  -0.271  1.00 86.24  ?  261 ASP A O   1 
ATOM 902  C CB  . ASP B 2 107 ? 1.772   -2.545  -2.460  1.00 92.25  ?  261 ASP A CB  1 
ATOM 903  C CG  . ASP B 2 107 ? 2.858   -3.251  -1.648  1.00 102.15 ?  261 ASP A CG  1 
ATOM 904  O OD1 . ASP B 2 107 ? 3.723   -2.583  -1.063  1.00 136.18 ?  261 ASP A OD1 1 
ATOM 905  O OD2 . ASP B 2 107 ? 2.870   -4.495  -1.585  1.00 116.79 -1 261 ASP A OD2 1 
ATOM 906  N N   . GLY B 2 108 ? 1.850   -0.265  0.280   1.00 65.07  ?  262 GLY A N   1 
ATOM 907  C CA  . GLY B 2 108 ? 1.527   -0.111  1.698   1.00 71.92  ?  262 GLY A CA  1 
ATOM 908  C C   . GLY B 2 108 ? 2.078   -1.178  2.658   1.00 70.37  ?  262 GLY A C   1 
ATOM 909  O O   . GLY B 2 108 ? 1.989   -1.033  3.884   1.00 76.62  ?  262 GLY A O   1 
ATOM 910  N N   . TRP B 2 109 ? 2.599   -2.257  2.084   1.00 65.96  ?  263 TRP A N   1 
ATOM 911  C CA  . TRP B 2 109 ? 3.198   -3.366  2.789   1.00 68.54  ?  263 TRP A CA  1 
ATOM 912  C C   . TRP B 2 109 ? 4.733   -3.319  2.592   1.00 72.84  ?  263 TRP A C   1 
ATOM 913  O O   . TRP B 2 109 ? 5.302   -3.855  1.594   1.00 73.77  ?  263 TRP A O   1 
ATOM 914  C CB  . TRP B 2 109 ? 2.608   -4.650  2.258   1.00 70.34  ?  263 TRP A CB  1 
ATOM 915  C CG  . TRP B 2 109 ? 1.227   -4.792  2.682   1.00 77.47  ?  263 TRP A CG  1 
ATOM 916  C CD1 . TRP B 2 109 ? 0.108   -4.419  1.992   1.00 90.00  ?  263 TRP A CD1 1 
ATOM 917  C CD2 . TRP B 2 109 ? 0.779   -5.301  3.931   1.00 84.16  ?  263 TRP A CD2 1 
ATOM 918  N NE1 . TRP B 2 109 ? -1.025  -4.688  2.737   1.00 89.45  ?  263 TRP A NE1 1 
ATOM 919  C CE2 . TRP B 2 109 ? -0.636  -5.227  3.932   1.00 73.81  ?  263 TRP A CE2 1 
ATOM 920  C CE3 . TRP B 2 109 ? 1.433   -5.826  5.052   1.00 84.10  ?  263 TRP A CE3 1 
ATOM 921  C CZ2 . TRP B 2 109 ? -1.395  -5.678  4.981   1.00 74.53  ?  263 TRP A CZ2 1 
ATOM 922  C CZ3 . TRP B 2 109 ? 0.667   -6.260  6.114   1.00 79.15  ?  263 TRP A CZ3 1 
ATOM 923  C CH2 . TRP B 2 109 ? -0.735  -6.188  6.065   1.00 79.39  ?  263 TRP A CH2 1 
ATOM 924  N N   . TRP B 2 110 ? 5.348   -2.613  3.538   1.00 65.33  ?  264 TRP A N   1 
ATOM 925  C CA  . TRP B 2 110 ? 6.774   -2.398  3.623   1.00 68.71  ?  264 TRP A CA  1 
ATOM 926  C C   . TRP B 2 110 ? 7.581   -3.603  4.158   1.00 70.96  ?  264 TRP A C   1 
ATOM 927  O O   . TRP B 2 110 ? 7.075   -4.400  4.942   1.00 67.57  ?  264 TRP A O   1 
ATOM 928  C CB  . TRP B 2 110 ? 7.004   -1.185  4.521   1.00 63.89  ?  264 TRP A CB  1 
ATOM 929  C CG  . TRP B 2 110 ? 6.661   0.120   3.891   1.00 66.39  ?  264 TRP A CG  1 
ATOM 930  C CD1 . TRP B 2 110 ? 6.066   0.321   2.685   1.00 71.19  ?  264 TRP A CD1 1 
ATOM 931  C CD2 . TRP B 2 110 ? 6.911   1.417   4.427   1.00 62.90  ?  264 TRP A CD2 1 
ATOM 932  N NE1 . TRP B 2 110 ? 5.953   1.665   2.424   1.00 67.86  ?  264 TRP A NE1 1 
ATOM 933  C CE2 . TRP B 2 110 ? 6.451   2.359   3.485   1.00 68.52  ?  264 TRP A CE2 1 
ATOM 934  C CE3 . TRP B 2 110 ? 7.459   1.876   5.611   1.00 65.33  ?  264 TRP A CE3 1 
ATOM 935  C CZ2 . TRP B 2 110 ? 6.513   3.727   3.700   1.00 69.42  ?  264 TRP A CZ2 1 
ATOM 936  C CZ3 . TRP B 2 110 ? 7.544   3.261   5.822   1.00 70.34  ?  264 TRP A CZ3 1 
ATOM 937  C CH2 . TRP B 2 110 ? 7.061   4.161   4.877   1.00 70.80  ?  264 TRP A CH2 1 
ATOM 938  N N   . VAL B 2 111 ? 8.831   -3.733  3.712   1.00 75.11  ?  265 VAL A N   1 
ATOM 939  C CA  . VAL B 2 111 ? 9.736   -4.720  4.288   1.00 75.89  ?  265 VAL A CA  1 
ATOM 940  C C   . VAL B 2 111 ? 10.477  -4.089  5.440   1.00 75.81  ?  265 VAL A C   1 
ATOM 941  O O   . VAL B 2 111 ? 11.092  -3.043  5.278   1.00 71.02  ?  265 VAL A O   1 
ATOM 942  C CB  . VAL B 2 111 ? 10.762  -5.238  3.306   1.00 71.10  ?  265 VAL A CB  1 
ATOM 943  C CG1 . VAL B 2 111 ? 11.580  -6.341  3.971   1.00 80.23  ?  265 VAL A CG1 1 
ATOM 944  C CG2 . VAL B 2 111 ? 10.076  -5.825  2.097   1.00 68.02  ?  265 VAL A CG2 1 
ATOM 945  N N   . ILE B 2 112 ? 10.420  -4.747  6.599   1.00 81.49  ?  266 ILE A N   1 
ATOM 946  C CA  . ILE B 2 112 ? 11.084  -4.262  7.807   1.00 83.37  ?  266 ILE A CA  1 
ATOM 947  C C   . ILE B 2 112 ? 11.884  -5.344  8.541   1.00 77.32  ?  266 ILE A C   1 
ATOM 948  O O   . ILE B 2 112 ? 11.602  -6.552  8.422   1.00 68.03  ?  266 ILE A O   1 
ATOM 949  C CB  . ILE B 2 112 ? 10.074  -3.623  8.772   1.00 86.64  ?  266 ILE A CB  1 
ATOM 950  C CG1 . ILE B 2 112 ? 9.082   -4.662  9.320   1.00 87.88  ?  266 ILE A CG1 1 
ATOM 951  C CG2 . ILE B 2 112 ? 9.322   -2.494  8.073   1.00 85.56  ?  266 ILE A CG2 1 
ATOM 952  C CD1 . ILE B 2 112 ? 8.590   -4.336  10.708  1.00 81.69  ?  266 ILE A CD1 1 
ATOM 953  N N   . ARG B 2 113 ? 12.878  -4.879  9.289   1.00 72.34  ?  267 ARG A N   1 
ATOM 954  C CA  . ARG B 2 113 ? 13.707  -5.746  10.107  1.00 82.62  ?  267 ARG A CA  1 
ATOM 955  C C   . ARG B 2 113 ? 13.495  -5.249  11.539  1.00 83.24  ?  267 ARG A C   1 
ATOM 956  O O   . ARG B 2 113 ? 13.634  -4.036  11.808  1.00 67.98  ?  267 ARG A O   1 
ATOM 957  C CB  . ARG B 2 113 ? 15.191  -5.664  9.702   1.00 91.16  ?  267 ARG A CB  1 
ATOM 958  C CG  . ARG B 2 113 ? 16.111  -6.802  10.229  1.00 97.34  ?  267 ARG A CG  1 
ATOM 959  C CD  . ARG B 2 113 ? 17.631  -6.619  9.987   1.00 104.09 ?  267 ARG A CD  1 
ATOM 960  N NE  . ARG B 2 113 ? 17.970  -6.210  8.593   1.00 106.54 ?  267 ARG A NE  1 
ATOM 961  C CZ  . ARG B 2 113 ? 18.350  -4.973  8.181   1.00 95.60  ?  267 ARG A CZ  1 
ATOM 962  N NH1 . ARG B 2 113 ? 18.515  -3.897  8.994   1.00 80.78  ?  267 ARG A NH1 1 
ATOM 963  N NH2 . ARG B 2 113 ? 18.593  -4.799  6.900   1.00 98.54  ?  267 ARG A NH2 1 
ATOM 964  N N   . LYS B 2 114 ? 13.084  -6.188  12.407  1.00 75.89  ?  268 LYS A N   1 
ATOM 965  C CA  . LYS B 2 114 ? 13.054  -6.038  13.858  1.00 82.00  ?  268 LYS A CA  1 
ATOM 966  C C   . LYS B 2 114 ? 13.915  -7.136  14.427  1.00 73.92  ?  268 LYS A C   1 
ATOM 967  O O   . LYS B 2 114 ? 13.528  -8.318  14.448  1.00 70.98  ?  268 LYS A O   1 
ATOM 968  C CB  . LYS B 2 114 ? 11.638  -6.163  14.422  1.00 81.16  ?  268 LYS A CB  1 
ATOM 969  C CG  . LYS B 2 114 ? 11.412  -5.318  15.662  1.00 82.08  ?  268 LYS A CG  1 
ATOM 970  C CD  . LYS B 2 114 ? 12.334  -5.698  16.799  1.00 90.55  ?  268 LYS A CD  1 
ATOM 971  C CE  . LYS B 2 114 ? 11.813  -5.203  18.135  1.00 80.61  ?  268 LYS A CE  1 
ATOM 972  N NZ  . LYS B 2 114 ? 12.709  -5.679  19.217  1.00 87.25  ?  268 LYS A NZ  1 
ATOM 973  N N   . ASP B 2 115 ? 15.095  -6.731  14.857  1.00 72.95  ?  269 ASP A N   1 
ATOM 974  C CA  . ASP B 2 115 ? 16.096  -7.677  15.326  1.00 82.59  ?  269 ASP A CA  1 
ATOM 975  C C   . ASP B 2 115 ? 16.182  -8.882  14.379  1.00 76.26  ?  269 ASP A C   1 
ATOM 976  O O   . ASP B 2 115 ? 16.622  -8.734  13.243  1.00 91.26  ?  269 ASP A O   1 
ATOM 977  C CB  . ASP B 2 115 ? 15.842  -8.023  16.813  1.00 78.17  ?  269 ASP A CB  1 
ATOM 978  C CG  . ASP B 2 115 ? 16.166  -6.838  17.752  1.00 81.22  ?  269 ASP A CG  1 
ATOM 979  O OD1 . ASP B 2 115 ? 17.234  -6.209  17.599  1.00 93.58  ?  269 ASP A OD1 1 
ATOM 980  O OD2 . ASP B 2 115 ? 15.369  -6.523  18.648  1.00 89.92  -1 269 ASP A OD2 1 
ATOM 981  N N   . ASP B 2 116 ? 15.686  -10.031 14.784  1.00 75.81  ?  270 ASP A N   1 
ATOM 982  C CA  . ASP B 2 116 ? 15.938  -11.259 14.056  1.00 82.00  ?  270 ASP A CA  1 
ATOM 983  C C   . ASP B 2 116 ? 14.719  -11.748 13.302  1.00 87.25  ?  270 ASP A C   1 
ATOM 984  O O   . ASP B 2 116 ? 14.620  -12.933 12.927  1.00 76.40  ?  270 ASP A O   1 
ATOM 985  C CB  . ASP B 2 116 ? 16.488  -12.313 15.042  1.00 97.95  ?  270 ASP A CB  1 
ATOM 986  C CG  . ASP B 2 116 ? 18.018  -12.268 15.129  1.00 108.20 ?  270 ASP A CG  1 
ATOM 987  O OD1 . ASP B 2 116 ? 18.572  -11.190 15.489  1.00 95.66  ?  270 ASP A OD1 1 
ATOM 988  O OD2 . ASP B 2 116 ? 18.654  -13.298 14.778  1.00 107.24 -1 270 ASP A OD2 1 
ATOM 989  N N   . VAL B 2 117 ? 13.764  -10.846 13.097  1.00 89.69  ?  271 VAL A N   1 
ATOM 990  C CA  . VAL B 2 117 ? 12.614  -11.170 12.275  1.00 91.46  ?  271 VAL A CA  1 
ATOM 991  C C   . VAL B 2 117 ? 12.591  -10.132 11.182  1.00 83.81  ?  271 VAL A C   1 
ATOM 992  O O   . VAL B 2 117 ? 12.725  -8.938  11.458  1.00 84.67  ?  271 VAL A O   1 
ATOM 993  C CB  . VAL B 2 117 ? 11.303  -11.216 13.083  1.00 90.30  ?  271 VAL A CB  1 
ATOM 994  C CG1 . VAL B 2 117 ? 10.143  -11.622 12.193  1.00 83.04  ?  271 VAL A CG1 1 
ATOM 995  C CG2 . VAL B 2 117 ? 11.424  -12.226 14.210  1.00 95.09  ?  271 VAL A CG2 1 
ATOM 996  N N   . THR B 2 118 ? 12.496  -10.590 9.937   1.00 85.95  ?  272 THR A N   1 
ATOM 997  C CA  . THR B 2 118 ? 12.361  -9.661  8.823   1.00 85.41  ?  272 THR A CA  1 
ATOM 998  C C   . THR B 2 118 ? 11.134  -9.982  7.986   1.00 77.43  ?  272 THR A C   1 
ATOM 999  O O   . THR B 2 118 ? 10.835  -11.158 7.700   1.00 73.02  ?  272 THR A O   1 
ATOM 1000 C CB  . THR B 2 118 ? 13.649  -9.599  8.033   1.00 88.87  ?  272 THR A CB  1 
ATOM 1001 O OG1 . THR B 2 118 ? 14.651  -9.085  8.905   1.00 87.26  ?  272 THR A OG1 1 
ATOM 1002 C CG2 . THR B 2 118 ? 13.528  -8.664  6.840   1.00 100.48 ?  272 THR A CG2 1 
ATOM 1003 N N   . GLY B 2 119 ? 10.375  -8.936  7.645   1.00 78.05  ?  273 GLY A N   1 
ATOM 1004 C CA  . GLY B 2 119 ? 9.147   -9.165  6.870   1.00 77.40  ?  273 GLY A CA  1 
ATOM 1005 C C   . GLY B 2 119 ? 8.306   -7.959  6.551   1.00 69.50  ?  273 GLY A C   1 
ATOM 1006 O O   . GLY B 2 119 ? 8.746   -6.816  6.641   1.00 64.18  ?  273 GLY A O   1 
ATOM 1007 N N   . TYR B 2 120 ? 7.070   -8.247  6.190   1.00 65.85  ?  274 TYR A N   1 
ATOM 1008 C CA  . TYR B 2 120 ? 6.168   -7.240  5.711   1.00 70.75  ?  274 TYR A CA  1 
ATOM 1009 C C   . TYR B 2 120 ? 5.345   -6.677  6.865   1.00 75.00  ?  274 TYR A C   1 
ATOM 1010 O O   . TYR B 2 120 ? 4.924   -7.411  7.781   1.00 72.95  ?  274 TYR A O   1 
ATOM 1011 C CB  . TYR B 2 120 ? 5.275   -7.799  4.578   1.00 78.41  ?  274 TYR A CB  1 
ATOM 1012 C CG  . TYR B 2 120 ? 6.055   -8.078  3.334   1.00 79.95  ?  274 TYR A CG  1 
ATOM 1013 C CD1 . TYR B 2 120 ? 6.493   -7.035  2.525   1.00 85.87  ?  274 TYR A CD1 1 
ATOM 1014 C CD2 . TYR B 2 120 ? 6.416   -9.378  2.982   1.00 82.64  ?  274 TYR A CD2 1 
ATOM 1015 C CE1 . TYR B 2 120 ? 7.244   -7.276  1.379   1.00 90.57  ?  274 TYR A CE1 1 
ATOM 1016 C CE2 . TYR B 2 120 ? 7.183   -9.633  1.840   1.00 84.56  ?  274 TYR A CE2 1 
ATOM 1017 C CZ  . TYR B 2 120 ? 7.604   -8.575  1.042   1.00 90.28  ?  274 TYR A CZ  1 
ATOM 1018 O OH  . TYR B 2 120 ? 8.365   -8.789  -0.104  1.00 95.62  ?  274 TYR A OH  1 
ATOM 1019 N N   . PHE B 2 121 ? 5.116   -5.368  6.803   1.00 67.22  ?  275 PHE A N   1 
ATOM 1020 C CA  . PHE B 2 121 ? 4.335   -4.671  7.790   1.00 66.70  ?  275 PHE A CA  1 
ATOM 1021 C C   . PHE B 2 121 ? 3.658   -3.416  7.177   1.00 75.04  ?  275 PHE A C   1 
ATOM 1022 O O   . PHE B 2 121 ? 4.286   -2.724  6.330   1.00 69.62  ?  275 PHE A O   1 
ATOM 1023 C CB  . PHE B 2 121 ? 5.228   -4.266  8.942   1.00 66.43  ?  275 PHE A CB  1 
ATOM 1024 C CG  . PHE B 2 121 ? 4.483   -3.655  10.103  1.00 73.18  ?  275 PHE A CG  1 
ATOM 1025 C CD1 . PHE B 2 121 ? 3.975   -4.464  11.110  1.00 74.18  ?  275 PHE A CD1 1 
ATOM 1026 C CD2 . PHE B 2 121 ? 4.261   -2.287  10.178  1.00 75.24  ?  275 PHE A CD2 1 
ATOM 1027 C CE1 . PHE B 2 121 ? 3.283   -3.934  12.166  1.00 71.02  ?  275 PHE A CE1 1 
ATOM 1028 C CE2 . PHE B 2 121 ? 3.540   -1.745  11.237  1.00 75.40  ?  275 PHE A CE2 1 
ATOM 1029 C CZ  . PHE B 2 121 ? 3.071   -2.570  12.236  1.00 74.87  ?  275 PHE A CZ  1 
ATOM 1030 N N   . PRO B 2 122 ? 2.405   -3.082  7.621   1.00 70.07  ?  276 PRO A N   1 
ATOM 1031 C CA  . PRO B 2 122 ? 1.675   -1.963  7.054   1.00 69.95  ?  276 PRO A CA  1 
ATOM 1032 C C   . PRO B 2 122 ? 2.289   -0.620  7.349   1.00 67.30  ?  276 PRO A C   1 
ATOM 1033 O O   . PRO B 2 122 ? 2.520   -0.293  8.519   1.00 70.20  ?  276 PRO A O   1 
ATOM 1034 C CB  . PRO B 2 122 ? 0.343   -2.042  7.747   1.00 70.86  ?  276 PRO A CB  1 
ATOM 1035 C CG  . PRO B 2 122 ? 0.244   -3.420  8.151   1.00 74.96  ?  276 PRO A CG  1 
ATOM 1036 C CD  . PRO B 2 122 ? 1.593   -3.692  8.667   1.00 72.08  ?  276 PRO A CD  1 
ATOM 1037 N N   . SER B 2 123 ? 2.519   0.147   6.293   1.00 71.21  ?  277 SER A N   1 
ATOM 1038 C CA  . SER B 2 123 ? 3.167   1.448   6.407   1.00 72.85  ?  277 SER A CA  1 
ATOM 1039 C C   . SER B 2 123 ? 2.302   2.399   7.168   1.00 73.72  ?  277 SER A C   1 
ATOM 1040 O O   . SER B 2 123 ? 2.816   3.225   7.917   1.00 75.65  ?  277 SER A O   1 
ATOM 1041 C CB  . SER B 2 123 ? 3.468   2.043   5.035   1.00 73.72  ?  277 SER A CB  1 
ATOM 1042 O OG  . SER B 2 123 ? 2.341   1.971   4.196   1.00 80.07  ?  277 SER A OG  1 
ATOM 1043 N N   . MET B 2 124 ? 0.987   2.280   7.004   1.00 78.12  ?  278 MET A N   1 
ATOM 1044 C CA  . MET B 2 124 ? 0.087   3.130   7.781   1.00 86.77  ?  278 MET A CA  1 
ATOM 1045 C C   . MET B 2 124 ? 0.314   3.029   9.294   1.00 79.82  ?  278 MET A C   1 
ATOM 1046 O O   . MET B 2 124 ? 0.127   4.018   9.986   1.00 82.62  ?  278 MET A O   1 
ATOM 1047 C CB  . MET B 2 124 ? -1.395  2.927   7.418   1.00 85.60  ?  278 MET A CB  1 
ATOM 1048 C CG  . MET B 2 124 ? -2.016  1.584   7.711   1.00 86.97  ?  278 MET A CG  1 
ATOM 1049 S SD  . MET B 2 124 ? -3.816  1.624   7.533   1.00 95.31  ?  278 MET A SD  1 
ATOM 1050 C CE  . MET B 2 124 ? -4.108  2.451   5.982   1.00 88.88  ?  278 MET A CE  1 
ATOM 1051 N N   . TYR B 2 125 ? 0.750   1.866   9.779   1.00 71.84  ?  279 TYR A N   1 
ATOM 1052 C CA  . TYR B 2 125 ? 1.003   1.663   11.196  1.00 78.84  ?  279 TYR A CA  1 
ATOM 1053 C C   . TYR B 2 125 ? 2.415   2.001   11.656  1.00 80.08  ?  279 TYR A C   1 
ATOM 1054 O O   . TYR B 2 125 ? 2.726   1.824   12.845  1.00 78.55  ?  279 TYR A O   1 
ATOM 1055 C CB  . TYR B 2 125 ? 0.567   0.255   11.627  1.00 75.03  ?  279 TYR A CB  1 
ATOM 1056 C CG  . TYR B 2 125 ? -0.931  -0.033  11.426  1.00 74.95  ?  279 TYR A CG  1 
ATOM 1057 C CD1 . TYR B 2 125 ? -1.897  0.968   11.523  1.00 76.15  ?  279 TYR A CD1 1 
ATOM 1058 C CD2 . TYR B 2 125 ? -1.384  -1.308  11.185  1.00 77.88  ?  279 TYR A CD2 1 
ATOM 1059 C CE1 . TYR B 2 125 ? -3.243  0.701   11.352  1.00 73.37  ?  279 TYR A CE1 1 
ATOM 1060 C CE2 . TYR B 2 125 ? -2.741  -1.574  11.018  1.00 81.91  ?  279 TYR A CE2 1 
ATOM 1061 C CZ  . TYR B 2 125 ? -3.667  -0.560  11.102  1.00 77.43  ?  279 TYR A CZ  1 
ATOM 1062 O OH  . TYR B 2 125 ? -5.027  -0.807  10.949  1.00 85.58  ?  279 TYR A OH  1 
ATOM 1063 N N   . LEU B 2 126 ? 3.222   2.583   10.764  1.00 75.42  ?  280 LEU A N   1 
ATOM 1064 C CA  . LEU B 2 126 ? 4.569   3.065   11.112  1.00 79.13  ?  280 LEU A CA  1 
ATOM 1065 C C   . LEU B 2 126 ? 4.738   4.569   11.019  1.00 73.22  ?  280 LEU A C   1 
ATOM 1066 O O   . LEU B 2 126 ? 4.022   5.228   10.271  1.00 79.86  ?  280 LEU A O   1 
ATOM 1067 C CB  . LEU B 2 126 ? 5.591   2.464   10.152  1.00 79.21  ?  280 LEU A CB  1 
ATOM 1068 C CG  . LEU B 2 126 ? 5.869   0.976   10.264  1.00 80.21  ?  280 LEU A CG  1 
ATOM 1069 C CD1 . LEU B 2 126 ? 6.675   0.556   9.035   1.00 73.33  ?  280 LEU A CD1 1 
ATOM 1070 C CD2 . LEU B 2 126 ? 6.579   0.640   11.586  1.00 79.63  ?  280 LEU A CD2 1 
ATOM 1071 N N   . GLN B 2 127 ? 5.770   5.057   11.711  1.00 81.57  ?  281 GLN A N   1 
ATOM 1072 C CA  . GLN B 2 127 ? 6.213   6.454   11.710  1.00 85.04  ?  281 GLN A CA  1 
ATOM 1073 C C   . GLN B 2 127 ? 7.748   6.635   11.859  1.00 91.57  ?  281 GLN A C   1 
ATOM 1074 O O   . GLN B 2 127 ? 8.416   5.807   12.504  1.00 88.79  ?  281 GLN A O   1 
ATOM 1075 C CB  . GLN B 2 127 ? 5.544   7.105   12.884  1.00 85.16  ?  281 GLN A CB  1 
ATOM 1076 C CG  . GLN B 2 127 ? 5.534   8.608   12.828  1.00 99.84  ?  281 GLN A CG  1 
ATOM 1077 C CD  . GLN B 2 127 ? 4.933   9.162   14.091  1.00 100.18 ?  281 GLN A CD  1 
ATOM 1078 O OE1 . GLN B 2 127 ? 5.412   8.845   15.174  1.00 109.96 ?  281 GLN A OE1 1 
ATOM 1079 N NE2 . GLN B 2 127 ? 3.874   9.963   13.975  1.00 103.93 ?  281 GLN A NE2 1 
ATOM 1080 N N   . LYS B 2 128 ? 8.302   7.703   11.270  1.00 98.84  ?  282 LYS A N   1 
ATOM 1081 C CA  . LYS B 2 128 ? 9.754   8.043   11.395  1.00 104.74 ?  282 LYS A CA  1 
ATOM 1082 C C   . LYS B 2 128 ? 10.217  8.375   12.829  1.00 106.43 ?  282 LYS A C   1 
ATOM 1083 O O   . LYS B 2 128 ? 9.405   8.500   13.726  1.00 104.59 ?  282 LYS A O   1 
ATOM 1084 C CB  . LYS B 2 128 ? 10.094  9.277   10.545  1.00 109.36 ?  282 LYS A CB  1 
ATOM 1085 C CG  . LYS B 2 128 ? 10.161  9.114   9.037   1.00 118.51 ?  282 LYS A CG  1 
ATOM 1086 C CD  . LYS B 2 128 ? 10.170  10.516  8.420   1.00 130.73 ?  282 LYS A CD  1 
ATOM 1087 C CE  . LYS B 2 128 ? 10.247  10.522  6.903   1.00 134.52 ?  282 LYS A CE  1 
ATOM 1088 N NZ  . LYS B 2 128 ? 11.655  10.421  6.464   1.00 136.65 ?  282 LYS A NZ  1 
ATOM 1089 N N   . SER B 2 129 ? 11.522  8.578   13.027  1.00 117.18 ?  283 SER A N   1 
ATOM 1090 C CA  . SER B 2 129 ? 12.044  9.041   14.317  1.00 114.81 ?  283 SER A CA  1 
ATOM 1091 C C   . SER B 2 129 ? 13.162  10.106  14.139  1.00 98.43  ?  283 SER A C   1 
ATOM 1092 C CB  . SER B 2 129 ? 12.525  7.810   15.082  1.00 117.48 ?  283 SER A CB  1 
ATOM 1093 O OG  . SER B 2 129 ? 11.941  6.622   14.555  1.00 100.61 ?  283 SER A OG  1 
# 
